data_3NCM
#
_entry.id   3NCM
#
_cell.length_a   1.000
_cell.length_b   1.000
_cell.length_c   1.000
_cell.angle_alpha   90.00
_cell.angle_beta   90.00
_cell.angle_gamma   90.00
#
_symmetry.space_group_name_H-M   'P 1'
#
_entity_poly.entity_id   1
_entity_poly.type   'polypeptide(L)'
_entity_poly.pdbx_seq_one_letter_code
;YVMFKNAPTPQEFKEGEDAVIVCDVVSSLPPTIIWKHKGRDVILKKDVRFIVLSNNYLQIRGIKKTDEGTYRCEGRILAR
GEINFKDIQVIV
;
_entity_poly.pdbx_strand_id   A
#
# COMPACT_ATOMS: atom_id res chain seq x y z
N TYR A 1 14.70 -7.76 -9.50
CA TYR A 1 13.42 -8.52 -9.60
C TYR A 1 12.35 -7.94 -8.66
N VAL A 2 11.23 -8.63 -8.51
CA VAL A 2 10.14 -8.15 -7.61
C VAL A 2 9.43 -9.36 -7.00
N MET A 3 9.65 -9.60 -5.72
CA MET A 3 8.99 -10.78 -5.04
C MET A 3 8.01 -10.27 -3.97
N PHE A 4 6.73 -10.56 -4.15
CA PHE A 4 5.69 -10.10 -3.17
C PHE A 4 5.73 -10.96 -1.91
N LYS A 5 6.08 -10.34 -0.79
CA LYS A 5 6.16 -11.08 0.51
C LYS A 5 5.33 -10.40 1.61
N ASN A 6 5.07 -11.14 2.67
CA ASN A 6 4.28 -10.66 3.87
C ASN A 6 3.18 -9.63 3.53
N ALA A 7 2.08 -10.10 2.99
CA ALA A 7 0.97 -9.17 2.61
C ALA A 7 -0.40 -9.83 2.84
N PRO A 8 -0.88 -9.87 4.09
CA PRO A 8 -2.22 -10.46 4.38
C PRO A 8 -3.29 -9.60 3.69
N THR A 9 -3.84 -10.06 2.60
CA THR A 9 -4.85 -9.26 1.82
C THR A 9 -6.01 -8.71 2.71
N PRO A 10 -6.94 -9.52 3.24
CA PRO A 10 -8.00 -8.94 4.12
C PRO A 10 -7.44 -8.51 5.51
N GLN A 11 -7.11 -7.24 5.69
CA GLN A 11 -6.60 -6.78 7.03
C GLN A 11 -7.71 -6.06 7.81
N GLU A 12 -7.42 -5.64 9.03
CA GLU A 12 -8.47 -4.94 9.85
C GLU A 12 -7.83 -4.08 10.96
N PHE A 13 -8.16 -2.80 11.00
CA PHE A 13 -7.61 -1.89 12.06
C PHE A 13 -8.76 -1.24 12.85
N LYS A 14 -8.46 -0.28 13.69
CA LYS A 14 -9.52 0.40 14.50
C LYS A 14 -9.86 1.80 13.95
N GLU A 15 -11.12 2.17 14.02
CA GLU A 15 -11.58 3.52 13.52
C GLU A 15 -10.86 4.66 14.28
N GLY A 16 -10.21 5.53 13.56
CA GLY A 16 -9.48 6.68 14.19
C GLY A 16 -8.13 6.20 14.76
N GLU A 17 -7.58 5.10 14.28
CA GLU A 17 -6.27 4.62 14.81
C GLU A 17 -5.16 4.78 13.76
N ASP A 18 -3.91 4.69 14.17
CA ASP A 18 -2.79 4.80 13.19
C ASP A 18 -2.61 3.42 12.56
N ALA A 19 -3.16 3.22 11.39
CA ALA A 19 -3.07 1.88 10.74
C ALA A 19 -1.97 1.82 9.69
N VAL A 20 -1.63 0.63 9.27
CA VAL A 20 -0.60 0.42 8.22
C VAL A 20 -1.09 -0.69 7.30
N ILE A 21 -0.91 -0.56 6.01
CA ILE A 21 -1.35 -1.66 5.11
C ILE A 21 -0.15 -2.53 4.85
N VAL A 22 -0.22 -3.78 5.31
CA VAL A 22 0.94 -4.71 5.19
C VAL A 22 1.05 -5.24 3.76
N CYS A 23 2.16 -4.94 3.12
CA CYS A 23 2.38 -5.40 1.72
C CYS A 23 3.90 -5.35 1.43
N ASP A 24 4.61 -6.41 1.75
CA ASP A 24 6.10 -6.40 1.51
C ASP A 24 6.38 -6.86 0.09
N VAL A 25 7.35 -6.26 -0.53
CA VAL A 25 7.72 -6.66 -1.93
C VAL A 25 9.22 -6.46 -2.12
N VAL A 26 9.91 -7.47 -2.61
CA VAL A 26 11.38 -7.32 -2.82
C VAL A 26 11.62 -6.86 -4.26
N SER A 27 11.42 -5.57 -4.50
CA SER A 27 11.66 -5.02 -5.86
C SER A 27 13.17 -4.82 -6.01
N SER A 28 13.67 -4.63 -7.21
CA SER A 28 15.16 -4.44 -7.43
C SER A 28 15.79 -3.50 -6.37
N LEU A 29 15.66 -2.19 -6.50
CA LEU A 29 16.21 -1.25 -5.43
C LEU A 29 15.76 0.22 -5.67
N PRO A 30 16.13 0.87 -6.79
CA PRO A 30 15.69 2.29 -7.00
C PRO A 30 14.14 2.44 -7.07
N PRO A 31 13.44 1.67 -7.93
CA PRO A 31 11.95 1.82 -8.05
C PRO A 31 11.23 1.48 -6.73
N THR A 32 9.93 1.23 -6.80
CA THR A 32 9.13 0.91 -5.53
C THR A 32 7.71 0.42 -5.90
N ILE A 33 6.83 0.39 -4.91
CA ILE A 33 5.42 -0.06 -5.15
C ILE A 33 4.50 1.18 -5.25
N ILE A 34 3.31 0.99 -5.79
CA ILE A 34 2.35 2.13 -5.91
C ILE A 34 1.03 1.72 -5.23
N TRP A 35 0.54 2.53 -4.33
CA TRP A 35 -0.74 2.20 -3.63
C TRP A 35 -1.91 2.81 -4.40
N LYS A 36 -2.73 1.98 -5.02
CA LYS A 36 -3.89 2.50 -5.83
C LYS A 36 -5.22 2.10 -5.16
N HIS A 37 -6.34 2.45 -5.79
CA HIS A 37 -7.71 2.14 -5.23
C HIS A 37 -7.91 2.87 -3.90
N LYS A 38 -9.16 3.21 -3.57
CA LYS A 38 -9.48 3.95 -2.29
C LYS A 38 -8.63 5.23 -2.19
N GLY A 39 -8.54 5.96 -3.28
CA GLY A 39 -7.72 7.21 -3.27
C GLY A 39 -7.13 7.50 -4.67
N ARG A 40 -7.08 6.51 -5.56
CA ARG A 40 -6.51 6.70 -6.94
C ARG A 40 -5.06 7.22 -6.84
N ASP A 41 -4.10 6.31 -6.77
CA ASP A 41 -2.63 6.70 -6.64
C ASP A 41 -2.44 7.63 -5.43
N VAL A 42 -2.28 7.06 -4.25
CA VAL A 42 -2.10 7.90 -3.01
C VAL A 42 -0.73 8.62 -3.04
N ILE A 43 0.27 7.98 -3.63
CA ILE A 43 1.65 8.59 -3.72
C ILE A 43 1.64 9.96 -4.43
N LEU A 44 0.61 10.26 -5.19
CA LEU A 44 0.56 11.58 -5.91
C LEU A 44 -0.17 12.65 -5.10
N LYS A 45 -1.00 12.25 -4.14
CA LYS A 45 -1.73 13.26 -3.30
C LYS A 45 -1.00 13.44 -1.97
N LYS A 46 -0.47 12.36 -1.41
CA LYS A 46 0.26 12.40 -0.10
C LYS A 46 -0.53 13.18 0.98
N ASP A 47 -1.76 12.76 1.22
CA ASP A 47 -2.64 13.45 2.25
C ASP A 47 -1.92 13.53 3.61
N VAL A 48 -2.48 14.25 4.55
CA VAL A 48 -1.84 14.40 5.90
C VAL A 48 -1.82 13.06 6.66
N ARG A 49 -2.67 12.11 6.28
CA ARG A 49 -2.71 10.79 6.99
C ARG A 49 -2.28 9.62 6.07
N PHE A 50 -1.19 9.78 5.34
CA PHE A 50 -0.68 8.67 4.46
C PHE A 50 0.86 8.73 4.44
N ILE A 51 1.50 7.82 5.12
CA ILE A 51 3.00 7.79 5.17
C ILE A 51 3.50 6.40 4.75
N VAL A 52 3.97 6.27 3.52
CA VAL A 52 4.48 4.93 3.05
C VAL A 52 5.83 4.67 3.73
N LEU A 53 5.99 3.50 4.34
CA LEU A 53 7.27 3.18 5.06
C LEU A 53 8.36 2.66 4.10
N SER A 54 9.58 2.59 4.60
CA SER A 54 10.72 2.08 3.76
C SER A 54 10.48 0.61 3.34
N ASN A 55 9.66 -0.11 4.07
CA ASN A 55 9.36 -1.54 3.70
C ASN A 55 8.13 -1.64 2.76
N ASN A 56 7.75 -0.54 2.10
CA ASN A 56 6.59 -0.53 1.13
C ASN A 56 5.23 -0.76 1.82
N TYR A 57 5.06 -0.29 3.03
CA TYR A 57 3.74 -0.43 3.74
C TYR A 57 3.02 0.92 3.68
N LEU A 58 1.74 0.99 3.98
CA LEU A 58 1.01 2.32 3.92
C LEU A 58 0.45 2.71 5.29
N GLN A 59 1.17 3.54 6.03
CA GLN A 59 0.68 3.99 7.37
C GLN A 59 -0.41 5.05 7.23
N ILE A 60 -1.66 4.64 7.26
CA ILE A 60 -2.78 5.62 7.18
C ILE A 60 -3.07 6.10 8.60
N ARG A 61 -2.94 7.38 8.86
CA ARG A 61 -3.17 7.91 10.25
C ARG A 61 -4.67 8.08 10.51
N GLY A 62 -5.18 7.35 11.47
CA GLY A 62 -6.62 7.45 11.83
C GLY A 62 -7.44 6.34 11.16
N ILE A 63 -7.13 6.02 9.91
CA ILE A 63 -7.86 4.95 9.13
C ILE A 63 -9.40 5.01 9.33
N LYS A 64 -10.03 6.00 8.72
CA LYS A 64 -11.52 6.18 8.87
C LYS A 64 -12.29 4.95 8.35
N LYS A 65 -13.45 4.70 8.91
CA LYS A 65 -14.29 3.53 8.46
C LYS A 65 -14.71 3.69 6.99
N THR A 66 -14.64 4.89 6.44
CA THR A 66 -15.03 5.10 5.01
C THR A 66 -13.82 4.88 4.07
N ASP A 67 -12.60 4.87 4.59
CA ASP A 67 -11.41 4.67 3.72
C ASP A 67 -11.01 3.18 3.64
N GLU A 68 -11.88 2.27 4.04
CA GLU A 68 -11.54 0.82 3.97
C GLU A 68 -12.14 0.22 2.67
N GLY A 69 -11.64 -0.92 2.25
CA GLY A 69 -12.16 -1.57 1.01
C GLY A 69 -11.08 -2.45 0.41
N THR A 70 -10.37 -1.97 -0.59
CA THR A 70 -9.30 -2.80 -1.22
C THR A 70 -8.18 -1.94 -1.80
N TYR A 71 -7.08 -1.84 -1.09
CA TYR A 71 -5.90 -1.05 -1.61
C TYR A 71 -5.12 -1.96 -2.56
N ARG A 72 -4.78 -1.48 -3.73
CA ARG A 72 -4.02 -2.33 -4.71
C ARG A 72 -2.53 -2.05 -4.65
N CYS A 73 -1.74 -3.04 -4.28
CA CYS A 73 -0.25 -2.87 -4.24
C CYS A 73 0.25 -3.01 -5.67
N GLU A 74 1.06 -2.08 -6.15
CA GLU A 74 1.59 -2.18 -7.55
C GLU A 74 3.12 -2.05 -7.56
N GLY A 75 3.82 -3.17 -7.40
CA GLY A 75 5.32 -3.15 -7.42
C GLY A 75 5.78 -2.76 -8.83
N ARG A 76 6.35 -1.58 -9.00
CA ARG A 76 6.76 -1.14 -10.38
C ARG A 76 8.24 -0.75 -10.47
N ILE A 77 8.84 -1.12 -11.60
CA ILE A 77 10.27 -0.78 -11.90
C ILE A 77 10.31 0.04 -13.19
N LEU A 78 11.07 1.13 -13.20
CA LEU A 78 11.17 1.99 -14.41
C LEU A 78 12.37 1.57 -15.28
N ALA A 79 13.46 1.16 -14.66
CA ALA A 79 14.68 0.72 -15.44
C ALA A 79 14.32 -0.53 -16.26
N ARG A 80 13.83 -1.55 -15.58
CA ARG A 80 13.41 -2.80 -16.28
C ARG A 80 11.87 -2.84 -16.25
N GLY A 81 11.25 -1.87 -16.91
CA GLY A 81 9.72 -1.69 -16.99
C GLY A 81 8.90 -2.90 -16.52
N GLU A 82 8.74 -3.04 -15.22
CA GLU A 82 7.96 -4.18 -14.65
C GLU A 82 6.73 -3.65 -13.91
N ILE A 83 5.62 -4.36 -14.00
CA ILE A 83 4.36 -3.89 -13.31
C ILE A 83 3.65 -5.06 -12.59
N ASN A 84 4.11 -5.41 -11.40
CA ASN A 84 3.47 -6.51 -10.60
C ASN A 84 2.50 -5.88 -9.60
N PHE A 85 1.48 -6.61 -9.17
CA PHE A 85 0.49 -6.03 -8.20
C PHE A 85 -0.45 -7.10 -7.59
N LYS A 86 -1.30 -6.68 -6.66
CA LYS A 86 -2.28 -7.61 -6.01
C LYS A 86 -3.30 -6.77 -5.21
N ASP A 87 -4.49 -7.30 -4.98
CA ASP A 87 -5.54 -6.52 -4.23
C ASP A 87 -5.51 -6.84 -2.71
N ILE A 88 -5.29 -5.83 -1.91
CA ILE A 88 -5.24 -6.00 -0.41
C ILE A 88 -6.54 -5.41 0.17
N GLN A 89 -7.32 -6.23 0.83
CA GLN A 89 -8.62 -5.74 1.43
C GLN A 89 -8.36 -5.14 2.80
N VAL A 90 -8.88 -3.95 3.05
CA VAL A 90 -8.67 -3.30 4.38
C VAL A 90 -10.02 -2.98 5.00
N ILE A 91 -10.23 -3.38 6.24
CA ILE A 91 -11.54 -3.09 6.93
C ILE A 91 -11.27 -2.27 8.21
N VAL A 92 -12.13 -1.33 8.52
CA VAL A 92 -11.94 -0.50 9.76
C VAL A 92 -13.26 0.18 10.15
N TYR A 1 14.41 -8.23 -9.78
CA TYR A 1 13.04 -8.84 -9.64
C TYR A 1 12.20 -8.10 -8.59
N VAL A 2 11.00 -8.59 -8.36
CA VAL A 2 10.08 -7.97 -7.36
C VAL A 2 9.33 -9.10 -6.65
N MET A 3 9.80 -9.51 -5.50
CA MET A 3 9.13 -10.66 -4.77
C MET A 3 8.16 -10.14 -3.72
N PHE A 4 6.88 -10.38 -3.92
CA PHE A 4 5.83 -9.92 -2.95
C PHE A 4 5.90 -10.76 -1.67
N LYS A 5 6.25 -10.14 -0.56
CA LYS A 5 6.35 -10.86 0.74
C LYS A 5 5.48 -10.19 1.81
N ASN A 6 5.12 -10.93 2.83
CA ASN A 6 4.25 -10.43 3.97
C ASN A 6 3.12 -9.49 3.47
N ALA A 7 2.14 -10.04 2.79
CA ALA A 7 1.03 -9.20 2.25
C ALA A 7 -0.36 -9.83 2.54
N PRO A 8 -0.80 -9.81 3.81
CA PRO A 8 -2.14 -10.37 4.15
C PRO A 8 -3.22 -9.53 3.46
N THR A 9 -3.77 -10.03 2.36
CA THR A 9 -4.80 -9.24 1.59
C THR A 9 -5.99 -8.80 2.49
N PRO A 10 -6.87 -9.68 3.01
CA PRO A 10 -7.97 -9.20 3.88
C PRO A 10 -7.45 -8.76 5.27
N GLN A 11 -7.08 -7.50 5.46
CA GLN A 11 -6.59 -7.03 6.80
C GLN A 11 -7.71 -6.28 7.55
N GLU A 12 -7.47 -5.91 8.79
CA GLU A 12 -8.50 -5.18 9.58
C GLU A 12 -7.86 -4.39 10.72
N PHE A 13 -8.08 -3.08 10.76
CA PHE A 13 -7.50 -2.22 11.85
C PHE A 13 -8.62 -1.58 12.70
N LYS A 14 -8.28 -0.65 13.56
CA LYS A 14 -9.29 0.00 14.45
C LYS A 14 -9.66 1.41 13.95
N GLU A 15 -10.94 1.76 14.04
CA GLU A 15 -11.42 3.11 13.59
C GLU A 15 -10.76 4.23 14.40
N GLY A 16 -10.16 5.18 13.72
CA GLY A 16 -9.48 6.31 14.41
C GLY A 16 -8.11 5.87 14.95
N GLU A 17 -7.53 4.81 14.42
CA GLU A 17 -6.19 4.33 14.92
C GLU A 17 -5.09 4.57 13.88
N ASP A 18 -3.85 4.55 14.30
CA ASP A 18 -2.72 4.71 13.32
C ASP A 18 -2.53 3.34 12.67
N ALA A 19 -3.13 3.13 11.52
CA ALA A 19 -3.04 1.80 10.84
C ALA A 19 -1.92 1.76 9.82
N VAL A 20 -1.63 0.57 9.32
CA VAL A 20 -0.58 0.38 8.27
C VAL A 20 -1.08 -0.71 7.34
N ILE A 21 -0.86 -0.58 6.04
CA ILE A 21 -1.31 -1.66 5.12
C ILE A 21 -0.12 -2.55 4.88
N VAL A 22 -0.21 -3.78 5.34
CA VAL A 22 0.93 -4.74 5.23
C VAL A 22 1.08 -5.26 3.80
N CYS A 23 2.20 -4.97 3.19
CA CYS A 23 2.48 -5.43 1.79
C CYS A 23 3.98 -5.31 1.52
N ASP A 24 4.75 -6.29 1.98
CA ASP A 24 6.23 -6.22 1.76
C ASP A 24 6.56 -6.67 0.35
N VAL A 25 7.57 -6.10 -0.24
CA VAL A 25 7.97 -6.49 -1.63
C VAL A 25 9.49 -6.31 -1.79
N VAL A 26 10.15 -7.28 -2.36
CA VAL A 26 11.63 -7.20 -2.55
C VAL A 26 11.89 -6.66 -3.96
N SER A 27 11.95 -5.35 -4.11
CA SER A 27 12.22 -4.74 -5.44
C SER A 27 13.73 -4.61 -5.64
N SER A 28 14.20 -4.88 -6.83
CA SER A 28 15.68 -4.84 -7.09
C SER A 28 16.17 -3.53 -7.73
N LEU A 29 15.51 -2.40 -7.45
CA LEU A 29 15.96 -1.10 -8.07
C LEU A 29 15.39 0.12 -7.27
N PRO A 30 15.85 1.35 -7.58
CA PRO A 30 15.38 2.57 -6.85
C PRO A 30 13.82 2.71 -6.75
N PRO A 31 13.06 2.53 -7.86
CA PRO A 31 11.56 2.64 -7.79
C PRO A 31 10.94 1.74 -6.68
N THR A 32 9.61 1.59 -6.64
CA THR A 32 8.98 0.78 -5.53
C THR A 32 7.48 0.49 -5.80
N ILE A 33 6.70 0.24 -4.74
CA ILE A 33 5.25 -0.07 -4.90
C ILE A 33 4.38 1.21 -4.90
N ILE A 34 3.34 1.23 -5.70
CA ILE A 34 2.40 2.39 -5.72
C ILE A 34 1.09 1.92 -5.09
N TRP A 35 0.57 2.68 -4.15
CA TRP A 35 -0.71 2.29 -3.47
C TRP A 35 -1.89 2.89 -4.24
N LYS A 36 -2.67 2.06 -4.91
CA LYS A 36 -3.83 2.58 -5.71
C LYS A 36 -5.17 2.19 -5.06
N HIS A 37 -6.26 2.41 -5.78
CA HIS A 37 -7.64 2.09 -5.26
C HIS A 37 -7.97 2.95 -4.03
N LYS A 38 -9.24 3.03 -3.66
CA LYS A 38 -9.75 3.87 -2.49
C LYS A 38 -9.78 5.37 -2.88
N GLY A 39 -8.70 5.90 -3.40
CA GLY A 39 -8.67 7.35 -3.79
C GLY A 39 -7.80 7.52 -5.05
N ARG A 40 -7.74 6.50 -5.91
CA ARG A 40 -6.92 6.58 -7.18
C ARG A 40 -5.47 7.04 -6.90
N ASP A 41 -4.58 6.09 -6.62
CA ASP A 41 -3.13 6.41 -6.32
C ASP A 41 -3.01 7.40 -5.14
N VAL A 42 -2.61 6.92 -3.99
CA VAL A 42 -2.49 7.82 -2.78
C VAL A 42 -1.22 8.68 -2.87
N ILE A 43 -0.16 8.16 -3.49
CA ILE A 43 1.14 8.94 -3.62
C ILE A 43 0.93 10.27 -4.38
N LEU A 44 -0.16 10.43 -5.09
CA LEU A 44 -0.39 11.71 -5.84
C LEU A 44 -1.14 12.72 -4.96
N LYS A 45 -1.89 12.25 -3.98
CA LYS A 45 -2.63 13.18 -3.07
C LYS A 45 -1.84 13.37 -1.77
N LYS A 46 -1.23 12.29 -1.27
CA LYS A 46 -0.41 12.35 0.00
C LYS A 46 -1.15 13.10 1.13
N ASP A 47 -2.35 12.66 1.46
CA ASP A 47 -3.16 13.31 2.54
C ASP A 47 -2.35 13.45 3.84
N VAL A 48 -2.85 14.19 4.81
CA VAL A 48 -2.11 14.38 6.11
C VAL A 48 -1.94 13.05 6.87
N ARG A 49 -2.77 12.06 6.59
CA ARG A 49 -2.67 10.75 7.30
C ARG A 49 -2.25 9.61 6.35
N PHE A 50 -1.21 9.82 5.57
CA PHE A 50 -0.72 8.74 4.64
C PHE A 50 0.81 8.81 4.53
N ILE A 51 1.50 7.91 5.20
CA ILE A 51 3.00 7.89 5.14
C ILE A 51 3.46 6.47 4.76
N VAL A 52 4.07 6.31 3.61
CA VAL A 52 4.53 4.94 3.18
C VAL A 52 5.86 4.63 3.87
N LEU A 53 6.11 3.38 4.20
CA LEU A 53 7.37 2.99 4.90
C LEU A 53 8.39 2.36 3.94
N SER A 54 9.64 2.30 4.35
CA SER A 54 10.72 1.68 3.49
C SER A 54 10.42 0.20 3.17
N ASN A 55 9.58 -0.44 3.96
CA ASN A 55 9.24 -1.88 3.70
C ASN A 55 8.01 -2.02 2.80
N ASN A 56 7.61 -0.97 2.09
CA ASN A 56 6.41 -1.01 1.14
C ASN A 56 5.08 -1.10 1.91
N TYR A 57 5.02 -0.57 3.12
CA TYR A 57 3.75 -0.59 3.91
C TYR A 57 3.11 0.80 3.85
N LEU A 58 1.82 0.91 4.11
CA LEU A 58 1.16 2.27 4.04
C LEU A 58 0.54 2.67 5.38
N GLN A 59 1.23 3.51 6.13
CA GLN A 59 0.69 3.97 7.46
C GLN A 59 -0.43 4.99 7.29
N ILE A 60 -1.65 4.57 7.47
CA ILE A 60 -2.81 5.52 7.37
C ILE A 60 -3.14 6.00 8.78
N ARG A 61 -2.94 7.26 9.07
CA ARG A 61 -3.19 7.79 10.45
C ARG A 61 -4.70 7.92 10.72
N GLY A 62 -5.19 7.15 11.66
CA GLY A 62 -6.63 7.21 12.03
C GLY A 62 -7.43 6.12 11.33
N ILE A 63 -7.12 5.83 10.08
CA ILE A 63 -7.86 4.78 9.26
C ILE A 63 -9.40 4.86 9.47
N LYS A 64 -10.01 5.88 8.91
CA LYS A 64 -11.49 6.10 9.07
C LYS A 64 -12.31 4.98 8.43
N LYS A 65 -13.54 4.81 8.87
CA LYS A 65 -14.45 3.76 8.30
C LYS A 65 -14.71 4.00 6.80
N THR A 66 -14.56 5.23 6.34
CA THR A 66 -14.79 5.55 4.89
C THR A 66 -13.52 5.25 4.06
N ASP A 67 -12.37 5.11 4.70
CA ASP A 67 -11.10 4.82 3.96
C ASP A 67 -10.90 3.31 3.79
N GLU A 68 -11.56 2.47 4.59
CA GLU A 68 -11.39 0.99 4.45
C GLU A 68 -11.99 0.51 3.11
N GLY A 69 -11.45 -0.55 2.55
CA GLY A 69 -11.96 -1.08 1.25
C GLY A 69 -10.95 -2.08 0.67
N THR A 70 -10.31 -1.73 -0.43
CA THR A 70 -9.28 -2.63 -1.03
C THR A 70 -8.15 -1.80 -1.64
N TYR A 71 -7.04 -1.72 -0.94
CA TYR A 71 -5.87 -0.95 -1.48
C TYR A 71 -5.09 -1.83 -2.45
N ARG A 72 -4.74 -1.31 -3.61
CA ARG A 72 -4.00 -2.14 -4.61
C ARG A 72 -2.49 -1.95 -4.48
N CYS A 73 -1.78 -3.00 -4.17
CA CYS A 73 -0.28 -2.93 -4.06
C CYS A 73 0.26 -3.01 -5.48
N GLU A 74 1.00 -2.01 -5.94
CA GLU A 74 1.55 -2.05 -7.34
C GLU A 74 3.08 -1.95 -7.34
N GLY A 75 3.76 -3.07 -7.11
CA GLY A 75 5.26 -3.09 -7.09
C GLY A 75 5.77 -2.67 -8.48
N ARG A 76 6.20 -1.43 -8.61
CA ARG A 76 6.65 -0.93 -9.95
C ARG A 76 8.13 -0.54 -9.97
N ILE A 77 8.83 -1.08 -10.96
CA ILE A 77 10.27 -0.80 -11.19
C ILE A 77 10.45 -0.59 -12.71
N LEU A 78 10.90 0.58 -13.11
CA LEU A 78 11.08 0.87 -14.57
C LEU A 78 12.49 0.52 -15.05
N ALA A 79 12.92 -0.70 -14.78
CA ALA A 79 14.27 -1.16 -15.23
C ALA A 79 14.25 -2.68 -15.43
N ARG A 80 13.95 -3.41 -14.38
CA ARG A 80 13.90 -4.91 -14.47
C ARG A 80 12.65 -5.43 -13.75
N GLY A 81 12.36 -4.90 -12.58
CA GLY A 81 11.18 -5.35 -11.79
C GLY A 81 9.86 -5.06 -12.52
N GLU A 82 9.85 -4.17 -13.51
CA GLU A 82 8.59 -3.82 -14.29
C GLU A 82 7.36 -3.59 -13.37
N ILE A 83 6.16 -3.88 -13.85
CA ILE A 83 4.92 -3.62 -13.03
C ILE A 83 4.29 -4.90 -12.46
N ASN A 84 4.35 -5.05 -11.14
CA ASN A 84 3.72 -6.23 -10.45
C ASN A 84 2.66 -5.67 -9.50
N PHE A 85 1.59 -6.40 -9.21
CA PHE A 85 0.55 -5.84 -8.28
C PHE A 85 -0.35 -6.92 -7.64
N LYS A 86 -1.26 -6.47 -6.79
CA LYS A 86 -2.22 -7.39 -6.08
C LYS A 86 -3.28 -6.54 -5.35
N ASP A 87 -4.41 -7.12 -5.02
CA ASP A 87 -5.48 -6.34 -4.29
C ASP A 87 -5.50 -6.72 -2.80
N ILE A 88 -5.24 -5.75 -1.94
CA ILE A 88 -5.24 -5.99 -0.47
C ILE A 88 -6.57 -5.44 0.08
N GLN A 89 -7.37 -6.30 0.69
CA GLN A 89 -8.69 -5.87 1.24
C GLN A 89 -8.51 -5.32 2.66
N VAL A 90 -8.72 -4.03 2.85
CA VAL A 90 -8.54 -3.43 4.22
C VAL A 90 -9.91 -3.12 4.83
N ILE A 91 -10.10 -3.49 6.06
CA ILE A 91 -11.39 -3.19 6.77
C ILE A 91 -11.06 -2.44 8.07
N VAL A 92 -12.01 -1.71 8.62
CA VAL A 92 -11.75 -0.95 9.88
C VAL A 92 -13.07 -0.64 10.61
N TYR A 1 13.63 -7.55 -11.23
CA TYR A 1 13.33 -8.60 -10.21
C TYR A 1 12.33 -8.06 -9.19
N VAL A 2 11.21 -8.76 -9.02
CA VAL A 2 10.16 -8.31 -8.04
C VAL A 2 9.39 -9.52 -7.49
N MET A 3 9.67 -9.91 -6.26
CA MET A 3 8.89 -11.04 -5.63
C MET A 3 8.17 -10.52 -4.38
N PHE A 4 6.86 -10.68 -4.35
CA PHE A 4 6.02 -10.15 -3.21
C PHE A 4 6.19 -10.98 -1.93
N LYS A 5 6.32 -10.31 -0.80
CA LYS A 5 6.46 -11.03 0.51
C LYS A 5 5.58 -10.38 1.61
N ASN A 6 5.28 -11.15 2.64
CA ASN A 6 4.43 -10.69 3.81
C ASN A 6 3.34 -9.67 3.42
N ALA A 7 2.20 -10.15 2.95
CA ALA A 7 1.11 -9.22 2.53
C ALA A 7 -0.30 -9.82 2.85
N PRO A 8 -0.74 -9.70 4.10
CA PRO A 8 -2.09 -10.22 4.48
C PRO A 8 -3.16 -9.38 3.76
N THR A 9 -3.77 -9.92 2.73
CA THR A 9 -4.80 -9.15 1.94
C THR A 9 -5.97 -8.67 2.84
N PRO A 10 -6.84 -9.54 3.40
CA PRO A 10 -7.92 -9.01 4.27
C PRO A 10 -7.37 -8.50 5.63
N GLN A 11 -7.04 -7.22 5.74
CA GLN A 11 -6.53 -6.69 7.04
C GLN A 11 -7.65 -5.92 7.78
N GLU A 12 -7.47 -5.63 9.05
CA GLU A 12 -8.52 -4.90 9.82
C GLU A 12 -7.92 -4.08 10.97
N PHE A 13 -8.15 -2.78 10.95
CA PHE A 13 -7.62 -1.88 12.03
C PHE A 13 -8.79 -1.25 12.81
N LYS A 14 -8.51 -0.31 13.69
CA LYS A 14 -9.58 0.35 14.50
C LYS A 14 -9.94 1.74 13.94
N GLU A 15 -11.22 2.07 13.94
CA GLU A 15 -11.69 3.41 13.42
C GLU A 15 -11.04 4.56 14.21
N GLY A 16 -10.35 5.43 13.52
CA GLY A 16 -9.67 6.59 14.18
C GLY A 16 -8.32 6.16 14.78
N GLU A 17 -7.72 5.08 14.31
CA GLU A 17 -6.41 4.63 14.87
C GLU A 17 -5.29 4.80 13.83
N ASP A 18 -4.04 4.76 14.26
CA ASP A 18 -2.90 4.87 13.29
C ASP A 18 -2.68 3.49 12.69
N ALA A 19 -3.19 3.26 11.51
CA ALA A 19 -3.06 1.90 10.88
C ALA A 19 -1.96 1.88 9.82
N VAL A 20 -1.63 0.69 9.34
CA VAL A 20 -0.60 0.53 8.28
C VAL A 20 -1.09 -0.57 7.35
N ILE A 21 -0.89 -0.44 6.05
CA ILE A 21 -1.34 -1.52 5.13
C ILE A 21 -0.13 -2.40 4.91
N VAL A 22 -0.19 -3.62 5.42
CA VAL A 22 0.96 -4.57 5.32
C VAL A 22 1.10 -5.10 3.90
N CYS A 23 2.24 -4.88 3.31
CA CYS A 23 2.52 -5.36 1.91
C CYS A 23 4.02 -5.29 1.65
N ASP A 24 4.74 -6.37 1.87
CA ASP A 24 6.21 -6.35 1.63
C ASP A 24 6.49 -6.78 0.20
N VAL A 25 7.45 -6.16 -0.42
CA VAL A 25 7.79 -6.54 -1.84
C VAL A 25 9.29 -6.42 -2.06
N VAL A 26 9.86 -7.39 -2.76
CA VAL A 26 11.32 -7.36 -3.04
C VAL A 26 11.53 -6.98 -4.50
N SER A 27 11.45 -5.70 -4.79
CA SER A 27 11.70 -5.23 -6.19
C SER A 27 13.21 -5.06 -6.35
N SER A 28 13.70 -4.86 -7.56
CA SER A 28 15.20 -4.71 -7.78
C SER A 28 15.83 -3.74 -6.74
N LEU A 29 15.66 -2.44 -6.87
CA LEU A 29 16.22 -1.48 -5.83
C LEU A 29 15.76 -0.01 -6.07
N PRO A 30 16.11 0.62 -7.21
CA PRO A 30 15.67 2.04 -7.43
C PRO A 30 14.13 2.21 -7.43
N PRO A 31 13.38 1.44 -8.24
CA PRO A 31 11.88 1.61 -8.28
C PRO A 31 11.22 1.29 -6.94
N THR A 32 9.91 1.07 -6.94
CA THR A 32 9.17 0.75 -5.65
C THR A 32 7.73 0.30 -5.94
N ILE A 33 6.89 0.27 -4.92
CA ILE A 33 5.47 -0.14 -5.09
C ILE A 33 4.58 1.11 -5.20
N ILE A 34 3.39 0.95 -5.73
CA ILE A 34 2.44 2.10 -5.85
C ILE A 34 1.12 1.70 -5.18
N TRP A 35 0.66 2.49 -4.23
CA TRP A 35 -0.62 2.18 -3.52
C TRP A 35 -1.79 2.79 -4.31
N LYS A 36 -2.54 1.98 -5.00
CA LYS A 36 -3.68 2.49 -5.83
C LYS A 36 -5.02 2.05 -5.23
N HIS A 37 -6.11 2.31 -5.94
CA HIS A 37 -7.50 1.93 -5.46
C HIS A 37 -7.83 2.70 -4.17
N LYS A 38 -9.10 3.04 -3.97
CA LYS A 38 -9.53 3.81 -2.74
C LYS A 38 -8.73 5.11 -2.59
N GLY A 39 -8.27 5.67 -3.69
CA GLY A 39 -7.47 6.93 -3.63
C GLY A 39 -6.70 7.15 -4.92
N ARG A 40 -6.31 6.07 -5.62
CA ARG A 40 -5.54 6.18 -6.91
C ARG A 40 -4.23 6.98 -6.71
N ASP A 41 -3.11 6.28 -6.67
CA ASP A 41 -1.76 6.94 -6.47
C ASP A 41 -1.76 7.80 -5.20
N VAL A 42 -1.80 7.15 -4.04
CA VAL A 42 -1.81 7.92 -2.74
C VAL A 42 -0.44 8.62 -2.54
N ILE A 43 0.63 7.98 -2.99
CA ILE A 43 2.01 8.56 -2.85
C ILE A 43 2.13 9.90 -3.60
N LEU A 44 1.23 10.18 -4.53
CA LEU A 44 1.30 11.47 -5.28
C LEU A 44 0.46 12.56 -4.60
N LYS A 45 -0.50 12.18 -3.76
CA LYS A 45 -1.31 13.20 -3.03
C LYS A 45 -0.76 13.38 -1.61
N LYS A 46 -0.33 12.29 -0.99
CA LYS A 46 0.25 12.33 0.40
C LYS A 46 -0.65 13.14 1.36
N ASP A 47 -1.90 12.73 1.47
CA ASP A 47 -2.88 13.43 2.39
C ASP A 47 -2.30 13.62 3.81
N VAL A 48 -3.00 14.33 4.66
CA VAL A 48 -2.51 14.56 6.07
C VAL A 48 -2.36 13.24 6.85
N ARG A 49 -2.98 12.17 6.40
CA ARG A 49 -2.88 10.86 7.13
C ARG A 49 -2.41 9.71 6.22
N PHE A 50 -1.34 9.92 5.46
CA PHE A 50 -0.80 8.82 4.57
C PHE A 50 0.73 8.92 4.52
N ILE A 51 1.40 8.00 5.18
CA ILE A 51 2.91 8.01 5.18
C ILE A 51 3.41 6.61 4.78
N VAL A 52 3.92 6.46 3.59
CA VAL A 52 4.44 5.12 3.14
C VAL A 52 5.78 4.86 3.83
N LEU A 53 5.99 3.66 4.32
CA LEU A 53 7.27 3.34 5.05
C LEU A 53 8.34 2.78 4.09
N SER A 54 9.58 2.76 4.56
CA SER A 54 10.71 2.22 3.71
C SER A 54 10.49 0.75 3.33
N ASN A 55 9.65 0.04 4.07
CA ASN A 55 9.38 -1.41 3.74
C ASN A 55 8.18 -1.56 2.78
N ASN A 56 7.77 -0.48 2.11
CA ASN A 56 6.61 -0.51 1.14
C ASN A 56 5.26 -0.71 1.85
N TYR A 57 5.13 -0.23 3.07
CA TYR A 57 3.83 -0.34 3.81
C TYR A 57 3.12 1.02 3.74
N LEU A 58 1.84 1.08 4.07
CA LEU A 58 1.13 2.41 4.00
C LEU A 58 0.51 2.79 5.35
N GLN A 59 1.16 3.66 6.09
CA GLN A 59 0.63 4.10 7.43
C GLN A 59 -0.50 5.12 7.26
N ILE A 60 -1.73 4.70 7.39
CA ILE A 60 -2.87 5.64 7.28
C ILE A 60 -3.21 6.12 8.71
N ARG A 61 -3.04 7.40 8.97
CA ARG A 61 -3.30 7.95 10.35
C ARG A 61 -4.80 8.10 10.61
N GLY A 62 -5.31 7.34 11.54
CA GLY A 62 -6.76 7.42 11.89
C GLY A 62 -7.54 6.31 11.19
N ILE A 63 -7.20 6.00 9.96
CA ILE A 63 -7.89 4.92 9.14
C ILE A 63 -9.44 4.95 9.32
N LYS A 64 -10.08 5.94 8.75
CA LYS A 64 -11.58 6.08 8.87
C LYS A 64 -12.31 4.89 8.24
N LYS A 65 -13.52 4.64 8.69
CA LYS A 65 -14.35 3.51 8.12
C LYS A 65 -14.65 3.76 6.63
N THR A 66 -14.58 5.00 6.19
CA THR A 66 -14.85 5.32 4.74
C THR A 66 -13.59 5.13 3.89
N ASP A 67 -12.42 5.02 4.51
CA ASP A 67 -11.16 4.84 3.73
C ASP A 67 -10.82 3.35 3.55
N GLU A 68 -11.56 2.44 4.18
CA GLU A 68 -11.25 0.99 4.02
C GLU A 68 -11.83 0.46 2.70
N GLY A 69 -11.51 -0.77 2.34
CA GLY A 69 -12.02 -1.35 1.07
C GLY A 69 -10.96 -2.28 0.48
N THR A 70 -10.33 -1.87 -0.60
CA THR A 70 -9.27 -2.72 -1.23
C THR A 70 -8.12 -1.86 -1.77
N TYR A 71 -7.03 -1.79 -1.04
CA TYR A 71 -5.84 -1.02 -1.52
C TYR A 71 -5.04 -1.93 -2.45
N ARG A 72 -4.69 -1.46 -3.63
CA ARG A 72 -3.93 -2.32 -4.58
C ARG A 72 -2.43 -2.07 -4.47
N CYS A 73 -1.69 -3.10 -4.13
CA CYS A 73 -0.20 -2.97 -4.04
C CYS A 73 0.33 -3.13 -5.45
N GLU A 74 1.10 -2.18 -5.95
CA GLU A 74 1.63 -2.29 -7.36
C GLU A 74 3.15 -2.16 -7.39
N GLY A 75 3.87 -3.28 -7.25
CA GLY A 75 5.37 -3.25 -7.30
C GLY A 75 5.77 -2.92 -8.74
N ARG A 76 6.27 -1.72 -8.97
CA ARG A 76 6.62 -1.31 -10.39
C ARG A 76 8.08 -0.90 -10.56
N ILE A 77 8.63 -1.26 -11.72
CA ILE A 77 10.02 -0.90 -12.10
C ILE A 77 9.97 0.01 -13.33
N LEU A 78 10.77 1.07 -13.36
CA LEU A 78 10.77 2.01 -14.52
C LEU A 78 11.80 1.59 -15.57
N ALA A 79 13.02 1.28 -15.15
CA ALA A 79 14.09 0.86 -16.13
C ALA A 79 13.63 -0.39 -16.91
N ARG A 80 13.31 -1.44 -16.19
CA ARG A 80 12.80 -2.70 -16.83
C ARG A 80 11.28 -2.73 -16.65
N GLY A 81 10.61 -1.73 -17.23
CA GLY A 81 9.10 -1.54 -17.16
C GLY A 81 8.31 -2.77 -16.66
N GLU A 82 8.25 -2.95 -15.36
CA GLU A 82 7.51 -4.11 -14.78
C GLU A 82 6.32 -3.60 -13.96
N ILE A 83 5.22 -4.32 -13.96
CA ILE A 83 4.00 -3.88 -13.20
C ILE A 83 3.37 -5.05 -12.41
N ASN A 84 4.03 -5.49 -11.36
CA ASN A 84 3.47 -6.60 -10.51
C ASN A 84 2.54 -5.97 -9.47
N PHE A 85 1.52 -6.68 -9.03
CA PHE A 85 0.58 -6.09 -8.02
C PHE A 85 -0.29 -7.14 -7.30
N LYS A 86 -1.19 -6.67 -6.46
CA LYS A 86 -2.12 -7.57 -5.70
C LYS A 86 -3.22 -6.71 -5.06
N ASP A 87 -4.32 -7.32 -4.66
CA ASP A 87 -5.44 -6.54 -4.02
C ASP A 87 -5.50 -6.81 -2.51
N ILE A 88 -5.15 -5.81 -1.72
CA ILE A 88 -5.19 -5.95 -0.22
C ILE A 88 -6.53 -5.39 0.26
N GLN A 89 -7.32 -6.21 0.91
CA GLN A 89 -8.66 -5.75 1.40
C GLN A 89 -8.54 -5.21 2.82
N VAL A 90 -8.76 -3.93 3.01
CA VAL A 90 -8.65 -3.33 4.38
C VAL A 90 -10.04 -3.04 4.95
N ILE A 91 -10.21 -3.23 6.24
CA ILE A 91 -11.54 -2.97 6.89
C ILE A 91 -11.30 -2.20 8.20
N VAL A 92 -12.13 -1.22 8.50
CA VAL A 92 -11.95 -0.44 9.76
C VAL A 92 -13.26 0.25 10.17
N TYR A 1 13.22 -7.65 -11.29
CA TYR A 1 13.14 -8.57 -10.12
C TYR A 1 12.12 -8.04 -9.10
N VAL A 2 11.01 -8.73 -8.95
CA VAL A 2 9.95 -8.28 -7.97
C VAL A 2 9.17 -9.50 -7.45
N MET A 3 9.43 -9.91 -6.23
CA MET A 3 8.67 -11.06 -5.63
C MET A 3 7.93 -10.57 -4.37
N PHE A 4 6.62 -10.74 -4.36
CA PHE A 4 5.78 -10.23 -3.20
C PHE A 4 5.94 -11.09 -1.95
N LYS A 5 6.13 -10.46 -0.80
CA LYS A 5 6.29 -11.21 0.49
C LYS A 5 5.45 -10.55 1.61
N ASN A 6 5.23 -11.29 2.69
CA ASN A 6 4.45 -10.83 3.91
C ASN A 6 3.37 -9.76 3.61
N ALA A 7 2.32 -10.15 2.93
CA ALA A 7 1.25 -9.17 2.58
C ALA A 7 -0.15 -9.80 2.84
N PRO A 8 -0.63 -9.75 4.09
CA PRO A 8 -1.98 -10.31 4.40
C PRO A 8 -3.05 -9.46 3.69
N THR A 9 -3.68 -10.03 2.69
CA THR A 9 -4.70 -9.27 1.90
C THR A 9 -5.89 -8.79 2.79
N PRO A 10 -6.66 -9.67 3.46
CA PRO A 10 -7.78 -9.17 4.31
C PRO A 10 -7.27 -8.64 5.69
N GLN A 11 -6.96 -7.37 5.79
CA GLN A 11 -6.49 -6.82 7.13
C GLN A 11 -7.63 -6.08 7.84
N GLU A 12 -7.42 -5.65 9.07
CA GLU A 12 -8.48 -4.92 9.82
C GLU A 12 -7.89 -4.08 10.96
N PHE A 13 -8.12 -2.77 10.93
CA PHE A 13 -7.59 -1.87 12.01
C PHE A 13 -8.75 -1.21 12.77
N LYS A 14 -8.47 -0.24 13.62
CA LYS A 14 -9.54 0.43 14.40
C LYS A 14 -9.88 1.82 13.83
N GLU A 15 -11.17 2.13 13.76
CA GLU A 15 -11.62 3.46 13.22
C GLU A 15 -11.06 4.61 14.08
N GLY A 16 -10.23 5.44 13.49
CA GLY A 16 -9.61 6.58 14.25
C GLY A 16 -8.26 6.15 14.83
N GLU A 17 -7.61 5.14 14.29
CA GLU A 17 -6.29 4.68 14.83
C GLU A 17 -5.18 4.83 13.78
N ASP A 18 -3.93 4.75 14.21
CA ASP A 18 -2.79 4.85 13.25
C ASP A 18 -2.64 3.47 12.59
N ALA A 19 -3.16 3.31 11.41
CA ALA A 19 -3.09 1.97 10.73
C ALA A 19 -1.95 1.90 9.72
N VAL A 20 -1.62 0.69 9.30
CA VAL A 20 -0.56 0.46 8.28
C VAL A 20 -1.04 -0.66 7.38
N ILE A 21 -0.83 -0.56 6.09
CA ILE A 21 -1.27 -1.67 5.19
C ILE A 21 -0.05 -2.54 4.96
N VAL A 22 -0.09 -3.76 5.46
CA VAL A 22 1.07 -4.69 5.34
C VAL A 22 1.16 -5.27 3.93
N CYS A 23 2.24 -4.97 3.26
CA CYS A 23 2.46 -5.47 1.87
C CYS A 23 3.96 -5.43 1.58
N ASP A 24 4.66 -6.52 1.86
CA ASP A 24 6.14 -6.53 1.61
C ASP A 24 6.40 -6.96 0.18
N VAL A 25 7.34 -6.31 -0.46
CA VAL A 25 7.66 -6.68 -1.88
C VAL A 25 9.17 -6.54 -2.10
N VAL A 26 9.77 -7.54 -2.68
CA VAL A 26 11.23 -7.50 -2.96
C VAL A 26 11.43 -7.08 -4.41
N SER A 27 11.40 -5.79 -4.66
CA SER A 27 11.63 -5.30 -6.06
C SER A 27 13.15 -5.18 -6.24
N SER A 28 13.61 -4.93 -7.45
CA SER A 28 15.11 -4.82 -7.70
C SER A 28 15.80 -3.94 -6.63
N LEU A 29 15.77 -2.62 -6.75
CA LEU A 29 16.40 -1.75 -5.68
C LEU A 29 15.95 -0.26 -5.81
N PRO A 30 16.28 0.45 -6.91
CA PRO A 30 15.87 1.88 -7.01
C PRO A 30 14.32 2.07 -6.99
N PRO A 31 13.56 1.38 -7.87
CA PRO A 31 12.07 1.57 -7.90
C PRO A 31 11.40 1.20 -6.57
N THR A 32 10.07 1.02 -6.60
CA THR A 32 9.31 0.66 -5.33
C THR A 32 7.87 0.23 -5.69
N ILE A 33 6.98 0.24 -4.71
CA ILE A 33 5.56 -0.15 -4.95
C ILE A 33 4.67 1.10 -5.05
N ILE A 34 3.45 0.94 -5.51
CA ILE A 34 2.50 2.09 -5.61
C ILE A 34 1.17 1.65 -5.00
N TRP A 35 0.58 2.50 -4.18
CA TRP A 35 -0.72 2.14 -3.53
C TRP A 35 -1.88 2.74 -4.34
N LYS A 36 -2.71 1.91 -4.93
CA LYS A 36 -3.85 2.42 -5.77
C LYS A 36 -5.20 1.92 -5.24
N HIS A 37 -6.24 1.99 -6.06
CA HIS A 37 -7.64 1.56 -5.66
C HIS A 37 -8.19 2.55 -4.62
N LYS A 38 -9.27 2.19 -3.94
CA LYS A 38 -9.91 3.11 -2.92
C LYS A 38 -10.33 4.45 -3.56
N GLY A 39 -10.46 4.51 -4.87
CA GLY A 39 -10.84 5.78 -5.54
C GLY A 39 -9.76 6.18 -6.55
N ARG A 40 -8.51 6.12 -6.15
CA ARG A 40 -7.36 6.52 -7.06
C ARG A 40 -6.02 6.25 -6.36
N ASP A 41 -4.94 6.66 -6.98
CA ASP A 41 -3.58 6.44 -6.36
C ASP A 41 -3.41 7.36 -5.14
N VAL A 42 -2.69 6.91 -4.13
CA VAL A 42 -2.48 7.75 -2.90
C VAL A 42 -1.15 8.52 -3.01
N ILE A 43 -0.15 7.90 -3.64
CA ILE A 43 1.20 8.56 -3.81
C ILE A 43 1.09 9.90 -4.57
N LEU A 44 0.02 10.13 -5.29
CA LEU A 44 -0.13 11.41 -6.05
C LEU A 44 -0.89 12.46 -5.23
N LYS A 45 -1.68 12.04 -4.25
CA LYS A 45 -2.41 13.03 -3.40
C LYS A 45 -1.64 13.25 -2.10
N LYS A 46 -1.07 12.19 -1.56
CA LYS A 46 -0.27 12.26 -0.27
C LYS A 46 -1.04 13.02 0.84
N ASP A 47 -2.25 12.57 1.12
CA ASP A 47 -3.08 13.24 2.20
C ASP A 47 -2.30 13.34 3.52
N VAL A 48 -2.73 14.20 4.42
CA VAL A 48 -2.01 14.39 5.73
C VAL A 48 -1.94 13.07 6.54
N ARG A 49 -2.80 12.13 6.24
CA ARG A 49 -2.79 10.82 6.99
C ARG A 49 -2.34 9.66 6.10
N PHE A 50 -1.27 9.83 5.34
CA PHE A 50 -0.74 8.73 4.46
C PHE A 50 0.78 8.82 4.38
N ILE A 51 1.47 7.92 5.05
CA ILE A 51 2.97 7.92 5.02
C ILE A 51 3.47 6.51 4.65
N VAL A 52 3.97 6.34 3.44
CA VAL A 52 4.49 4.99 3.02
C VAL A 52 5.83 4.75 3.72
N LEU A 53 6.07 3.54 4.18
CA LEU A 53 7.35 3.23 4.91
C LEU A 53 8.42 2.65 3.98
N SER A 54 9.64 2.58 4.45
CA SER A 54 10.77 2.00 3.62
C SER A 54 10.50 0.52 3.27
N ASN A 55 9.68 -0.17 4.06
CA ASN A 55 9.36 -1.60 3.76
C ASN A 55 8.13 -1.73 2.83
N ASN A 56 7.72 -0.65 2.16
CA ASN A 56 6.55 -0.67 1.20
C ASN A 56 5.20 -0.85 1.94
N TYR A 57 5.08 -0.32 3.14
CA TYR A 57 3.79 -0.42 3.91
C TYR A 57 3.10 0.94 3.83
N LEU A 58 1.79 0.99 4.04
CA LEU A 58 1.08 2.34 3.96
C LEU A 58 0.51 2.74 5.31
N GLN A 59 1.22 3.60 6.04
CA GLN A 59 0.71 4.06 7.37
C GLN A 59 -0.39 5.10 7.22
N ILE A 60 -1.64 4.68 7.34
CA ILE A 60 -2.77 5.64 7.25
C ILE A 60 -3.05 6.15 8.67
N ARG A 61 -2.92 7.43 8.89
CA ARG A 61 -3.13 7.99 10.28
C ARG A 61 -4.62 8.18 10.58
N GLY A 62 -5.12 7.42 11.53
CA GLY A 62 -6.55 7.55 11.93
C GLY A 62 -7.40 6.48 11.22
N ILE A 63 -7.09 6.16 9.97
CA ILE A 63 -7.86 5.13 9.18
C ILE A 63 -9.40 5.27 9.36
N LYS A 64 -10.04 6.01 8.48
CA LYS A 64 -11.53 6.26 8.60
C LYS A 64 -12.35 5.08 8.08
N LYS A 65 -13.56 4.93 8.58
CA LYS A 65 -14.48 3.83 8.13
C LYS A 65 -14.79 3.96 6.63
N THR A 66 -14.71 5.15 6.08
CA THR A 66 -15.00 5.37 4.62
C THR A 66 -13.77 5.03 3.77
N ASP A 67 -12.59 4.95 4.37
CA ASP A 67 -11.35 4.62 3.59
C ASP A 67 -11.08 3.11 3.54
N GLU A 68 -11.77 2.32 4.35
CA GLU A 68 -11.54 0.83 4.34
C GLU A 68 -12.17 0.22 3.06
N GLY A 69 -11.52 -0.77 2.48
CA GLY A 69 -12.06 -1.42 1.24
C GLY A 69 -11.03 -2.38 0.68
N THR A 70 -10.36 -1.99 -0.39
CA THR A 70 -9.32 -2.87 -1.00
C THR A 70 -8.21 -2.03 -1.62
N TYR A 71 -7.08 -1.91 -0.95
CA TYR A 71 -5.94 -1.13 -1.50
C TYR A 71 -5.17 -2.02 -2.47
N ARG A 72 -4.72 -1.48 -3.59
CA ARG A 72 -3.98 -2.33 -4.57
C ARG A 72 -2.48 -2.07 -4.49
N CYS A 73 -1.73 -3.09 -4.13
CA CYS A 73 -0.24 -2.95 -4.07
C CYS A 73 0.28 -3.07 -5.49
N GLU A 74 1.17 -2.19 -5.91
CA GLU A 74 1.69 -2.25 -7.32
C GLU A 74 3.22 -2.11 -7.32
N GLY A 75 3.93 -3.22 -7.27
CA GLY A 75 5.43 -3.19 -7.30
C GLY A 75 5.87 -2.76 -8.70
N ARG A 76 6.39 -1.55 -8.85
CA ARG A 76 6.77 -1.05 -10.21
C ARG A 76 8.26 -0.71 -10.35
N ILE A 77 8.82 -1.06 -11.51
CA ILE A 77 10.24 -0.75 -11.85
C ILE A 77 10.27 0.16 -13.09
N LEU A 78 11.13 1.17 -13.07
CA LEU A 78 11.23 2.10 -14.24
C LEU A 78 12.31 1.63 -15.22
N ALA A 79 13.46 1.22 -14.72
CA ALA A 79 14.57 0.74 -15.64
C ALA A 79 14.10 -0.49 -16.43
N ARG A 80 13.68 -1.51 -15.73
CA ARG A 80 13.16 -2.75 -16.39
C ARG A 80 11.63 -2.70 -16.30
N GLY A 81 11.02 -1.67 -16.91
CA GLY A 81 9.53 -1.41 -16.91
C GLY A 81 8.66 -2.61 -16.45
N GLU A 82 8.52 -2.77 -15.14
CA GLU A 82 7.70 -3.90 -14.59
C GLU A 82 6.51 -3.33 -13.81
N ILE A 83 5.40 -4.05 -13.80
CA ILE A 83 4.18 -3.57 -13.08
C ILE A 83 3.48 -4.72 -12.32
N ASN A 84 4.14 -5.27 -11.31
CA ASN A 84 3.52 -6.37 -10.51
C ASN A 84 2.55 -5.76 -9.51
N PHE A 85 1.55 -6.50 -9.06
CA PHE A 85 0.56 -5.90 -8.09
C PHE A 85 -0.29 -6.97 -7.37
N LYS A 86 -1.20 -6.51 -6.53
CA LYS A 86 -2.12 -7.44 -5.78
C LYS A 86 -3.23 -6.62 -5.10
N ASP A 87 -4.34 -7.25 -4.76
CA ASP A 87 -5.47 -6.52 -4.07
C ASP A 87 -5.49 -6.84 -2.57
N ILE A 88 -5.21 -5.84 -1.76
CA ILE A 88 -5.21 -6.03 -0.27
C ILE A 88 -6.54 -5.51 0.27
N GLN A 89 -7.35 -6.39 0.82
CA GLN A 89 -8.68 -5.97 1.37
C GLN A 89 -8.50 -5.42 2.78
N VAL A 90 -8.70 -4.12 2.94
CA VAL A 90 -8.53 -3.49 4.30
C VAL A 90 -9.91 -3.18 4.90
N ILE A 91 -10.08 -3.47 6.17
CA ILE A 91 -11.37 -3.18 6.86
C ILE A 91 -11.06 -2.33 8.10
N VAL A 92 -12.03 -1.61 8.63
CA VAL A 92 -11.78 -0.77 9.85
C VAL A 92 -13.12 -0.40 10.53
N TYR A 1 14.23 -7.62 -9.94
CA TYR A 1 12.94 -8.37 -9.97
C TYR A 1 11.97 -7.81 -8.91
N VAL A 2 10.86 -8.48 -8.71
CA VAL A 2 9.84 -8.04 -7.70
C VAL A 2 9.14 -9.27 -7.12
N MET A 3 9.49 -9.65 -5.91
CA MET A 3 8.82 -10.84 -5.26
C MET A 3 7.89 -10.38 -4.15
N PHE A 4 6.60 -10.55 -4.34
CA PHE A 4 5.59 -10.11 -3.30
C PHE A 4 5.69 -10.98 -2.06
N LYS A 5 5.97 -10.38 -0.92
CA LYS A 5 6.09 -11.16 0.36
C LYS A 5 5.27 -10.50 1.49
N ASN A 6 5.00 -11.27 2.52
CA ASN A 6 4.21 -10.81 3.74
C ASN A 6 3.12 -9.77 3.41
N ALA A 7 2.05 -10.20 2.78
CA ALA A 7 0.96 -9.24 2.40
C ALA A 7 -0.43 -9.86 2.69
N PRO A 8 -0.88 -9.82 3.96
CA PRO A 8 -2.23 -10.35 4.30
C PRO A 8 -3.29 -9.48 3.62
N THR A 9 -3.85 -9.97 2.52
CA THR A 9 -4.86 -9.16 1.75
C THR A 9 -6.03 -8.63 2.64
N PRO A 10 -6.93 -9.48 3.19
CA PRO A 10 -8.01 -8.93 4.07
C PRO A 10 -7.44 -8.54 5.48
N GLN A 11 -7.09 -7.28 5.68
CA GLN A 11 -6.57 -6.86 7.03
C GLN A 11 -7.67 -6.15 7.83
N GLU A 12 -7.37 -5.73 9.05
CA GLU A 12 -8.40 -5.03 9.89
C GLU A 12 -7.76 -4.19 11.01
N PHE A 13 -8.09 -2.91 11.06
CA PHE A 13 -7.54 -2.01 12.13
C PHE A 13 -8.70 -1.35 12.88
N LYS A 14 -8.41 -0.35 13.72
CA LYS A 14 -9.50 0.32 14.50
C LYS A 14 -9.81 1.73 13.94
N GLU A 15 -11.08 2.05 13.84
CA GLU A 15 -11.50 3.41 13.33
C GLU A 15 -10.96 4.52 14.24
N GLY A 16 -10.10 5.35 13.71
CA GLY A 16 -9.49 6.46 14.51
C GLY A 16 -8.13 6.01 15.08
N GLU A 17 -7.49 5.01 14.48
CA GLU A 17 -6.17 4.52 15.01
C GLU A 17 -5.06 4.70 13.96
N ASP A 18 -3.81 4.59 14.37
CA ASP A 18 -2.68 4.71 13.40
C ASP A 18 -2.50 3.35 12.75
N ALA A 19 -3.03 3.17 11.56
CA ALA A 19 -2.94 1.84 10.89
C ALA A 19 -1.84 1.79 9.84
N VAL A 20 -1.56 0.60 9.36
CA VAL A 20 -0.53 0.40 8.29
C VAL A 20 -1.05 -0.69 7.37
N ILE A 21 -0.86 -0.56 6.07
CA ILE A 21 -1.34 -1.64 5.17
C ILE A 21 -0.14 -2.52 4.89
N VAL A 22 -0.21 -3.76 5.35
CA VAL A 22 0.93 -4.71 5.22
C VAL A 22 1.04 -5.23 3.79
N CYS A 23 2.17 -4.98 3.17
CA CYS A 23 2.41 -5.43 1.76
C CYS A 23 3.91 -5.39 1.48
N ASP A 24 4.61 -6.48 1.74
CA ASP A 24 6.08 -6.50 1.50
C ASP A 24 6.35 -6.94 0.07
N VAL A 25 7.33 -6.36 -0.55
CA VAL A 25 7.68 -6.74 -1.97
C VAL A 25 9.18 -6.60 -2.17
N VAL A 26 9.81 -7.61 -2.75
CA VAL A 26 11.28 -7.53 -3.00
C VAL A 26 11.51 -6.98 -4.40
N SER A 27 11.32 -5.68 -4.57
CA SER A 27 11.56 -5.06 -5.91
C SER A 27 13.07 -4.91 -6.09
N SER A 28 13.54 -4.68 -7.30
CA SER A 28 15.03 -4.53 -7.56
C SER A 28 15.69 -3.59 -6.50
N LEU A 29 15.64 -2.27 -6.68
CA LEU A 29 16.22 -1.34 -5.63
C LEU A 29 15.78 0.13 -5.86
N PRO A 30 16.16 0.79 -6.98
CA PRO A 30 15.73 2.21 -7.18
C PRO A 30 14.18 2.38 -7.20
N PRO A 31 13.45 1.62 -8.04
CA PRO A 31 11.96 1.78 -8.10
C PRO A 31 11.28 1.44 -6.78
N THR A 32 9.96 1.22 -6.80
CA THR A 32 9.20 0.89 -5.53
C THR A 32 7.77 0.43 -5.87
N ILE A 33 6.93 0.33 -4.85
CA ILE A 33 5.51 -0.08 -5.05
C ILE A 33 4.60 1.17 -5.12
N ILE A 34 3.40 1.01 -5.60
CA ILE A 34 2.45 2.17 -5.68
C ILE A 34 1.11 1.74 -5.05
N TRP A 35 0.60 2.55 -4.14
CA TRP A 35 -0.70 2.20 -3.48
C TRP A 35 -1.85 2.84 -4.25
N LYS A 36 -2.54 2.06 -5.06
CA LYS A 36 -3.67 2.59 -5.88
C LYS A 36 -5.02 2.28 -5.21
N HIS A 37 -6.11 2.52 -5.91
CA HIS A 37 -7.49 2.25 -5.37
C HIS A 37 -7.75 3.11 -4.12
N LYS A 38 -9.02 3.28 -3.74
CA LYS A 38 -9.40 4.12 -2.54
C LYS A 38 -8.84 5.55 -2.68
N GLY A 39 -8.91 6.11 -3.87
CA GLY A 39 -8.38 7.49 -4.08
C GLY A 39 -7.51 7.59 -5.36
N ARG A 40 -7.45 6.55 -6.18
CA ARG A 40 -6.61 6.58 -7.45
C ARG A 40 -5.16 7.00 -7.14
N ASP A 41 -4.29 6.03 -6.87
CA ASP A 41 -2.85 6.30 -6.55
C ASP A 41 -2.72 7.30 -5.39
N VAL A 42 -2.48 6.82 -4.18
CA VAL A 42 -2.36 7.74 -2.99
C VAL A 42 -1.04 8.55 -3.05
N ILE A 43 -0.03 8.02 -3.72
CA ILE A 43 1.30 8.75 -3.82
C ILE A 43 1.14 10.13 -4.49
N LEU A 44 0.04 10.38 -5.19
CA LEU A 44 -0.15 11.70 -5.86
C LEU A 44 -0.91 12.67 -4.94
N LYS A 45 -1.67 12.17 -3.99
CA LYS A 45 -2.41 13.07 -3.06
C LYS A 45 -1.62 13.26 -1.75
N LYS A 46 -1.06 12.16 -1.23
CA LYS A 46 -0.25 12.20 0.04
C LYS A 46 -0.96 13.02 1.15
N ASP A 47 -2.18 12.63 1.49
CA ASP A 47 -2.97 13.35 2.56
C ASP A 47 -2.13 13.47 3.86
N VAL A 48 -2.61 14.25 4.80
CA VAL A 48 -1.85 14.45 6.10
C VAL A 48 -1.70 13.12 6.88
N ARG A 49 -2.52 12.12 6.58
CA ARG A 49 -2.44 10.82 7.31
C ARG A 49 -2.06 9.66 6.36
N PHE A 50 -1.06 9.85 5.52
CA PHE A 50 -0.61 8.75 4.59
C PHE A 50 0.90 8.81 4.44
N ILE A 51 1.62 7.92 5.10
CA ILE A 51 3.12 7.90 5.00
C ILE A 51 3.55 6.47 4.65
N VAL A 52 4.11 6.28 3.47
CA VAL A 52 4.56 4.91 3.06
C VAL A 52 5.91 4.63 3.74
N LEU A 53 6.02 3.51 4.43
CA LEU A 53 7.30 3.18 5.17
C LEU A 53 8.38 2.65 4.24
N SER A 54 9.61 2.60 4.73
CA SER A 54 10.77 2.08 3.90
C SER A 54 10.54 0.62 3.48
N ASN A 55 9.70 -0.11 4.20
CA ASN A 55 9.43 -1.55 3.82
C ASN A 55 8.23 -1.67 2.85
N ASN A 56 7.85 -0.58 2.19
CA ASN A 56 6.71 -0.59 1.20
C ASN A 56 5.35 -0.80 1.88
N TYR A 57 5.19 -0.34 3.12
CA TYR A 57 3.88 -0.47 3.83
C TYR A 57 3.18 0.89 3.78
N LEU A 58 1.89 0.96 4.08
CA LEU A 58 1.18 2.30 4.02
C LEU A 58 0.58 2.69 5.37
N GLN A 59 1.29 3.53 6.11
CA GLN A 59 0.78 3.99 7.45
C GLN A 59 -0.33 5.03 7.29
N ILE A 60 -1.56 4.62 7.52
CA ILE A 60 -2.70 5.59 7.43
C ILE A 60 -2.99 6.07 8.86
N ARG A 61 -2.76 7.33 9.14
CA ARG A 61 -2.99 7.87 10.53
C ARG A 61 -4.47 8.09 10.80
N GLY A 62 -5.01 7.34 11.75
CA GLY A 62 -6.45 7.48 12.11
C GLY A 62 -7.29 6.41 11.43
N ILE A 63 -6.96 6.05 10.19
CA ILE A 63 -7.73 5.00 9.40
C ILE A 63 -9.27 5.11 9.61
N LYS A 64 -9.89 5.99 8.83
CA LYS A 64 -11.38 6.22 8.96
C LYS A 64 -12.20 5.09 8.34
N LYS A 65 -13.45 4.98 8.73
CA LYS A 65 -14.36 3.91 8.16
C LYS A 65 -14.53 4.08 6.64
N THR A 66 -14.36 5.29 6.14
CA THR A 66 -14.51 5.54 4.66
C THR A 66 -13.24 5.13 3.89
N ASP A 67 -12.12 4.95 4.57
CA ASP A 67 -10.86 4.56 3.85
C ASP A 67 -10.81 3.03 3.66
N GLU A 68 -11.42 2.28 4.55
CA GLU A 68 -11.39 0.78 4.44
C GLU A 68 -12.07 0.30 3.13
N GLY A 69 -11.51 -0.70 2.50
CA GLY A 69 -12.08 -1.23 1.22
C GLY A 69 -11.06 -2.20 0.59
N THR A 70 -10.34 -1.74 -0.41
CA THR A 70 -9.31 -2.61 -1.06
C THR A 70 -8.18 -1.76 -1.63
N TYR A 71 -7.07 -1.69 -0.94
CA TYR A 71 -5.90 -0.90 -1.43
C TYR A 71 -5.13 -1.76 -2.44
N ARG A 72 -4.66 -1.18 -3.51
CA ARG A 72 -3.92 -1.98 -4.54
C ARG A 72 -2.41 -1.78 -4.43
N CYS A 73 -1.68 -2.85 -4.20
CA CYS A 73 -0.20 -2.77 -4.14
C CYS A 73 0.32 -2.89 -5.57
N GLU A 74 1.19 -2.01 -6.01
CA GLU A 74 1.70 -2.10 -7.42
C GLU A 74 3.23 -1.98 -7.44
N GLY A 75 3.92 -3.11 -7.35
CA GLY A 75 5.43 -3.11 -7.39
C GLY A 75 5.86 -2.71 -8.81
N ARG A 76 6.35 -1.50 -8.98
CA ARG A 76 6.73 -1.04 -10.37
C ARG A 76 8.23 -0.69 -10.50
N ILE A 77 8.79 -1.10 -11.64
CA ILE A 77 10.22 -0.80 -11.96
C ILE A 77 10.28 -0.07 -13.32
N LEU A 78 11.09 0.97 -13.41
CA LEU A 78 11.21 1.73 -14.69
C LEU A 78 12.41 1.23 -15.50
N ALA A 79 13.52 0.93 -14.85
CA ALA A 79 14.75 0.41 -15.58
C ALA A 79 14.40 -0.92 -16.27
N ARG A 80 13.99 -1.90 -15.50
CA ARG A 80 13.58 -3.22 -16.07
C ARG A 80 12.03 -3.22 -16.11
N GLY A 81 11.47 -2.29 -16.86
CA GLY A 81 9.97 -2.07 -17.02
C GLY A 81 9.10 -3.24 -16.52
N GLU A 82 8.85 -3.29 -15.22
CA GLU A 82 8.01 -4.37 -14.64
C GLU A 82 6.79 -3.77 -13.93
N ILE A 83 5.66 -4.43 -14.02
CA ILE A 83 4.40 -3.90 -13.37
C ILE A 83 3.65 -5.03 -12.62
N ASN A 84 4.07 -5.34 -11.42
CA ASN A 84 3.39 -6.40 -10.61
C ASN A 84 2.47 -5.73 -9.60
N PHE A 85 1.41 -6.41 -9.16
CA PHE A 85 0.47 -5.78 -8.18
C PHE A 85 -0.41 -6.83 -7.47
N LYS A 86 -1.28 -6.37 -6.60
CA LYS A 86 -2.21 -7.29 -5.84
C LYS A 86 -3.32 -6.46 -5.18
N ASP A 87 -4.42 -7.08 -4.83
CA ASP A 87 -5.55 -6.34 -4.15
C ASP A 87 -5.57 -6.67 -2.66
N ILE A 88 -5.29 -5.68 -1.83
CA ILE A 88 -5.28 -5.87 -0.35
C ILE A 88 -6.59 -5.32 0.23
N GLN A 89 -7.39 -6.18 0.81
CA GLN A 89 -8.70 -5.74 1.41
C GLN A 89 -8.45 -5.17 2.80
N VAL A 90 -8.82 -3.93 3.04
CA VAL A 90 -8.59 -3.32 4.39
C VAL A 90 -9.93 -3.00 5.06
N ILE A 91 -10.13 -3.48 6.26
CA ILE A 91 -11.39 -3.19 7.01
C ILE A 91 -11.03 -2.37 8.26
N VAL A 92 -11.96 -1.61 8.78
CA VAL A 92 -11.65 -0.78 10.00
C VAL A 92 -12.95 -0.47 10.78
N TYR A 1 14.53 -7.20 -9.79
CA TYR A 1 13.36 -8.15 -9.78
C TYR A 1 12.32 -7.69 -8.74
N VAL A 2 11.28 -8.48 -8.55
CA VAL A 2 10.21 -8.13 -7.55
C VAL A 2 9.65 -9.42 -6.95
N MET A 3 9.86 -9.63 -5.66
CA MET A 3 9.32 -10.88 -4.99
C MET A 3 8.27 -10.48 -3.94
N PHE A 4 7.01 -10.73 -4.25
CA PHE A 4 5.90 -10.36 -3.29
C PHE A 4 5.99 -11.22 -2.01
N LYS A 5 6.16 -10.57 -0.87
CA LYS A 5 6.26 -11.32 0.43
C LYS A 5 5.32 -10.69 1.48
N ASN A 6 4.92 -11.47 2.47
CA ASN A 6 3.99 -11.02 3.58
C ASN A 6 2.87 -10.08 3.06
N ALA A 7 1.76 -10.65 2.62
CA ALA A 7 0.66 -9.79 2.09
C ALA A 7 -0.75 -10.33 2.46
N PRO A 8 -1.07 -10.42 3.77
CA PRO A 8 -2.44 -10.88 4.18
C PRO A 8 -3.45 -9.83 3.68
N THR A 9 -4.00 -10.05 2.50
CA THR A 9 -4.96 -9.04 1.91
C THR A 9 -6.13 -8.65 2.86
N PRO A 10 -6.77 -9.58 3.58
CA PRO A 10 -7.91 -9.18 4.43
C PRO A 10 -7.41 -8.64 5.80
N GLN A 11 -7.09 -7.36 5.90
CA GLN A 11 -6.61 -6.79 7.20
C GLN A 11 -7.75 -6.05 7.94
N GLU A 12 -7.51 -5.67 9.17
CA GLU A 12 -8.55 -4.94 9.97
C GLU A 12 -7.90 -4.10 11.08
N PHE A 13 -8.11 -2.79 11.05
CA PHE A 13 -7.53 -1.88 12.09
C PHE A 13 -8.65 -1.21 12.90
N LYS A 14 -8.31 -0.26 13.74
CA LYS A 14 -9.34 0.44 14.59
C LYS A 14 -9.68 1.84 14.05
N GLU A 15 -10.95 2.19 14.08
CA GLU A 15 -11.39 3.54 13.59
C GLU A 15 -10.71 4.67 14.38
N GLY A 16 -10.06 5.57 13.68
CA GLY A 16 -9.34 6.71 14.34
C GLY A 16 -7.99 6.26 14.89
N GLU A 17 -7.42 5.17 14.39
CA GLU A 17 -6.10 4.69 14.91
C GLU A 17 -5.00 4.82 13.85
N ASP A 18 -3.75 4.81 14.26
CA ASP A 18 -2.61 4.87 13.28
C ASP A 18 -2.46 3.47 12.68
N ALA A 19 -3.02 3.25 11.51
CA ALA A 19 -2.97 1.90 10.89
C ALA A 19 -1.87 1.80 9.83
N VAL A 20 -1.66 0.61 9.31
CA VAL A 20 -0.64 0.38 8.24
C VAL A 20 -1.18 -0.70 7.31
N ILE A 21 -0.96 -0.58 6.01
CA ILE A 21 -1.44 -1.64 5.08
C ILE A 21 -0.27 -2.58 4.84
N VAL A 22 -0.42 -3.83 5.26
CA VAL A 22 0.70 -4.82 5.16
C VAL A 22 0.87 -5.32 3.72
N CYS A 23 2.05 -5.12 3.18
CA CYS A 23 2.36 -5.57 1.78
C CYS A 23 3.87 -5.54 1.57
N ASP A 24 4.56 -6.65 1.79
CA ASP A 24 6.05 -6.67 1.60
C ASP A 24 6.37 -7.08 0.17
N VAL A 25 7.32 -6.43 -0.44
CA VAL A 25 7.72 -6.79 -1.84
C VAL A 25 9.21 -6.56 -2.01
N VAL A 26 9.90 -7.52 -2.58
CA VAL A 26 11.37 -7.38 -2.79
C VAL A 26 11.63 -6.84 -4.20
N SER A 27 11.36 -5.56 -4.41
CA SER A 27 11.61 -4.97 -5.75
C SER A 27 13.11 -4.74 -5.90
N SER A 28 13.60 -4.48 -7.10
CA SER A 28 15.08 -4.27 -7.32
C SER A 28 15.67 -3.29 -6.28
N LEU A 29 15.55 -1.98 -6.48
CA LEU A 29 16.09 -1.00 -5.46
C LEU A 29 15.57 0.44 -5.71
N PRO A 30 15.90 1.09 -6.86
CA PRO A 30 15.39 2.48 -7.09
C PRO A 30 13.83 2.56 -7.10
N PRO A 31 13.14 1.74 -7.92
CA PRO A 31 11.65 1.82 -7.97
C PRO A 31 10.99 1.43 -6.63
N THR A 32 9.69 1.16 -6.64
CA THR A 32 8.97 0.77 -5.35
C THR A 32 7.53 0.30 -5.67
N ILE A 33 6.69 0.24 -4.66
CA ILE A 33 5.27 -0.19 -4.85
C ILE A 33 4.34 1.02 -4.82
N ILE A 34 3.38 1.09 -5.72
CA ILE A 34 2.42 2.24 -5.73
C ILE A 34 1.11 1.77 -5.08
N TRP A 35 0.60 2.52 -4.13
CA TRP A 35 -0.67 2.14 -3.45
C TRP A 35 -1.85 2.75 -4.23
N LYS A 36 -2.59 1.92 -4.93
CA LYS A 36 -3.74 2.42 -5.74
C LYS A 36 -5.08 1.99 -5.11
N HIS A 37 -6.17 2.11 -5.85
CA HIS A 37 -7.54 1.74 -5.33
C HIS A 37 -7.93 2.72 -4.21
N LYS A 38 -9.21 2.78 -3.88
CA LYS A 38 -9.69 3.73 -2.80
C LYS A 38 -9.29 5.18 -3.11
N GLY A 39 -9.03 5.51 -4.36
CA GLY A 39 -8.64 6.91 -4.70
C GLY A 39 -7.57 6.94 -5.82
N ARG A 40 -7.63 6.02 -6.78
CA ARG A 40 -6.63 5.97 -7.92
C ARG A 40 -5.20 5.74 -7.40
N ASP A 41 -4.58 6.76 -6.83
CA ASP A 41 -3.20 6.62 -6.29
C ASP A 41 -3.06 7.49 -5.03
N VAL A 42 -2.38 7.01 -4.01
CA VAL A 42 -2.24 7.81 -2.74
C VAL A 42 -0.91 8.59 -2.75
N ILE A 43 0.14 8.00 -3.30
CA ILE A 43 1.49 8.69 -3.35
C ILE A 43 1.43 10.00 -4.16
N LEU A 44 0.40 10.20 -4.96
CA LEU A 44 0.29 11.48 -5.76
C LEU A 44 -0.48 12.54 -4.98
N LYS A 45 -1.31 12.15 -4.03
CA LYS A 45 -2.07 13.15 -3.22
C LYS A 45 -1.35 13.38 -1.88
N LYS A 46 -0.77 12.33 -1.32
CA LYS A 46 -0.02 12.42 -0.01
C LYS A 46 -0.82 13.17 1.06
N ASP A 47 -2.03 12.74 1.32
CA ASP A 47 -2.89 13.39 2.37
C ASP A 47 -2.15 13.50 3.72
N VAL A 48 -2.70 14.24 4.66
CA VAL A 48 -2.04 14.41 6.00
C VAL A 48 -1.94 13.08 6.77
N ARG A 49 -2.69 12.07 6.36
CA ARG A 49 -2.67 10.76 7.09
C ARG A 49 -2.23 9.60 6.16
N PHE A 50 -1.19 9.79 5.38
CA PHE A 50 -0.68 8.70 4.47
C PHE A 50 0.84 8.77 4.36
N ILE A 51 1.53 7.90 5.07
CA ILE A 51 3.03 7.88 5.01
C ILE A 51 3.49 6.45 4.66
N VAL A 52 4.09 6.26 3.50
CA VAL A 52 4.56 4.89 3.11
C VAL A 52 5.89 4.61 3.81
N LEU A 53 6.09 3.41 4.30
CA LEU A 53 7.36 3.07 5.04
C LEU A 53 8.41 2.47 4.11
N SER A 54 9.65 2.41 4.58
CA SER A 54 10.78 1.83 3.76
C SER A 54 10.51 0.35 3.42
N ASN A 55 9.66 -0.33 4.19
CA ASN A 55 9.35 -1.77 3.90
C ASN A 55 8.14 -1.90 2.93
N ASN A 56 7.78 -0.83 2.23
CA ASN A 56 6.64 -0.86 1.22
C ASN A 56 5.28 -1.03 1.90
N TYR A 57 5.11 -0.53 3.12
CA TYR A 57 3.80 -0.62 3.82
C TYR A 57 3.12 0.76 3.75
N LEU A 58 1.84 0.86 4.05
CA LEU A 58 1.16 2.21 3.98
C LEU A 58 0.55 2.62 5.32
N GLN A 59 1.25 3.47 6.06
CA GLN A 59 0.72 3.93 7.38
C GLN A 59 -0.38 4.97 7.20
N ILE A 60 -1.62 4.58 7.41
CA ILE A 60 -2.75 5.55 7.31
C ILE A 60 -3.04 6.08 8.72
N ARG A 61 -2.82 7.35 8.95
CA ARG A 61 -3.04 7.92 10.32
C ARG A 61 -4.52 8.09 10.63
N GLY A 62 -5.02 7.33 11.59
CA GLY A 62 -6.45 7.42 11.99
C GLY A 62 -7.28 6.34 11.30
N ILE A 63 -6.95 6.00 10.06
CA ILE A 63 -7.73 4.95 9.27
C ILE A 63 -9.26 5.08 9.47
N LYS A 64 -9.86 6.06 8.81
CA LYS A 64 -11.34 6.31 8.95
C LYS A 64 -12.16 5.10 8.54
N LYS A 65 -13.29 4.90 9.17
CA LYS A 65 -14.20 3.74 8.81
C LYS A 65 -14.69 3.86 7.35
N THR A 66 -14.60 5.04 6.75
CA THR A 66 -15.05 5.23 5.33
C THR A 66 -13.90 4.97 4.35
N ASP A 67 -12.66 4.97 4.81
CA ASP A 67 -11.50 4.74 3.90
C ASP A 67 -11.12 3.26 3.81
N GLU A 68 -11.96 2.35 4.30
CA GLU A 68 -11.62 0.90 4.23
C GLU A 68 -12.25 0.30 2.94
N GLY A 69 -11.76 -0.84 2.51
CA GLY A 69 -12.29 -1.49 1.27
C GLY A 69 -11.23 -2.42 0.70
N THR A 70 -10.50 -1.97 -0.30
CA THR A 70 -9.44 -2.83 -0.91
C THR A 70 -8.32 -1.97 -1.55
N TYR A 71 -7.20 -1.85 -0.87
CA TYR A 71 -6.05 -1.07 -1.44
C TYR A 71 -5.27 -1.95 -2.41
N ARG A 72 -4.84 -1.42 -3.54
CA ARG A 72 -4.09 -2.27 -4.52
C ARG A 72 -2.59 -2.02 -4.43
N CYS A 73 -1.83 -3.06 -4.13
CA CYS A 73 -0.34 -2.94 -4.07
C CYS A 73 0.18 -3.00 -5.50
N GLU A 74 0.98 -2.05 -5.93
CA GLU A 74 1.51 -2.08 -7.34
C GLU A 74 3.05 -2.01 -7.35
N GLY A 75 3.71 -3.15 -7.21
CA GLY A 75 5.21 -3.20 -7.22
C GLY A 75 5.66 -2.85 -8.64
N ARG A 76 6.17 -1.64 -8.84
CA ARG A 76 6.56 -1.22 -10.23
C ARG A 76 8.04 -0.82 -10.35
N ILE A 77 8.64 -1.20 -11.47
CA ILE A 77 10.05 -0.84 -11.78
C ILE A 77 10.06 -0.01 -13.07
N LEU A 78 10.80 1.09 -13.07
CA LEU A 78 10.86 1.97 -14.29
C LEU A 78 12.04 1.57 -15.18
N ALA A 79 13.14 1.13 -14.60
CA ALA A 79 14.34 0.71 -15.43
C ALA A 79 13.97 -0.53 -16.25
N ARG A 80 13.54 -1.57 -15.59
CA ARG A 80 13.10 -2.81 -16.29
C ARG A 80 11.56 -2.84 -16.25
N GLY A 81 10.95 -1.82 -16.87
CA GLY A 81 9.44 -1.62 -16.93
C GLY A 81 8.61 -2.85 -16.52
N GLU A 82 8.44 -3.04 -15.23
CA GLU A 82 7.64 -4.20 -14.72
C GLU A 82 6.48 -3.69 -13.85
N ILE A 83 5.33 -4.32 -13.95
CA ILE A 83 4.14 -3.87 -13.14
C ILE A 83 3.43 -5.04 -12.44
N ASN A 84 3.90 -5.40 -11.27
CA ASN A 84 3.26 -6.52 -10.49
C ASN A 84 2.33 -5.90 -9.44
N PHE A 85 1.23 -6.56 -9.09
CA PHE A 85 0.30 -5.97 -8.08
C PHE A 85 -0.60 -7.01 -7.41
N LYS A 86 -1.38 -6.56 -6.45
CA LYS A 86 -2.32 -7.47 -5.71
C LYS A 86 -3.34 -6.62 -4.93
N ASP A 87 -4.47 -7.20 -4.58
CA ASP A 87 -5.52 -6.43 -3.82
C ASP A 87 -5.41 -6.71 -2.31
N ILE A 88 -5.55 -5.67 -1.50
CA ILE A 88 -5.49 -5.83 -0.01
C ILE A 88 -6.80 -5.34 0.60
N GLN A 89 -7.65 -6.26 1.01
CA GLN A 89 -8.96 -5.87 1.64
C GLN A 89 -8.72 -5.27 3.03
N VAL A 90 -8.99 -3.99 3.19
CA VAL A 90 -8.77 -3.34 4.53
C VAL A 90 -10.12 -3.00 5.16
N ILE A 91 -10.30 -3.34 6.42
CA ILE A 91 -11.59 -3.02 7.12
C ILE A 91 -11.29 -2.21 8.40
N VAL A 92 -12.14 -1.26 8.74
CA VAL A 92 -11.89 -0.43 9.98
C VAL A 92 -13.17 0.31 10.40
N TYR A 1 14.87 -8.07 -9.53
CA TYR A 1 13.52 -8.70 -9.58
C TYR A 1 12.55 -7.99 -8.62
N VAL A 2 11.35 -8.52 -8.50
CA VAL A 2 10.31 -7.92 -7.59
C VAL A 2 9.51 -9.08 -6.96
N MET A 3 9.79 -9.39 -5.71
CA MET A 3 9.07 -10.54 -5.04
C MET A 3 8.12 -10.04 -3.94
N PHE A 4 6.85 -10.39 -4.06
CA PHE A 4 5.83 -9.96 -3.06
C PHE A 4 5.94 -10.81 -1.78
N LYS A 5 6.16 -10.16 -0.66
CA LYS A 5 6.28 -10.89 0.65
C LYS A 5 5.42 -10.18 1.70
N ASN A 6 5.04 -10.92 2.75
CA ASN A 6 4.17 -10.37 3.87
C ASN A 6 3.05 -9.45 3.35
N ALA A 7 2.06 -10.01 2.68
CA ALA A 7 0.96 -9.17 2.12
C ALA A 7 -0.43 -9.76 2.51
N PRO A 8 -0.81 -9.64 3.79
CA PRO A 8 -2.14 -10.14 4.23
C PRO A 8 -3.25 -9.33 3.53
N THR A 9 -3.93 -9.95 2.59
CA THR A 9 -5.00 -9.21 1.82
C THR A 9 -6.16 -8.76 2.76
N PRO A 10 -7.00 -9.65 3.32
CA PRO A 10 -8.09 -9.14 4.22
C PRO A 10 -7.53 -8.64 5.57
N GLN A 11 -7.14 -7.38 5.66
CA GLN A 11 -6.65 -6.84 6.97
C GLN A 11 -7.77 -6.04 7.66
N GLU A 12 -7.58 -5.67 8.91
CA GLU A 12 -8.64 -4.90 9.62
C GLU A 12 -8.06 -4.08 10.79
N PHE A 13 -8.24 -2.78 10.79
CA PHE A 13 -7.71 -1.92 11.89
C PHE A 13 -8.88 -1.27 12.66
N LYS A 14 -8.57 -0.38 13.59
CA LYS A 14 -9.64 0.27 14.41
C LYS A 14 -9.93 1.71 13.91
N GLU A 15 -11.20 2.08 13.91
CA GLU A 15 -11.60 3.47 13.47
C GLU A 15 -10.94 4.55 14.35
N GLY A 16 -10.12 5.37 13.77
CA GLY A 16 -9.42 6.45 14.53
C GLY A 16 -8.07 5.94 15.06
N GLU A 17 -7.50 4.90 14.46
CA GLU A 17 -6.20 4.35 14.93
C GLU A 17 -5.08 4.56 13.89
N ASP A 18 -3.84 4.51 14.33
CA ASP A 18 -2.68 4.64 13.37
C ASP A 18 -2.51 3.28 12.70
N ALA A 19 -3.01 3.14 11.50
CA ALA A 19 -2.93 1.81 10.81
C ALA A 19 -1.81 1.77 9.77
N VAL A 20 -1.53 0.57 9.30
CA VAL A 20 -0.49 0.37 8.24
C VAL A 20 -1.00 -0.75 7.35
N ILE A 21 -0.86 -0.62 6.05
CA ILE A 21 -1.31 -1.73 5.15
C ILE A 21 -0.11 -2.61 4.91
N VAL A 22 -0.19 -3.84 5.36
CA VAL A 22 0.96 -4.79 5.24
C VAL A 22 1.08 -5.33 3.81
N CYS A 23 2.17 -5.00 3.16
CA CYS A 23 2.41 -5.47 1.75
C CYS A 23 3.91 -5.33 1.45
N ASP A 24 4.71 -6.30 1.88
CA ASP A 24 6.19 -6.22 1.64
C ASP A 24 6.51 -6.68 0.20
N VAL A 25 7.53 -6.10 -0.38
CA VAL A 25 7.93 -6.48 -1.78
C VAL A 25 9.45 -6.34 -1.90
N VAL A 26 10.11 -7.30 -2.53
CA VAL A 26 11.60 -7.22 -2.68
C VAL A 26 11.92 -6.65 -4.06
N SER A 27 12.01 -5.33 -4.16
CA SER A 27 12.32 -4.68 -5.47
C SER A 27 13.85 -4.49 -5.56
N SER A 28 14.41 -4.74 -6.71
CA SER A 28 15.91 -4.61 -6.88
C SER A 28 16.35 -3.25 -7.43
N LEU A 29 15.49 -2.25 -7.43
CA LEU A 29 15.90 -0.92 -7.99
C LEU A 29 15.34 0.26 -7.13
N PRO A 30 15.83 1.49 -7.36
CA PRO A 30 15.36 2.69 -6.59
C PRO A 30 13.82 2.82 -6.46
N PRO A 31 13.03 2.67 -7.55
CA PRO A 31 11.54 2.78 -7.44
C PRO A 31 10.94 1.81 -6.39
N THR A 32 9.62 1.59 -6.40
CA THR A 32 8.99 0.70 -5.34
C THR A 32 7.52 0.38 -5.69
N ILE A 33 6.72 0.04 -4.69
CA ILE A 33 5.27 -0.29 -4.92
C ILE A 33 4.44 0.98 -5.06
N ILE A 34 3.22 0.83 -5.53
CA ILE A 34 2.30 2.00 -5.68
C ILE A 34 0.99 1.65 -4.99
N TRP A 35 0.50 2.49 -4.11
CA TRP A 35 -0.78 2.19 -3.41
C TRP A 35 -1.95 2.82 -4.17
N LYS A 36 -2.64 2.05 -4.98
CA LYS A 36 -3.79 2.61 -5.76
C LYS A 36 -5.13 2.21 -5.11
N HIS A 37 -6.23 2.39 -5.83
CA HIS A 37 -7.60 2.07 -5.30
C HIS A 37 -7.94 3.01 -4.15
N LYS A 38 -9.21 3.07 -3.76
CA LYS A 38 -9.67 3.98 -2.64
C LYS A 38 -9.29 5.44 -2.94
N GLY A 39 -9.21 5.80 -4.21
CA GLY A 39 -8.84 7.20 -4.58
C GLY A 39 -7.59 7.18 -5.46
N ARG A 40 -7.51 6.25 -6.39
CA ARG A 40 -6.31 6.13 -7.32
C ARG A 40 -5.00 6.04 -6.52
N ASP A 41 -3.87 6.31 -7.14
CA ASP A 41 -2.55 6.23 -6.41
C ASP A 41 -2.50 7.25 -5.26
N VAL A 42 -2.33 6.77 -4.04
CA VAL A 42 -2.30 7.70 -2.85
C VAL A 42 -0.98 8.52 -2.84
N ILE A 43 0.08 7.97 -3.40
CA ILE A 43 1.41 8.68 -3.45
C ILE A 43 1.32 10.03 -4.19
N LEU A 44 0.27 10.25 -4.96
CA LEU A 44 0.14 11.55 -5.71
C LEU A 44 -0.64 12.58 -4.88
N LYS A 45 -1.45 12.13 -3.93
CA LYS A 45 -2.22 13.09 -3.08
C LYS A 45 -1.49 13.29 -1.74
N LYS A 46 -0.89 12.23 -1.22
CA LYS A 46 -0.13 12.29 0.08
C LYS A 46 -0.91 13.05 1.18
N ASP A 47 -2.13 12.61 1.46
CA ASP A 47 -2.97 13.28 2.52
C ASP A 47 -2.20 13.36 3.86
N VAL A 48 -2.66 14.20 4.77
CA VAL A 48 -1.95 14.35 6.10
C VAL A 48 -1.86 13.02 6.86
N ARG A 49 -2.71 12.06 6.53
CA ARG A 49 -2.67 10.74 7.24
C ARG A 49 -2.25 9.58 6.30
N PHE A 50 -1.20 9.79 5.52
CA PHE A 50 -0.71 8.70 4.60
C PHE A 50 0.81 8.78 4.47
N ILE A 51 1.52 7.83 5.05
CA ILE A 51 3.01 7.81 4.98
C ILE A 51 3.47 6.41 4.55
N VAL A 52 3.95 6.26 3.33
CA VAL A 52 4.42 4.91 2.86
C VAL A 52 5.77 4.61 3.50
N LEU A 53 5.95 3.42 4.02
CA LEU A 53 7.25 3.05 4.69
C LEU A 53 8.25 2.48 3.70
N SER A 54 9.52 2.49 4.05
CA SER A 54 10.60 1.93 3.16
C SER A 54 10.35 0.43 2.88
N ASN A 55 9.57 -0.25 3.71
CA ASN A 55 9.29 -1.70 3.49
C ASN A 55 8.02 -1.92 2.64
N ASN A 56 7.57 -0.90 1.91
CA ASN A 56 6.35 -1.01 0.99
C ASN A 56 5.03 -1.11 1.78
N TYR A 57 4.96 -0.53 2.97
CA TYR A 57 3.69 -0.58 3.77
C TYR A 57 3.04 0.81 3.72
N LEU A 58 1.74 0.90 3.96
CA LEU A 58 1.06 2.26 3.91
C LEU A 58 0.53 2.66 5.29
N GLN A 59 1.26 3.49 6.01
CA GLN A 59 0.80 3.93 7.36
C GLN A 59 -0.30 4.98 7.25
N ILE A 60 -1.54 4.56 7.42
CA ILE A 60 -2.67 5.54 7.37
C ILE A 60 -2.93 6.01 8.82
N ARG A 61 -2.82 7.30 9.07
CA ARG A 61 -3.00 7.82 10.47
C ARG A 61 -4.48 8.03 10.78
N GLY A 62 -5.01 7.28 11.71
CA GLY A 62 -6.43 7.42 12.12
C GLY A 62 -7.29 6.34 11.46
N ILE A 63 -6.98 6.00 10.21
CA ILE A 63 -7.76 4.95 9.42
C ILE A 63 -9.30 5.01 9.69
N LYS A 64 -10.02 5.67 8.82
CA LYS A 64 -11.50 5.83 9.00
C LYS A 64 -12.27 4.69 8.32
N LYS A 65 -13.42 4.33 8.86
CA LYS A 65 -14.26 3.24 8.23
C LYS A 65 -14.64 3.62 6.79
N THR A 66 -14.74 4.91 6.51
CA THR A 66 -15.07 5.37 5.12
C THR A 66 -13.87 5.15 4.17
N ASP A 67 -12.68 4.90 4.71
CA ASP A 67 -11.48 4.67 3.85
C ASP A 67 -11.18 3.18 3.68
N GLU A 68 -11.88 2.29 4.39
CA GLU A 68 -11.62 0.83 4.25
C GLU A 68 -12.15 0.35 2.88
N GLY A 69 -11.71 -0.79 2.41
CA GLY A 69 -12.18 -1.32 1.09
C GLY A 69 -11.13 -2.26 0.52
N THR A 70 -10.50 -1.86 -0.57
CA THR A 70 -9.44 -2.72 -1.18
C THR A 70 -8.30 -1.87 -1.75
N TYR A 71 -7.22 -1.76 -1.01
CA TYR A 71 -6.05 -0.98 -1.48
C TYR A 71 -5.26 -1.85 -2.46
N ARG A 72 -4.87 -1.31 -3.59
CA ARG A 72 -4.13 -2.14 -4.59
C ARG A 72 -2.62 -1.96 -4.45
N CYS A 73 -1.94 -3.05 -4.16
CA CYS A 73 -0.44 -2.99 -4.06
C CYS A 73 0.10 -3.08 -5.48
N GLU A 74 0.98 -2.19 -5.88
CA GLU A 74 1.52 -2.25 -7.29
C GLU A 74 3.05 -2.13 -7.30
N GLY A 75 3.75 -3.25 -7.13
CA GLY A 75 5.26 -3.25 -7.14
C GLY A 75 5.74 -2.70 -8.48
N ARG A 76 6.20 -1.46 -8.51
CA ARG A 76 6.62 -0.83 -9.79
C ARG A 76 8.09 -0.39 -9.83
N ILE A 77 8.76 -0.81 -10.88
CA ILE A 77 10.19 -0.46 -11.11
C ILE A 77 10.32 0.04 -12.56
N LEU A 78 11.11 1.07 -12.79
CA LEU A 78 11.27 1.64 -14.19
C LEU A 78 12.49 1.06 -14.91
N ALA A 79 13.64 0.98 -14.25
CA ALA A 79 14.88 0.41 -14.91
C ALA A 79 14.58 -1.00 -15.46
N ARG A 80 14.11 -1.87 -14.62
CA ARG A 80 13.73 -3.25 -15.06
C ARG A 80 12.19 -3.26 -15.22
N GLY A 81 11.70 -2.38 -16.10
CA GLY A 81 10.22 -2.18 -16.40
C GLY A 81 9.30 -3.30 -15.86
N GLU A 82 8.96 -3.24 -14.59
CA GLU A 82 8.08 -4.27 -13.97
C GLU A 82 6.88 -3.60 -13.31
N ILE A 83 5.72 -4.20 -13.41
CA ILE A 83 4.48 -3.63 -12.81
C ILE A 83 3.66 -4.74 -12.12
N ASN A 84 4.21 -5.34 -11.08
CA ASN A 84 3.48 -6.43 -10.35
C ASN A 84 2.45 -5.80 -9.41
N PHE A 85 1.41 -6.52 -9.05
CA PHE A 85 0.38 -5.92 -8.12
C PHE A 85 -0.50 -6.98 -7.43
N LYS A 86 -1.37 -6.52 -6.53
CA LYS A 86 -2.28 -7.44 -5.79
C LYS A 86 -3.37 -6.61 -5.09
N ASP A 87 -4.52 -7.20 -4.83
CA ASP A 87 -5.64 -6.44 -4.14
C ASP A 87 -5.67 -6.78 -2.64
N ILE A 88 -5.39 -5.80 -1.81
CA ILE A 88 -5.40 -6.00 -0.33
C ILE A 88 -6.70 -5.38 0.21
N GLN A 89 -7.49 -6.17 0.90
CA GLN A 89 -8.80 -5.67 1.45
C GLN A 89 -8.59 -5.14 2.88
N VAL A 90 -8.87 -3.88 3.11
CA VAL A 90 -8.68 -3.29 4.48
C VAL A 90 -10.04 -3.05 5.14
N ILE A 91 -10.14 -3.31 6.43
CA ILE A 91 -11.45 -3.10 7.16
C ILE A 91 -11.21 -2.21 8.39
N VAL A 92 -12.19 -1.40 8.74
CA VAL A 92 -12.08 -0.50 9.94
C VAL A 92 -13.51 -0.11 10.40
N TYR A 1 14.65 -7.35 -9.48
CA TYR A 1 13.43 -8.21 -9.54
C TYR A 1 12.35 -7.69 -8.59
N VAL A 2 11.29 -8.45 -8.40
CA VAL A 2 10.17 -8.04 -7.49
C VAL A 2 9.57 -9.29 -6.84
N MET A 3 9.83 -9.51 -5.58
CA MET A 3 9.26 -10.72 -4.88
C MET A 3 8.23 -10.28 -3.82
N PHE A 4 6.97 -10.59 -4.06
CA PHE A 4 5.88 -10.20 -3.10
C PHE A 4 5.98 -11.01 -1.81
N LYS A 5 6.25 -10.36 -0.71
CA LYS A 5 6.36 -11.05 0.62
C LYS A 5 5.48 -10.40 1.69
N ASN A 6 5.19 -11.14 2.74
CA ASN A 6 4.34 -10.67 3.91
C ASN A 6 3.23 -9.68 3.50
N ALA A 7 2.14 -10.18 2.97
CA ALA A 7 1.02 -9.27 2.52
C ALA A 7 -0.36 -9.90 2.81
N PRO A 8 -0.82 -9.83 4.08
CA PRO A 8 -2.15 -10.39 4.43
C PRO A 8 -3.22 -9.55 3.73
N THR A 9 -3.81 -10.08 2.68
CA THR A 9 -4.84 -9.29 1.89
C THR A 9 -6.01 -8.80 2.79
N PRO A 10 -6.80 -9.67 3.44
CA PRO A 10 -7.91 -9.15 4.30
C PRO A 10 -7.37 -8.65 5.67
N GLN A 11 -7.09 -7.37 5.80
CA GLN A 11 -6.60 -6.84 7.13
C GLN A 11 -7.75 -6.12 7.86
N GLU A 12 -7.55 -5.74 9.11
CA GLU A 12 -8.64 -5.06 9.88
C GLU A 12 -8.06 -4.05 10.89
N PHE A 13 -8.51 -2.81 10.83
CA PHE A 13 -8.03 -1.76 11.78
C PHE A 13 -9.24 -1.08 12.44
N LYS A 14 -9.05 0.06 13.09
CA LYS A 14 -10.22 0.76 13.78
C LYS A 14 -10.28 2.25 13.42
N GLU A 15 -11.49 2.78 13.36
CA GLU A 15 -11.70 4.24 13.02
C GLU A 15 -10.94 5.15 14.01
N GLY A 16 -10.19 6.09 13.48
CA GLY A 16 -9.41 7.03 14.34
C GLY A 16 -8.12 6.36 14.87
N GLU A 17 -7.67 5.26 14.27
CA GLU A 17 -6.44 4.59 14.78
C GLU A 17 -5.26 4.76 13.80
N ASP A 18 -4.04 4.68 14.30
CA ASP A 18 -2.84 4.77 13.41
C ASP A 18 -2.65 3.40 12.76
N ALA A 19 -3.11 3.25 11.55
CA ALA A 19 -3.02 1.92 10.87
C ALA A 19 -1.93 1.87 9.81
N VAL A 20 -1.65 0.68 9.33
CA VAL A 20 -0.63 0.47 8.26
C VAL A 20 -1.14 -0.66 7.37
N ILE A 21 -0.95 -0.56 6.07
CA ILE A 21 -1.41 -1.66 5.19
C ILE A 21 -0.20 -2.54 4.93
N VAL A 22 -0.26 -3.76 5.41
CA VAL A 22 0.91 -4.70 5.27
C VAL A 22 1.02 -5.24 3.85
N CYS A 23 2.14 -4.95 3.22
CA CYS A 23 2.39 -5.42 1.82
C CYS A 23 3.90 -5.35 1.55
N ASP A 24 4.63 -6.40 1.85
CA ASP A 24 6.11 -6.37 1.62
C ASP A 24 6.42 -6.83 0.20
N VAL A 25 7.33 -6.17 -0.44
CA VAL A 25 7.71 -6.54 -1.85
C VAL A 25 9.19 -6.27 -2.04
N VAL A 26 9.93 -7.25 -2.50
CA VAL A 26 11.40 -7.04 -2.72
C VAL A 26 11.59 -6.58 -4.16
N SER A 27 11.32 -5.32 -4.43
CA SER A 27 11.53 -4.78 -5.81
C SER A 27 13.02 -4.51 -5.96
N SER A 28 13.50 -4.30 -7.17
CA SER A 28 14.97 -4.04 -7.42
C SER A 28 15.56 -3.04 -6.37
N LEU A 29 15.46 -1.74 -6.59
CA LEU A 29 15.97 -0.76 -5.55
C LEU A 29 15.43 0.68 -5.81
N PRO A 30 15.77 1.33 -6.95
CA PRO A 30 15.25 2.72 -7.18
C PRO A 30 13.69 2.77 -7.22
N PRO A 31 13.02 1.96 -8.05
CA PRO A 31 11.52 2.01 -8.12
C PRO A 31 10.86 1.64 -6.79
N THR A 32 9.56 1.32 -6.81
CA THR A 32 8.83 0.94 -5.53
C THR A 32 7.42 0.43 -5.86
N ILE A 33 6.58 0.33 -4.85
CA ILE A 33 5.17 -0.14 -5.04
C ILE A 33 4.23 1.08 -5.09
N ILE A 34 3.16 0.98 -5.85
CA ILE A 34 2.18 2.12 -5.93
C ILE A 34 0.87 1.69 -5.25
N TRP A 35 0.39 2.48 -4.32
CA TRP A 35 -0.88 2.13 -3.61
C TRP A 35 -2.06 2.73 -4.39
N LYS A 36 -2.86 1.90 -5.03
CA LYS A 36 -4.02 2.40 -5.83
C LYS A 36 -5.35 1.89 -5.23
N HIS A 37 -6.43 2.00 -5.99
CA HIS A 37 -7.80 1.54 -5.53
C HIS A 37 -8.22 2.26 -4.24
N LYS A 38 -8.32 3.58 -4.30
CA LYS A 38 -8.75 4.40 -3.11
C LYS A 38 -9.00 5.85 -3.53
N GLY A 39 -8.13 6.39 -4.36
CA GLY A 39 -8.29 7.80 -4.83
C GLY A 39 -7.30 8.05 -5.97
N ARG A 40 -7.14 7.06 -6.84
CA ARG A 40 -6.17 7.17 -8.00
C ARG A 40 -4.75 7.43 -7.50
N ASP A 41 -4.06 6.38 -7.07
CA ASP A 41 -2.65 6.48 -6.53
C ASP A 41 -2.59 7.45 -5.34
N VAL A 42 -2.39 6.91 -4.15
CA VAL A 42 -2.34 7.77 -2.91
C VAL A 42 -1.00 8.56 -2.86
N ILE A 43 0.06 7.97 -3.41
CA ILE A 43 1.42 8.65 -3.40
C ILE A 43 1.39 9.99 -4.14
N LEU A 44 0.38 10.27 -4.93
CA LEU A 44 0.31 11.58 -5.66
C LEU A 44 -0.43 12.63 -4.83
N LYS A 45 -1.26 12.20 -3.89
CA LYS A 45 -1.99 13.19 -3.02
C LYS A 45 -1.24 13.36 -1.69
N LYS A 46 -0.65 12.28 -1.18
CA LYS A 46 0.13 12.33 0.12
C LYS A 46 -0.64 13.07 1.23
N ASP A 47 -1.86 12.63 1.52
CA ASP A 47 -2.70 13.29 2.59
C ASP A 47 -1.91 13.47 3.90
N VAL A 48 -2.48 14.18 4.85
CA VAL A 48 -1.78 14.41 6.16
C VAL A 48 -1.59 13.10 6.96
N ARG A 49 -2.28 12.04 6.59
CA ARG A 49 -2.16 10.74 7.34
C ARG A 49 -1.56 9.60 6.49
N PHE A 50 -1.32 9.81 5.22
CA PHE A 50 -0.75 8.72 4.37
C PHE A 50 0.77 8.82 4.30
N ILE A 51 1.46 7.84 4.84
CA ILE A 51 2.96 7.84 4.81
C ILE A 51 3.44 6.42 4.46
N VAL A 52 3.91 6.23 3.25
CA VAL A 52 4.40 4.86 2.84
C VAL A 52 5.75 4.60 3.54
N LEU A 53 5.87 3.47 4.21
CA LEU A 53 7.13 3.16 4.95
C LEU A 53 8.22 2.58 4.03
N SER A 54 9.45 2.53 4.53
CA SER A 54 10.59 1.97 3.72
C SER A 54 10.34 0.50 3.34
N ASN A 55 9.48 -0.19 4.07
CA ASN A 55 9.18 -1.63 3.74
C ASN A 55 7.97 -1.75 2.78
N ASN A 56 7.62 -0.67 2.08
CA ASN A 56 6.47 -0.66 1.10
C ASN A 56 5.11 -0.86 1.79
N TYR A 57 4.96 -0.37 3.01
CA TYR A 57 3.65 -0.48 3.73
C TYR A 57 2.93 0.87 3.63
N LEU A 58 1.67 0.96 3.99
CA LEU A 58 0.95 2.29 3.91
C LEU A 58 0.41 2.72 5.27
N GLN A 59 1.13 3.58 5.97
CA GLN A 59 0.66 4.07 7.31
C GLN A 59 -0.43 5.12 7.15
N ILE A 60 -1.67 4.74 7.39
CA ILE A 60 -2.79 5.73 7.32
C ILE A 60 -3.07 6.19 8.77
N ARG A 61 -2.59 7.36 9.12
CA ARG A 61 -2.79 7.87 10.53
C ARG A 61 -4.25 8.21 10.79
N GLY A 62 -4.88 7.48 11.68
CA GLY A 62 -6.30 7.75 12.02
C GLY A 62 -7.20 6.73 11.32
N ILE A 63 -6.83 6.30 10.11
CA ILE A 63 -7.64 5.30 9.29
C ILE A 63 -9.17 5.43 9.50
N LYS A 64 -9.82 6.21 8.67
CA LYS A 64 -11.30 6.43 8.80
C LYS A 64 -12.07 5.19 8.33
N LYS A 65 -13.21 4.93 8.93
CA LYS A 65 -14.05 3.75 8.51
C LYS A 65 -14.54 3.92 7.05
N THR A 66 -14.52 5.14 6.52
CA THR A 66 -14.95 5.37 5.10
C THR A 66 -13.80 5.08 4.11
N ASP A 67 -12.57 4.95 4.60
CA ASP A 67 -11.42 4.68 3.69
C ASP A 67 -11.09 3.18 3.62
N GLU A 68 -11.95 2.31 4.15
CA GLU A 68 -11.67 0.83 4.10
C GLU A 68 -12.23 0.26 2.78
N GLY A 69 -11.64 -0.82 2.30
CA GLY A 69 -12.13 -1.44 1.03
C GLY A 69 -11.07 -2.39 0.48
N THR A 70 -10.39 -1.99 -0.57
CA THR A 70 -9.33 -2.87 -1.16
C THR A 70 -8.19 -2.02 -1.74
N TYR A 71 -7.09 -1.95 -1.03
CA TYR A 71 -5.91 -1.16 -1.53
C TYR A 71 -5.11 -2.03 -2.50
N ARG A 72 -4.82 -1.53 -3.68
CA ARG A 72 -4.06 -2.34 -4.68
C ARG A 72 -2.55 -2.09 -4.55
N CYS A 73 -1.81 -3.14 -4.23
CA CYS A 73 -0.32 -3.01 -4.15
C CYS A 73 0.22 -3.16 -5.56
N GLU A 74 0.96 -2.19 -6.07
CA GLU A 74 1.50 -2.31 -7.46
C GLU A 74 3.03 -2.17 -7.46
N GLY A 75 3.74 -3.27 -7.29
CA GLY A 75 5.24 -3.24 -7.31
C GLY A 75 5.69 -2.89 -8.73
N ARG A 76 6.10 -1.65 -8.96
CA ARG A 76 6.48 -1.23 -10.34
C ARG A 76 7.95 -0.78 -10.46
N ILE A 77 8.55 -1.15 -11.59
CA ILE A 77 9.96 -0.76 -11.89
C ILE A 77 9.98 0.03 -13.22
N LEU A 78 10.73 1.11 -13.27
CA LEU A 78 10.81 1.94 -14.52
C LEU A 78 11.98 1.48 -15.40
N ALA A 79 13.11 1.15 -14.79
CA ALA A 79 14.31 0.70 -15.59
C ALA A 79 13.97 -0.63 -16.30
N ARG A 80 13.61 -1.64 -15.53
CA ARG A 80 13.20 -2.95 -16.12
C ARG A 80 11.66 -3.00 -16.11
N GLY A 81 11.04 -2.06 -16.83
CA GLY A 81 9.53 -1.88 -16.94
C GLY A 81 8.71 -3.09 -16.42
N GLU A 82 8.52 -3.17 -15.13
CA GLU A 82 7.74 -4.29 -14.53
C GLU A 82 6.48 -3.74 -13.83
N ILE A 83 5.39 -4.49 -13.88
CA ILE A 83 4.12 -4.03 -13.23
C ILE A 83 3.45 -5.21 -12.46
N ASN A 84 3.99 -5.58 -11.33
CA ASN A 84 3.39 -6.69 -10.51
C ASN A 84 2.43 -6.08 -9.48
N PHE A 85 1.38 -6.78 -9.09
CA PHE A 85 0.43 -6.19 -8.09
C PHE A 85 -0.47 -7.25 -7.42
N LYS A 86 -1.34 -6.79 -6.54
CA LYS A 86 -2.28 -7.70 -5.82
C LYS A 86 -3.37 -6.84 -5.13
N ASP A 87 -4.48 -7.43 -4.75
CA ASP A 87 -5.58 -6.65 -4.08
C ASP A 87 -5.61 -6.92 -2.57
N ILE A 88 -5.27 -5.92 -1.78
CA ILE A 88 -5.28 -6.07 -0.29
C ILE A 88 -6.60 -5.52 0.24
N GLN A 89 -7.40 -6.38 0.83
CA GLN A 89 -8.73 -5.93 1.37
C GLN A 89 -8.54 -5.38 2.79
N VAL A 90 -8.83 -4.12 2.99
CA VAL A 90 -8.66 -3.49 4.34
C VAL A 90 -10.03 -3.17 4.95
N ILE A 91 -10.21 -3.49 6.21
CA ILE A 91 -11.51 -3.17 6.90
C ILE A 91 -11.19 -2.29 8.11
N VAL A 92 -11.96 -1.24 8.32
CA VAL A 92 -11.72 -0.30 9.46
C VAL A 92 -13.04 0.00 10.18
N TYR A 1 14.61 -7.37 -9.63
CA TYR A 1 13.35 -8.18 -9.71
C TYR A 1 12.30 -7.65 -8.74
N VAL A 2 11.21 -8.38 -8.56
CA VAL A 2 10.12 -7.95 -7.63
C VAL A 2 9.46 -9.21 -7.04
N MET A 3 9.74 -9.52 -5.78
CA MET A 3 9.10 -10.73 -5.14
C MET A 3 8.12 -10.30 -4.06
N PHE A 4 6.85 -10.62 -4.24
CA PHE A 4 5.79 -10.22 -3.24
C PHE A 4 5.90 -11.07 -1.98
N LYS A 5 6.13 -10.45 -0.85
CA LYS A 5 6.27 -11.19 0.45
C LYS A 5 5.43 -10.52 1.56
N ASN A 6 5.14 -11.28 2.61
CA ASN A 6 4.34 -10.81 3.80
C ASN A 6 3.24 -9.78 3.44
N ALA A 7 2.06 -10.24 3.10
CA ALA A 7 0.96 -9.30 2.73
C ALA A 7 -0.44 -9.94 2.93
N PRO A 8 -0.95 -9.95 4.17
CA PRO A 8 -2.32 -10.51 4.41
C PRO A 8 -3.35 -9.63 3.69
N THR A 9 -3.89 -10.11 2.59
CA THR A 9 -4.87 -9.31 1.78
C THR A 9 -6.06 -8.78 2.65
N PRO A 10 -6.96 -9.64 3.17
CA PRO A 10 -8.07 -9.08 4.02
C PRO A 10 -7.54 -8.63 5.41
N GLN A 11 -7.17 -7.37 5.56
CA GLN A 11 -6.68 -6.89 6.91
C GLN A 11 -7.80 -6.14 7.65
N GLU A 12 -7.57 -5.78 8.90
CA GLU A 12 -8.62 -5.05 9.69
C GLU A 12 -7.99 -4.21 10.81
N PHE A 13 -8.28 -2.93 10.84
CA PHE A 13 -7.73 -2.02 11.91
C PHE A 13 -8.88 -1.35 12.67
N LYS A 14 -8.56 -0.37 13.50
CA LYS A 14 -9.62 0.33 14.31
C LYS A 14 -9.90 1.74 13.76
N GLU A 15 -11.17 2.12 13.71
CA GLU A 15 -11.55 3.49 13.20
C GLU A 15 -10.90 4.59 14.05
N GLY A 16 -10.20 5.50 13.41
CA GLY A 16 -9.51 6.60 14.14
C GLY A 16 -8.17 6.13 14.72
N GLU A 17 -7.60 5.05 14.20
CA GLU A 17 -6.29 4.53 14.75
C GLU A 17 -5.16 4.71 13.72
N ASP A 18 -3.92 4.65 14.19
CA ASP A 18 -2.75 4.74 13.24
C ASP A 18 -2.58 3.35 12.62
N ALA A 19 -3.09 3.15 11.43
CA ALA A 19 -3.00 1.80 10.79
C ALA A 19 -1.89 1.73 9.74
N VAL A 20 -1.59 0.53 9.29
CA VAL A 20 -0.55 0.31 8.25
C VAL A 20 -1.05 -0.80 7.34
N ILE A 21 -0.85 -0.70 6.04
CA ILE A 21 -1.30 -1.81 5.15
C ILE A 21 -0.08 -2.68 4.91
N VAL A 22 -0.15 -3.91 5.38
CA VAL A 22 1.00 -4.86 5.28
C VAL A 22 1.12 -5.40 3.84
N CYS A 23 2.22 -5.09 3.20
CA CYS A 23 2.46 -5.57 1.81
C CYS A 23 3.96 -5.48 1.51
N ASP A 24 4.70 -6.55 1.79
CA ASP A 24 6.17 -6.51 1.54
C ASP A 24 6.44 -6.95 0.11
N VAL A 25 7.40 -6.33 -0.53
CA VAL A 25 7.75 -6.69 -1.93
C VAL A 25 9.25 -6.48 -2.14
N VAL A 26 9.93 -7.47 -2.66
CA VAL A 26 11.41 -7.32 -2.89
C VAL A 26 11.62 -6.77 -4.29
N SER A 27 11.37 -5.48 -4.47
CA SER A 27 11.60 -4.86 -5.80
C SER A 27 13.10 -4.59 -5.91
N SER A 28 13.61 -4.36 -7.11
CA SER A 28 15.09 -4.09 -7.30
C SER A 28 15.63 -3.10 -6.23
N LEU A 29 15.52 -1.80 -6.42
CA LEU A 29 15.98 -0.83 -5.35
C LEU A 29 15.46 0.61 -5.64
N PRO A 30 15.85 1.27 -6.76
CA PRO A 30 15.34 2.65 -7.02
C PRO A 30 13.77 2.69 -7.12
N PRO A 31 13.16 1.86 -7.98
CA PRO A 31 11.66 1.88 -8.12
C PRO A 31 10.94 1.54 -6.81
N THR A 32 9.65 1.23 -6.86
CA THR A 32 8.89 0.90 -5.59
C THR A 32 7.46 0.37 -5.92
N ILE A 33 6.58 0.39 -4.94
CA ILE A 33 5.17 -0.09 -5.14
C ILE A 33 4.19 1.08 -5.09
N ILE A 34 3.22 1.10 -5.98
CA ILE A 34 2.20 2.20 -5.97
C ILE A 34 1.00 1.73 -5.16
N TRP A 35 0.53 2.52 -4.21
CA TRP A 35 -0.63 2.11 -3.37
C TRP A 35 -1.94 2.66 -3.94
N LYS A 36 -2.72 1.81 -4.59
CA LYS A 36 -4.04 2.27 -5.11
C LYS A 36 -5.03 2.22 -3.95
N HIS A 37 -5.93 3.17 -3.87
CA HIS A 37 -6.90 3.18 -2.72
C HIS A 37 -8.32 3.62 -3.18
N LYS A 38 -9.04 4.32 -2.32
CA LYS A 38 -10.44 4.77 -2.65
C LYS A 38 -10.42 6.02 -3.57
N GLY A 39 -9.25 6.54 -3.93
CA GLY A 39 -9.18 7.75 -4.80
C GLY A 39 -8.10 7.57 -5.88
N ARG A 40 -7.92 6.34 -6.36
CA ARG A 40 -6.89 6.04 -7.43
C ARG A 40 -5.48 6.52 -7.04
N ASP A 41 -4.63 5.60 -6.61
CA ASP A 41 -3.21 5.93 -6.22
C ASP A 41 -3.15 6.92 -5.05
N VAL A 42 -2.32 6.64 -4.06
CA VAL A 42 -2.19 7.56 -2.87
C VAL A 42 -0.91 8.41 -3.00
N ILE A 43 0.13 7.84 -3.60
CA ILE A 43 1.43 8.58 -3.78
C ILE A 43 1.25 9.90 -4.56
N LEU A 44 0.16 10.06 -5.28
CA LEU A 44 -0.06 11.32 -6.06
C LEU A 44 -0.78 12.37 -5.20
N LYS A 45 -1.53 11.94 -4.21
CA LYS A 45 -2.26 12.91 -3.33
C LYS A 45 -1.47 13.14 -2.03
N LYS A 46 -0.89 12.07 -1.48
CA LYS A 46 -0.09 12.15 -0.20
C LYS A 46 -0.83 12.96 0.89
N ASP A 47 -2.05 12.55 1.19
CA ASP A 47 -2.87 13.26 2.24
C ASP A 47 -2.10 13.37 3.57
N VAL A 48 -2.61 14.15 4.49
CA VAL A 48 -1.91 14.31 5.83
C VAL A 48 -1.83 12.98 6.59
N ARG A 49 -2.68 12.03 6.26
CA ARG A 49 -2.66 10.71 6.99
C ARG A 49 -2.21 9.54 6.08
N PHE A 50 -1.13 9.73 5.34
CA PHE A 50 -0.60 8.63 4.46
C PHE A 50 0.93 8.69 4.42
N ILE A 51 1.58 7.76 5.08
CA ILE A 51 3.08 7.74 5.09
C ILE A 51 3.56 6.33 4.69
N VAL A 52 4.05 6.17 3.48
CA VAL A 52 4.55 4.82 3.04
C VAL A 52 5.89 4.54 3.72
N LEU A 53 6.06 3.37 4.30
CA LEU A 53 7.34 3.04 5.03
C LEU A 53 8.41 2.50 4.08
N SER A 54 9.64 2.43 4.54
CA SER A 54 10.77 1.90 3.71
C SER A 54 10.52 0.42 3.31
N ASN A 55 9.68 -0.29 4.05
CA ASN A 55 9.39 -1.71 3.71
C ASN A 55 8.17 -1.84 2.77
N ASN A 56 7.78 -0.75 2.09
CA ASN A 56 6.62 -0.75 1.13
C ASN A 56 5.27 -0.97 1.83
N TYR A 57 5.13 -0.48 3.05
CA TYR A 57 3.83 -0.60 3.80
C TYR A 57 3.13 0.76 3.72
N LEU A 58 1.84 0.84 3.99
CA LEU A 58 1.14 2.18 3.93
C LEU A 58 0.56 2.58 5.29
N GLN A 59 1.28 3.42 6.03
CA GLN A 59 0.77 3.87 7.37
C GLN A 59 -0.32 4.93 7.20
N ILE A 60 -1.57 4.52 7.28
CA ILE A 60 -2.69 5.52 7.19
C ILE A 60 -2.97 6.00 8.61
N ARG A 61 -2.82 7.29 8.86
CA ARG A 61 -3.06 7.83 10.24
C ARG A 61 -4.55 8.01 10.52
N GLY A 62 -5.06 7.25 11.47
CA GLY A 62 -6.50 7.37 11.84
C GLY A 62 -7.33 6.29 11.14
N ILE A 63 -6.97 5.91 9.91
CA ILE A 63 -7.73 4.88 9.09
C ILE A 63 -9.27 4.99 9.27
N LYS A 64 -9.85 6.02 8.69
CA LYS A 64 -11.33 6.27 8.82
C LYS A 64 -12.16 5.14 8.18
N LYS A 65 -13.40 5.02 8.61
CA LYS A 65 -14.32 3.97 8.03
C LYS A 65 -14.54 4.19 6.52
N THR A 66 -14.37 5.41 6.05
CA THR A 66 -14.56 5.71 4.59
C THR A 66 -13.30 5.37 3.79
N ASP A 67 -12.17 5.19 4.45
CA ASP A 67 -10.90 4.86 3.74
C ASP A 67 -10.74 3.34 3.57
N GLU A 68 -11.40 2.54 4.40
CA GLU A 68 -11.28 1.05 4.28
C GLU A 68 -11.89 0.56 2.95
N GLY A 69 -11.39 -0.53 2.42
CA GLY A 69 -11.93 -1.08 1.14
C GLY A 69 -10.92 -2.09 0.57
N THR A 70 -10.36 -1.79 -0.59
CA THR A 70 -9.36 -2.73 -1.21
C THR A 70 -8.20 -1.93 -1.79
N TYR A 71 -7.09 -1.87 -1.08
CA TYR A 71 -5.89 -1.15 -1.59
C TYR A 71 -5.13 -2.09 -2.51
N ARG A 72 -4.68 -1.62 -3.65
CA ARG A 72 -3.94 -2.52 -4.60
C ARG A 72 -2.44 -2.25 -4.55
N CYS A 73 -1.67 -3.24 -4.19
CA CYS A 73 -0.18 -3.09 -4.15
C CYS A 73 0.32 -3.20 -5.59
N GLU A 74 1.01 -2.19 -6.09
CA GLU A 74 1.50 -2.24 -7.51
C GLU A 74 3.03 -2.11 -7.56
N GLY A 75 3.74 -3.22 -7.38
CA GLY A 75 5.24 -3.20 -7.42
C GLY A 75 5.67 -2.87 -8.85
N ARG A 76 6.35 -1.77 -9.05
CA ARG A 76 6.74 -1.36 -10.44
C ARG A 76 8.20 -0.89 -10.55
N ILE A 77 8.83 -1.30 -11.66
CA ILE A 77 10.23 -0.90 -11.98
C ILE A 77 10.23 -0.20 -13.34
N LEU A 78 10.98 0.89 -13.46
CA LEU A 78 11.03 1.65 -14.76
C LEU A 78 12.18 1.15 -15.64
N ALA A 79 13.36 0.97 -15.08
CA ALA A 79 14.55 0.47 -15.89
C ALA A 79 14.21 -0.89 -16.51
N ARG A 80 13.89 -1.85 -15.68
CA ARG A 80 13.50 -3.20 -16.17
C ARG A 80 11.96 -3.26 -16.18
N GLY A 81 11.34 -2.35 -16.92
CA GLY A 81 9.83 -2.20 -17.05
C GLY A 81 9.01 -3.40 -16.52
N GLU A 82 8.79 -3.45 -15.23
CA GLU A 82 8.00 -4.57 -14.62
C GLU A 82 6.78 -4.00 -13.89
N ILE A 83 5.67 -4.70 -13.95
CA ILE A 83 4.42 -4.21 -13.26
C ILE A 83 3.69 -5.36 -12.54
N ASN A 84 4.15 -5.71 -11.36
CA ASN A 84 3.50 -6.80 -10.57
C ASN A 84 2.55 -6.15 -9.55
N PHE A 85 1.48 -6.84 -9.16
CA PHE A 85 0.53 -6.23 -8.17
C PHE A 85 -0.47 -7.27 -7.60
N LYS A 86 -1.28 -6.85 -6.65
CA LYS A 86 -2.32 -7.73 -6.03
C LYS A 86 -3.31 -6.88 -5.21
N ASP A 87 -4.53 -7.35 -5.02
CA ASP A 87 -5.55 -6.55 -4.26
C ASP A 87 -5.54 -6.89 -2.76
N ILE A 88 -5.28 -5.89 -1.94
CA ILE A 88 -5.27 -6.08 -0.45
C ILE A 88 -6.59 -5.51 0.08
N GLN A 89 -7.38 -6.33 0.73
CA GLN A 89 -8.70 -5.87 1.28
C GLN A 89 -8.51 -5.29 2.68
N VAL A 90 -8.74 -4.00 2.85
CA VAL A 90 -8.57 -3.38 4.20
C VAL A 90 -9.94 -3.04 4.81
N ILE A 91 -10.13 -3.38 6.05
CA ILE A 91 -11.42 -3.07 6.75
C ILE A 91 -11.07 -2.29 8.02
N VAL A 92 -12.00 -1.52 8.54
CA VAL A 92 -11.72 -0.75 9.79
C VAL A 92 -13.04 -0.39 10.52
N TYR A 1 14.47 -7.95 -9.63
CA TYR A 1 13.72 -8.82 -8.68
C TYR A 1 12.46 -8.09 -8.17
N VAL A 2 11.33 -8.77 -8.16
CA VAL A 2 10.05 -8.15 -7.66
C VAL A 2 9.19 -9.30 -7.12
N MET A 3 9.47 -9.73 -5.91
CA MET A 3 8.71 -10.87 -5.29
C MET A 3 7.79 -10.35 -4.19
N PHE A 4 6.50 -10.47 -4.38
CA PHE A 4 5.51 -9.99 -3.36
C PHE A 4 5.60 -10.84 -2.10
N LYS A 5 5.94 -10.24 -0.98
CA LYS A 5 6.07 -11.00 0.30
C LYS A 5 5.28 -10.34 1.44
N ASN A 6 5.02 -11.11 2.49
CA ASN A 6 4.27 -10.64 3.72
C ASN A 6 3.18 -9.60 3.41
N ALA A 7 2.32 -9.90 2.45
CA ALA A 7 1.24 -8.93 2.08
C ALA A 7 -0.16 -9.55 2.36
N PRO A 8 -0.63 -9.48 3.62
CA PRO A 8 -1.98 -10.03 3.96
C PRO A 8 -3.05 -9.20 3.24
N THR A 9 -3.65 -9.77 2.21
CA THR A 9 -4.69 -9.01 1.44
C THR A 9 -5.88 -8.58 2.35
N PRO A 10 -6.72 -9.49 2.88
CA PRO A 10 -7.82 -9.03 3.80
C PRO A 10 -7.25 -8.64 5.18
N GLN A 11 -6.85 -7.38 5.38
CA GLN A 11 -6.32 -6.97 6.73
C GLN A 11 -7.42 -6.29 7.55
N GLU A 12 -7.12 -5.88 8.77
CA GLU A 12 -8.15 -5.22 9.64
C GLU A 12 -7.52 -4.40 10.77
N PHE A 13 -7.86 -3.12 10.84
CA PHE A 13 -7.32 -2.23 11.93
C PHE A 13 -8.50 -1.63 12.72
N LYS A 14 -8.27 -0.61 13.51
CA LYS A 14 -9.39 0.02 14.32
C LYS A 14 -9.58 1.50 13.92
N GLU A 15 -10.84 1.91 13.80
CA GLU A 15 -11.16 3.33 13.40
C GLU A 15 -10.50 4.34 14.36
N GLY A 16 -9.99 5.42 13.82
CA GLY A 16 -9.31 6.46 14.65
C GLY A 16 -7.92 5.98 15.11
N GLU A 17 -7.38 4.89 14.56
CA GLU A 17 -6.03 4.40 15.01
C GLU A 17 -4.95 4.68 13.95
N ASP A 18 -3.70 4.73 14.37
CA ASP A 18 -2.58 4.91 13.39
C ASP A 18 -2.33 3.55 12.77
N ALA A 19 -2.92 3.29 11.64
CA ALA A 19 -2.78 1.94 10.99
C ALA A 19 -1.73 1.94 9.89
N VAL A 20 -1.40 0.76 9.41
CA VAL A 20 -0.41 0.60 8.31
C VAL A 20 -0.94 -0.49 7.39
N ILE A 21 -0.80 -0.34 6.09
CA ILE A 21 -1.27 -1.44 5.19
C ILE A 21 -0.07 -2.32 4.94
N VAL A 22 -0.14 -3.56 5.39
CA VAL A 22 1.01 -4.50 5.26
C VAL A 22 1.12 -5.05 3.84
N CYS A 23 2.23 -4.78 3.20
CA CYS A 23 2.45 -5.27 1.80
C CYS A 23 3.95 -5.23 1.49
N ASP A 24 4.65 -6.31 1.73
CA ASP A 24 6.12 -6.35 1.47
C ASP A 24 6.36 -6.80 0.02
N VAL A 25 7.37 -6.27 -0.61
CA VAL A 25 7.67 -6.68 -2.04
C VAL A 25 9.19 -6.65 -2.26
N VAL A 26 9.78 -7.77 -2.63
CA VAL A 26 11.26 -7.80 -2.89
C VAL A 26 11.50 -7.15 -4.25
N SER A 27 11.39 -5.84 -4.31
CA SER A 27 11.64 -5.14 -5.60
C SER A 27 13.14 -4.90 -5.71
N SER A 28 13.67 -4.71 -6.90
CA SER A 28 15.16 -4.50 -7.08
C SER A 28 15.71 -3.45 -6.08
N LEU A 29 15.53 -2.16 -6.34
CA LEU A 29 16.00 -1.11 -5.37
C LEU A 29 15.53 0.31 -5.81
N PRO A 30 15.92 0.82 -7.00
CA PRO A 30 15.47 2.17 -7.43
C PRO A 30 13.92 2.29 -7.50
N PRO A 31 13.22 1.41 -8.25
CA PRO A 31 11.73 1.51 -8.35
C PRO A 31 11.05 1.35 -6.99
N THR A 32 9.73 1.14 -6.97
CA THR A 32 8.99 0.96 -5.66
C THR A 32 7.54 0.51 -5.93
N ILE A 33 6.68 0.61 -4.92
CA ILE A 33 5.25 0.20 -5.08
C ILE A 33 4.37 1.47 -5.17
N ILE A 34 3.18 1.33 -5.73
CA ILE A 34 2.24 2.50 -5.83
C ILE A 34 0.91 2.08 -5.20
N TRP A 35 0.50 2.77 -4.16
CA TRP A 35 -0.80 2.42 -3.50
C TRP A 35 -1.96 3.04 -4.27
N LYS A 36 -2.65 2.25 -5.06
CA LYS A 36 -3.78 2.78 -5.88
C LYS A 36 -5.14 2.44 -5.23
N HIS A 37 -6.23 2.72 -5.93
CA HIS A 37 -7.63 2.44 -5.42
C HIS A 37 -7.91 3.28 -4.17
N LYS A 38 -9.18 3.50 -3.86
CA LYS A 38 -9.57 4.33 -2.65
C LYS A 38 -8.96 5.73 -2.72
N GLY A 39 -9.01 6.36 -3.88
CA GLY A 39 -8.43 7.73 -4.03
C GLY A 39 -7.57 7.86 -5.30
N ARG A 40 -7.49 6.81 -6.13
CA ARG A 40 -6.65 6.87 -7.40
C ARG A 40 -5.21 7.28 -7.08
N ASP A 41 -4.33 6.32 -6.83
CA ASP A 41 -2.88 6.60 -6.48
C ASP A 41 -2.79 7.58 -5.29
N VAL A 42 -2.59 7.05 -4.10
CA VAL A 42 -2.52 7.94 -2.87
C VAL A 42 -1.24 8.80 -2.90
N ILE A 43 -0.18 8.30 -3.52
CA ILE A 43 1.14 9.06 -3.58
C ILE A 43 0.96 10.42 -4.29
N LEU A 44 -0.12 10.63 -5.02
CA LEU A 44 -0.33 11.93 -5.73
C LEU A 44 -1.12 12.91 -4.84
N LYS A 45 -1.89 12.41 -3.88
CA LYS A 45 -2.66 13.31 -2.99
C LYS A 45 -1.90 13.51 -1.68
N LYS A 46 -1.28 12.43 -1.18
CA LYS A 46 -0.47 12.49 0.10
C LYS A 46 -1.23 13.22 1.23
N ASP A 47 -2.42 12.77 1.53
CA ASP A 47 -3.24 13.42 2.63
C ASP A 47 -2.45 13.51 3.95
N VAL A 48 -2.92 14.29 4.89
CA VAL A 48 -2.21 14.46 6.21
C VAL A 48 -2.05 13.11 6.95
N ARG A 49 -2.87 12.13 6.61
CA ARG A 49 -2.78 10.80 7.30
C ARG A 49 -2.37 9.67 6.33
N PHE A 50 -1.34 9.90 5.53
CA PHE A 50 -0.86 8.83 4.57
C PHE A 50 0.66 8.93 4.42
N ILE A 51 1.40 8.07 5.09
CA ILE A 51 2.90 8.09 4.98
C ILE A 51 3.38 6.70 4.58
N VAL A 52 3.93 6.56 3.39
CA VAL A 52 4.43 5.21 2.95
C VAL A 52 5.80 4.96 3.60
N LEU A 53 5.95 3.82 4.25
CA LEU A 53 7.24 3.51 4.96
C LEU A 53 8.31 2.99 3.99
N SER A 54 9.57 3.01 4.41
CA SER A 54 10.69 2.50 3.53
C SER A 54 10.50 1.03 3.14
N ASN A 55 9.68 0.29 3.89
CA ASN A 55 9.44 -1.15 3.55
C ASN A 55 8.21 -1.31 2.62
N ASN A 56 7.80 -0.24 1.95
CA ASN A 56 6.62 -0.28 0.98
C ASN A 56 5.29 -0.54 1.71
N TYR A 57 5.15 -0.05 2.93
CA TYR A 57 3.86 -0.20 3.69
C TYR A 57 3.12 1.14 3.65
N LEU A 58 1.87 1.19 4.05
CA LEU A 58 1.12 2.49 4.01
C LEU A 58 0.53 2.88 5.37
N GLN A 59 1.23 3.74 6.09
CA GLN A 59 0.73 4.19 7.44
C GLN A 59 -0.43 5.18 7.28
N ILE A 60 -1.64 4.71 7.45
CA ILE A 60 -2.83 5.61 7.36
C ILE A 60 -3.14 6.10 8.79
N ARG A 61 -2.91 7.37 9.05
CA ARG A 61 -3.15 7.91 10.44
C ARG A 61 -4.64 8.01 10.75
N GLY A 62 -5.09 7.21 11.69
CA GLY A 62 -6.53 7.25 12.10
C GLY A 62 -7.30 6.11 11.40
N ILE A 63 -6.99 5.83 10.15
CA ILE A 63 -7.71 4.75 9.35
C ILE A 63 -9.24 4.75 9.58
N LYS A 64 -9.89 5.80 9.11
CA LYS A 64 -11.38 5.97 9.29
C LYS A 64 -12.18 4.80 8.68
N LYS A 65 -13.39 4.60 9.16
CA LYS A 65 -14.28 3.52 8.61
C LYS A 65 -14.59 3.75 7.12
N THR A 66 -14.46 4.99 6.66
CA THR A 66 -14.74 5.30 5.21
C THR A 66 -13.51 5.00 4.34
N ASP A 67 -12.33 4.91 4.93
CA ASP A 67 -11.09 4.63 4.13
C ASP A 67 -10.83 3.12 4.02
N GLU A 68 -11.60 2.27 4.68
CA GLU A 68 -11.37 0.79 4.57
C GLU A 68 -12.04 0.26 3.29
N GLY A 69 -11.35 -0.61 2.57
CA GLY A 69 -11.93 -1.17 1.31
C GLY A 69 -10.89 -2.08 0.64
N THR A 70 -10.37 -1.68 -0.49
CA THR A 70 -9.34 -2.52 -1.19
C THR A 70 -8.21 -1.64 -1.76
N TYR A 71 -7.07 -1.64 -1.10
CA TYR A 71 -5.90 -0.83 -1.58
C TYR A 71 -5.11 -1.67 -2.59
N ARG A 72 -4.70 -1.07 -3.69
CA ARG A 72 -3.93 -1.85 -4.72
C ARG A 72 -2.43 -1.70 -4.51
N CYS A 73 -1.76 -2.81 -4.25
CA CYS A 73 -0.27 -2.78 -4.07
C CYS A 73 0.37 -2.91 -5.45
N GLU A 74 0.65 -1.80 -6.11
CA GLU A 74 1.26 -1.86 -7.47
C GLU A 74 2.80 -1.82 -7.36
N GLY A 75 3.41 -2.99 -7.21
CA GLY A 75 4.90 -3.06 -7.12
C GLY A 75 5.47 -2.78 -8.51
N ARG A 76 5.86 -1.56 -8.77
CA ARG A 76 6.35 -1.21 -10.13
C ARG A 76 7.88 -1.17 -10.23
N ILE A 77 8.39 -1.92 -11.21
CA ILE A 77 9.84 -1.98 -11.49
C ILE A 77 10.03 -2.07 -13.02
N LEU A 78 10.13 -0.94 -13.67
CA LEU A 78 10.32 -0.95 -15.16
C LEU A 78 11.81 -0.84 -15.52
N ALA A 79 12.70 -1.16 -14.60
CA ALA A 79 14.17 -1.08 -14.87
C ALA A 79 14.79 -2.47 -14.87
N ARG A 80 14.27 -3.37 -14.07
CA ARG A 80 14.83 -4.76 -13.99
C ARG A 80 13.80 -5.79 -14.49
N GLY A 81 12.69 -5.90 -13.79
CA GLY A 81 11.65 -6.91 -14.16
C GLY A 81 10.52 -6.27 -14.98
N GLU A 82 9.56 -5.64 -14.30
CA GLU A 82 8.37 -5.01 -15.00
C GLU A 82 7.43 -4.36 -13.95
N ILE A 83 6.17 -4.13 -14.32
CA ILE A 83 5.18 -3.52 -13.37
C ILE A 83 4.27 -4.59 -12.73
N ASN A 84 4.52 -4.95 -11.49
CA ASN A 84 3.69 -6.00 -10.79
C ASN A 84 2.66 -5.32 -9.86
N PHE A 85 1.59 -6.00 -9.51
CA PHE A 85 0.57 -5.39 -8.61
C PHE A 85 -0.34 -6.45 -7.93
N LYS A 86 -1.16 -6.01 -6.99
CA LYS A 86 -2.11 -6.93 -6.29
C LYS A 86 -3.16 -6.11 -5.53
N ASP A 87 -4.30 -6.70 -5.21
CA ASP A 87 -5.37 -5.96 -4.45
C ASP A 87 -5.40 -6.40 -2.98
N ILE A 88 -5.21 -5.47 -2.07
CA ILE A 88 -5.22 -5.78 -0.60
C ILE A 88 -6.54 -5.25 -0.01
N GLN A 89 -7.32 -6.14 0.58
CA GLN A 89 -8.62 -5.72 1.20
C GLN A 89 -8.38 -5.21 2.62
N VAL A 90 -8.55 -3.92 2.84
CA VAL A 90 -8.32 -3.36 4.21
C VAL A 90 -9.65 -3.07 4.89
N ILE A 91 -9.83 -3.58 6.10
CA ILE A 91 -11.08 -3.33 6.87
C ILE A 91 -10.72 -2.56 8.15
N VAL A 92 -11.69 -1.90 8.75
CA VAL A 92 -11.40 -1.12 10.01
C VAL A 92 -12.72 -0.84 10.77
N TYR A 1 14.87 -7.37 -9.58
CA TYR A 1 13.63 -8.20 -9.69
C TYR A 1 12.54 -7.66 -8.74
N VAL A 2 11.46 -8.41 -8.59
CA VAL A 2 10.34 -7.98 -7.68
C VAL A 2 9.72 -9.23 -7.05
N MET A 3 9.98 -9.48 -5.79
CA MET A 3 9.40 -10.69 -5.11
C MET A 3 8.38 -10.28 -4.05
N PHE A 4 7.12 -10.56 -4.28
CA PHE A 4 6.05 -10.19 -3.30
C PHE A 4 6.13 -11.05 -2.03
N LYS A 5 6.40 -10.44 -0.90
CA LYS A 5 6.50 -11.20 0.39
C LYS A 5 5.53 -10.59 1.42
N ASN A 6 5.12 -11.39 2.39
CA ASN A 6 4.17 -10.95 3.49
C ASN A 6 3.02 -10.07 2.94
N ALA A 7 1.96 -10.70 2.47
CA ALA A 7 0.82 -9.91 1.88
C ALA A 7 -0.56 -10.36 2.44
N PRO A 8 -0.78 -10.20 3.77
CA PRO A 8 -2.12 -10.57 4.34
C PRO A 8 -3.16 -9.60 3.78
N THR A 9 -3.77 -9.94 2.66
CA THR A 9 -4.77 -9.02 2.00
C THR A 9 -5.96 -8.67 2.91
N PRO A 10 -6.57 -9.63 3.63
CA PRO A 10 -7.75 -9.29 4.45
C PRO A 10 -7.34 -8.67 5.81
N GLN A 11 -7.06 -7.37 5.85
CA GLN A 11 -6.67 -6.72 7.14
C GLN A 11 -7.85 -5.95 7.75
N GLU A 12 -7.70 -5.49 8.97
CA GLU A 12 -8.81 -4.74 9.66
C GLU A 12 -8.25 -3.81 10.75
N PHE A 13 -8.56 -2.53 10.67
CA PHE A 13 -8.08 -1.55 11.70
C PHE A 13 -9.28 -0.84 12.35
N LYS A 14 -9.04 0.21 13.11
CA LYS A 14 -10.16 0.92 13.80
C LYS A 14 -10.29 2.38 13.30
N GLU A 15 -11.51 2.88 13.24
CA GLU A 15 -11.76 4.29 12.77
C GLU A 15 -11.07 5.29 13.72
N GLY A 16 -10.18 6.10 13.18
CA GLY A 16 -9.42 7.09 14.01
C GLY A 16 -8.15 6.45 14.60
N GLU A 17 -7.66 5.35 14.02
CA GLU A 17 -6.44 4.67 14.57
C GLU A 17 -5.26 4.80 13.59
N ASP A 18 -4.04 4.67 14.10
CA ASP A 18 -2.82 4.71 13.21
C ASP A 18 -2.69 3.34 12.57
N ALA A 19 -3.16 3.19 11.35
CA ALA A 19 -3.10 1.84 10.68
C ALA A 19 -1.99 1.76 9.64
N VAL A 20 -1.67 0.55 9.22
CA VAL A 20 -0.63 0.31 8.18
C VAL A 20 -1.15 -0.78 7.27
N ILE A 21 -0.87 -0.71 5.99
CA ILE A 21 -1.34 -1.80 5.08
C ILE A 21 -0.14 -2.70 4.83
N VAL A 22 -0.23 -3.92 5.32
CA VAL A 22 0.92 -4.89 5.22
C VAL A 22 1.06 -5.41 3.79
N CYS A 23 2.21 -5.16 3.20
CA CYS A 23 2.49 -5.64 1.81
C CYS A 23 4.01 -5.54 1.55
N ASP A 24 4.73 -6.62 1.78
CA ASP A 24 6.21 -6.58 1.58
C ASP A 24 6.51 -6.97 0.13
N VAL A 25 7.47 -6.32 -0.46
CA VAL A 25 7.87 -6.63 -1.87
C VAL A 25 9.35 -6.35 -2.05
N VAL A 26 10.07 -7.26 -2.66
CA VAL A 26 11.53 -7.05 -2.87
C VAL A 26 11.74 -6.59 -4.31
N SER A 27 11.49 -5.32 -4.57
CA SER A 27 11.71 -4.77 -5.94
C SER A 27 13.21 -4.51 -6.09
N SER A 28 13.69 -4.30 -7.30
CA SER A 28 15.17 -4.04 -7.54
C SER A 28 15.76 -3.06 -6.49
N LEU A 29 15.60 -1.75 -6.65
CA LEU A 29 16.12 -0.78 -5.62
C LEU A 29 15.58 0.66 -5.85
N PRO A 30 15.89 1.33 -6.98
CA PRO A 30 15.37 2.72 -7.19
C PRO A 30 13.81 2.78 -7.21
N PRO A 31 13.12 1.96 -8.04
CA PRO A 31 11.62 2.02 -8.09
C PRO A 31 10.98 1.64 -6.75
N THR A 32 9.67 1.33 -6.77
CA THR A 32 8.96 0.95 -5.49
C THR A 32 7.53 0.41 -5.81
N ILE A 33 6.64 0.41 -4.84
CA ILE A 33 5.26 -0.09 -5.04
C ILE A 33 4.27 1.09 -5.06
N ILE A 34 3.23 1.00 -5.85
CA ILE A 34 2.21 2.09 -5.90
C ILE A 34 0.97 1.61 -5.14
N TRP A 35 0.45 2.41 -4.23
CA TRP A 35 -0.75 1.99 -3.45
C TRP A 35 -2.03 2.55 -4.08
N LYS A 36 -2.92 1.67 -4.50
CA LYS A 36 -4.20 2.15 -5.11
C LYS A 36 -5.32 2.08 -4.08
N HIS A 37 -5.70 3.21 -3.53
CA HIS A 37 -6.79 3.24 -2.49
C HIS A 37 -8.17 3.49 -3.13
N LYS A 38 -9.12 2.60 -2.86
CA LYS A 38 -10.53 2.76 -3.38
C LYS A 38 -10.58 3.05 -4.90
N GLY A 39 -9.56 2.68 -5.64
CA GLY A 39 -9.56 2.93 -7.12
C GLY A 39 -8.54 4.02 -7.48
N ARG A 40 -8.31 4.97 -6.60
CA ARG A 40 -7.32 6.07 -6.89
C ARG A 40 -5.95 5.71 -6.33
N ASP A 41 -4.97 6.60 -6.49
CA ASP A 41 -3.59 6.33 -5.97
C ASP A 41 -3.29 7.24 -4.78
N VAL A 42 -2.52 6.76 -3.83
CA VAL A 42 -2.17 7.60 -2.62
C VAL A 42 -0.85 8.35 -2.87
N ILE A 43 0.08 7.72 -3.57
CA ILE A 43 1.42 8.35 -3.86
C ILE A 43 1.27 9.70 -4.62
N LEU A 44 0.13 9.93 -5.26
CA LEU A 44 -0.06 11.21 -6.02
C LEU A 44 -0.67 12.28 -5.12
N LYS A 45 -1.39 11.90 -4.07
CA LYS A 45 -1.99 12.91 -3.15
C LYS A 45 -1.11 13.07 -1.90
N LYS A 46 -0.57 11.97 -1.40
CA LYS A 46 0.33 12.01 -0.18
C LYS A 46 -0.32 12.81 0.98
N ASP A 47 -1.52 12.44 1.36
CA ASP A 47 -2.25 13.15 2.48
C ASP A 47 -1.37 13.19 3.75
N VAL A 48 -1.72 14.04 4.69
CA VAL A 48 -0.91 14.15 5.97
C VAL A 48 -0.87 12.83 6.75
N ARG A 49 -1.82 11.94 6.51
CA ARG A 49 -1.86 10.63 7.24
C ARG A 49 -1.29 9.47 6.40
N PHE A 50 -1.02 9.66 5.14
CA PHE A 50 -0.47 8.54 4.29
C PHE A 50 1.06 8.60 4.27
N ILE A 51 1.70 7.68 4.96
CA ILE A 51 3.20 7.65 4.99
C ILE A 51 3.66 6.23 4.63
N VAL A 52 4.18 6.04 3.43
CA VAL A 52 4.66 4.68 3.02
C VAL A 52 5.98 4.40 3.73
N LEU A 53 6.12 3.23 4.33
CA LEU A 53 7.38 2.90 5.08
C LEU A 53 8.45 2.34 4.15
N SER A 54 9.67 2.23 4.66
CA SER A 54 10.82 1.68 3.84
C SER A 54 10.54 0.23 3.41
N ASN A 55 9.69 -0.48 4.13
CA ASN A 55 9.37 -1.89 3.76
C ASN A 55 8.14 -1.97 2.82
N ASN A 56 7.77 -0.86 2.17
CA ASN A 56 6.62 -0.81 1.21
C ASN A 56 5.26 -1.02 1.91
N TYR A 57 5.11 -0.55 3.13
CA TYR A 57 3.80 -0.67 3.85
C TYR A 57 3.11 0.70 3.79
N LEU A 58 1.80 0.76 3.98
CA LEU A 58 1.11 2.11 3.90
C LEU A 58 0.53 2.54 5.25
N GLN A 59 1.25 3.39 5.98
CA GLN A 59 0.74 3.86 7.31
C GLN A 59 -0.31 4.96 7.13
N ILE A 60 -1.57 4.61 7.27
CA ILE A 60 -2.66 5.63 7.17
C ILE A 60 -2.96 6.12 8.59
N ARG A 61 -2.48 7.30 8.95
CA ARG A 61 -2.70 7.83 10.34
C ARG A 61 -4.16 8.19 10.57
N GLY A 62 -4.81 7.48 11.46
CA GLY A 62 -6.24 7.76 11.77
C GLY A 62 -7.14 6.78 11.05
N ILE A 63 -6.77 6.37 9.84
CA ILE A 63 -7.59 5.40 9.00
C ILE A 63 -9.12 5.59 9.16
N LYS A 64 -9.72 6.35 8.25
CA LYS A 64 -11.19 6.62 8.32
C LYS A 64 -12.00 5.38 7.93
N LYS A 65 -13.16 5.22 8.55
CA LYS A 65 -14.05 4.03 8.21
C LYS A 65 -14.52 4.12 6.74
N THR A 66 -14.44 5.28 6.13
CA THR A 66 -14.87 5.44 4.70
C THR A 66 -13.72 5.08 3.74
N ASP A 67 -12.48 5.04 4.23
CA ASP A 67 -11.32 4.70 3.35
C ASP A 67 -11.01 3.19 3.39
N GLU A 68 -11.92 2.36 3.85
CA GLU A 68 -11.67 0.88 3.88
C GLU A 68 -12.25 0.22 2.62
N GLY A 69 -11.59 -0.79 2.11
CA GLY A 69 -12.10 -1.49 0.89
C GLY A 69 -11.03 -2.45 0.37
N THR A 70 -10.36 -2.10 -0.71
CA THR A 70 -9.29 -2.98 -1.27
C THR A 70 -8.12 -2.16 -1.82
N TYR A 71 -7.04 -2.06 -1.06
CA TYR A 71 -5.84 -1.30 -1.55
C TYR A 71 -5.01 -2.22 -2.44
N ARG A 72 -4.69 -1.78 -3.63
CA ARG A 72 -3.90 -2.65 -4.56
C ARG A 72 -2.41 -2.34 -4.49
N CYS A 73 -1.62 -3.34 -4.17
CA CYS A 73 -0.13 -3.15 -4.11
C CYS A 73 0.38 -3.22 -5.55
N GLU A 74 1.13 -2.25 -6.02
CA GLU A 74 1.64 -2.29 -7.44
C GLU A 74 3.16 -2.13 -7.46
N GLY A 75 3.89 -3.23 -7.28
CA GLY A 75 5.39 -3.18 -7.31
C GLY A 75 5.82 -2.82 -8.72
N ARG A 76 6.21 -1.58 -8.95
CA ARG A 76 6.58 -1.12 -10.32
C ARG A 76 8.04 -0.68 -10.45
N ILE A 77 8.65 -1.05 -11.58
CA ILE A 77 10.05 -0.65 -11.89
C ILE A 77 10.02 0.27 -13.12
N LEU A 78 10.81 1.33 -13.10
CA LEU A 78 10.85 2.29 -14.25
C LEU A 78 11.89 1.88 -15.30
N ALA A 79 13.15 1.75 -14.91
CA ALA A 79 14.23 1.35 -15.91
C ALA A 79 13.84 0.03 -16.62
N ARG A 80 13.60 -1.01 -15.86
CA ARG A 80 13.18 -2.31 -16.45
C ARG A 80 11.65 -2.40 -16.32
N GLY A 81 10.95 -1.45 -16.95
CA GLY A 81 9.44 -1.32 -16.94
C GLY A 81 8.69 -2.58 -16.47
N GLU A 82 8.57 -2.75 -15.17
CA GLU A 82 7.84 -3.94 -14.62
C GLU A 82 6.57 -3.48 -13.89
N ILE A 83 5.53 -4.29 -13.92
CA ILE A 83 4.25 -3.89 -13.22
C ILE A 83 3.62 -5.09 -12.48
N ASN A 84 4.21 -5.49 -11.38
CA ASN A 84 3.64 -6.62 -10.57
C ASN A 84 2.70 -6.04 -9.51
N PHE A 85 1.67 -6.75 -9.10
CA PHE A 85 0.73 -6.17 -8.08
C PHE A 85 -0.10 -7.24 -7.33
N LYS A 86 -0.96 -6.78 -6.45
CA LYS A 86 -1.86 -7.70 -5.65
C LYS A 86 -2.94 -6.85 -4.96
N ASP A 87 -4.01 -7.47 -4.49
CA ASP A 87 -5.10 -6.70 -3.80
C ASP A 87 -5.05 -6.90 -2.28
N ILE A 88 -5.40 -5.86 -1.53
CA ILE A 88 -5.39 -5.95 -0.03
C ILE A 88 -6.77 -5.50 0.49
N GLN A 89 -7.57 -6.44 0.94
CA GLN A 89 -8.92 -6.10 1.49
C GLN A 89 -8.76 -5.43 2.86
N VAL A 90 -8.86 -4.12 2.92
CA VAL A 90 -8.69 -3.40 4.23
C VAL A 90 -10.06 -3.05 4.82
N ILE A 91 -10.23 -3.32 6.10
CA ILE A 91 -11.51 -2.98 6.80
C ILE A 91 -11.16 -2.00 7.94
N VAL A 92 -12.04 -1.06 8.22
CA VAL A 92 -11.75 -0.06 9.31
C VAL A 92 -13.06 0.27 10.06
N TYR A 1 14.47 -7.78 -9.75
CA TYR A 1 13.75 -8.64 -8.76
C TYR A 1 12.48 -7.92 -8.29
N VAL A 2 11.38 -8.65 -8.21
CA VAL A 2 10.08 -8.07 -7.74
C VAL A 2 9.26 -9.22 -7.12
N MET A 3 9.58 -9.59 -5.91
CA MET A 3 8.86 -10.73 -5.23
C MET A 3 7.89 -10.20 -4.17
N PHE A 4 6.61 -10.49 -4.33
CA PHE A 4 5.58 -10.01 -3.36
C PHE A 4 5.60 -10.86 -2.09
N LYS A 5 5.99 -10.27 -0.98
CA LYS A 5 6.07 -11.04 0.32
C LYS A 5 5.30 -10.33 1.45
N ASN A 6 5.08 -11.07 2.52
CA ASN A 6 4.36 -10.58 3.78
C ASN A 6 3.28 -9.53 3.48
N ALA A 7 2.12 -9.97 3.05
CA ALA A 7 1.02 -9.01 2.71
C ALA A 7 -0.36 -9.69 2.85
N PRO A 8 -0.89 -9.79 4.08
CA PRO A 8 -2.24 -10.39 4.27
C PRO A 8 -3.28 -9.51 3.57
N THR A 9 -3.77 -9.95 2.43
CA THR A 9 -4.76 -9.13 1.64
C THR A 9 -5.95 -8.64 2.51
N PRO A 10 -6.82 -9.53 3.06
CA PRO A 10 -7.92 -9.02 3.93
C PRO A 10 -7.37 -8.60 5.33
N GLN A 11 -6.96 -7.35 5.51
CA GLN A 11 -6.44 -6.90 6.85
C GLN A 11 -7.54 -6.17 7.64
N GLU A 12 -7.26 -5.77 8.85
CA GLU A 12 -8.29 -5.07 9.68
C GLU A 12 -7.66 -4.26 10.83
N PHE A 13 -7.89 -2.96 10.86
CA PHE A 13 -7.33 -2.10 11.95
C PHE A 13 -8.49 -1.50 12.78
N LYS A 14 -8.19 -0.55 13.65
CA LYS A 14 -9.26 0.06 14.52
C LYS A 14 -9.65 1.46 14.01
N GLU A 15 -10.95 1.74 13.98
CA GLU A 15 -11.45 3.09 13.52
C GLU A 15 -10.89 4.21 14.42
N GLY A 16 -10.07 5.06 13.85
CA GLY A 16 -9.46 6.18 14.63
C GLY A 16 -8.08 5.78 15.17
N GLU A 17 -7.42 4.80 14.56
CA GLU A 17 -6.07 4.35 15.06
C GLU A 17 -4.99 4.59 13.99
N ASP A 18 -3.73 4.53 14.39
CA ASP A 18 -2.61 4.69 13.41
C ASP A 18 -2.44 3.35 12.71
N ALA A 19 -2.99 3.20 11.52
CA ALA A 19 -2.91 1.89 10.82
C ALA A 19 -1.79 1.87 9.77
N VAL A 20 -1.49 0.70 9.28
CA VAL A 20 -0.44 0.52 8.24
C VAL A 20 -0.94 -0.59 7.32
N ILE A 21 -0.86 -0.41 6.02
CA ILE A 21 -1.32 -1.52 5.12
C ILE A 21 -0.10 -2.37 4.84
N VAL A 22 -0.16 -3.61 5.31
CA VAL A 22 1.00 -4.55 5.17
C VAL A 22 1.13 -5.04 3.73
N CYS A 23 2.27 -4.79 3.13
CA CYS A 23 2.51 -5.24 1.72
C CYS A 23 4.02 -5.20 1.44
N ASP A 24 4.71 -6.31 1.67
CA ASP A 24 6.18 -6.34 1.42
C ASP A 24 6.45 -6.79 -0.02
N VAL A 25 7.42 -6.19 -0.66
CA VAL A 25 7.74 -6.58 -2.07
C VAL A 25 9.24 -6.44 -2.31
N VAL A 26 9.90 -7.49 -2.74
CA VAL A 26 11.36 -7.42 -3.02
C VAL A 26 11.55 -6.83 -4.41
N SER A 27 11.41 -5.53 -4.52
CA SER A 27 11.60 -4.86 -5.85
C SER A 27 13.09 -4.53 -5.98
N SER A 28 13.60 -4.43 -7.19
CA SER A 28 15.07 -4.13 -7.42
C SER A 28 15.60 -3.01 -6.46
N LEU A 29 15.46 -1.73 -6.81
CA LEU A 29 15.94 -0.63 -5.89
C LEU A 29 15.36 0.74 -6.32
N PRO A 30 15.68 1.27 -7.52
CA PRO A 30 15.13 2.60 -7.92
C PRO A 30 13.56 2.61 -7.93
N PRO A 31 12.90 1.68 -8.65
CA PRO A 31 11.41 1.67 -8.68
C PRO A 31 10.82 1.43 -7.29
N THR A 32 9.51 1.19 -7.20
CA THR A 32 8.85 0.93 -5.86
C THR A 32 7.39 0.48 -6.08
N ILE A 33 6.58 0.50 -5.03
CA ILE A 33 5.16 0.09 -5.14
C ILE A 33 4.27 1.35 -5.26
N ILE A 34 3.06 1.20 -5.73
CA ILE A 34 2.12 2.37 -5.85
C ILE A 34 0.80 1.98 -5.19
N TRP A 35 0.38 2.72 -4.19
CA TRP A 35 -0.89 2.40 -3.48
C TRP A 35 -2.07 3.03 -4.21
N LYS A 36 -2.94 2.23 -4.80
CA LYS A 36 -4.11 2.79 -5.55
C LYS A 36 -5.43 2.16 -5.09
N HIS A 37 -6.51 2.36 -5.86
CA HIS A 37 -7.87 1.80 -5.52
C HIS A 37 -8.44 2.43 -4.25
N LYS A 38 -8.43 3.76 -4.17
CA LYS A 38 -8.99 4.49 -2.99
C LYS A 38 -9.02 5.99 -3.29
N GLY A 39 -7.96 6.51 -3.87
CA GLY A 39 -7.89 7.96 -4.21
C GLY A 39 -6.93 8.16 -5.38
N ARG A 40 -6.89 7.22 -6.31
CA ARG A 40 -5.98 7.32 -7.52
C ARG A 40 -4.52 7.61 -7.09
N ASP A 41 -3.77 6.57 -6.76
CA ASP A 41 -2.33 6.74 -6.29
C ASP A 41 -2.26 7.70 -5.11
N VAL A 42 -2.24 7.16 -3.89
CA VAL A 42 -2.20 8.03 -2.67
C VAL A 42 -0.88 8.85 -2.62
N ILE A 43 0.19 8.30 -3.16
CA ILE A 43 1.53 9.01 -3.17
C ILE A 43 1.45 10.38 -3.89
N LEU A 44 0.44 10.61 -4.70
CA LEU A 44 0.33 11.91 -5.43
C LEU A 44 -0.52 12.92 -4.64
N LYS A 45 -1.36 12.45 -3.73
CA LYS A 45 -2.19 13.39 -2.91
C LYS A 45 -1.51 13.60 -1.54
N LYS A 46 -0.93 12.55 -1.00
CA LYS A 46 -0.21 12.62 0.33
C LYS A 46 -1.07 13.33 1.40
N ASP A 47 -2.27 12.85 1.61
CA ASP A 47 -3.20 13.47 2.63
C ASP A 47 -2.50 13.60 4.00
N VAL A 48 -3.11 14.33 4.92
CA VAL A 48 -2.48 14.53 6.28
C VAL A 48 -2.30 13.19 7.03
N ARG A 49 -3.02 12.15 6.63
CA ARG A 49 -2.91 10.84 7.33
C ARG A 49 -2.45 9.71 6.38
N PHE A 50 -1.43 9.95 5.59
CA PHE A 50 -0.90 8.89 4.66
C PHE A 50 0.62 9.00 4.52
N ILE A 51 1.34 8.08 5.13
CA ILE A 51 2.85 8.11 5.05
C ILE A 51 3.35 6.72 4.62
N VAL A 52 3.82 6.59 3.40
CA VAL A 52 4.32 5.25 2.91
C VAL A 52 5.71 5.01 3.53
N LEU A 53 5.93 3.84 4.10
CA LEU A 53 7.25 3.54 4.75
C LEU A 53 8.27 3.03 3.74
N SER A 54 9.54 3.04 4.12
CA SER A 54 10.63 2.54 3.20
C SER A 54 10.42 1.04 2.87
N ASN A 55 9.67 0.33 3.69
CA ASN A 55 9.41 -1.13 3.41
C ASN A 55 8.16 -1.32 2.50
N ASN A 56 7.67 -0.26 1.87
CA ASN A 56 6.48 -0.32 0.93
C ASN A 56 5.15 -0.58 1.67
N TYR A 57 5.01 -0.04 2.88
CA TYR A 57 3.73 -0.20 3.64
C TYR A 57 3.00 1.15 3.60
N LEU A 58 1.71 1.19 3.92
CA LEU A 58 0.98 2.52 3.90
C LEU A 58 0.46 2.88 5.29
N GLN A 59 1.19 3.72 6.02
CA GLN A 59 0.74 4.13 7.39
C GLN A 59 -0.39 5.15 7.30
N ILE A 60 -1.63 4.70 7.46
CA ILE A 60 -2.78 5.64 7.44
C ILE A 60 -3.01 6.10 8.88
N ARG A 61 -2.89 7.38 9.15
CA ARG A 61 -3.08 7.89 10.55
C ARG A 61 -4.56 8.06 10.88
N GLY A 62 -5.04 7.24 11.81
CA GLY A 62 -6.46 7.34 12.23
C GLY A 62 -7.31 6.26 11.54
N ILE A 63 -7.02 5.97 10.28
CA ILE A 63 -7.80 4.93 9.48
C ILE A 63 -9.33 5.02 9.73
N LYS A 64 -10.04 5.75 8.88
CA LYS A 64 -11.52 5.95 9.06
C LYS A 64 -12.35 4.84 8.43
N LYS A 65 -13.57 4.67 8.91
CA LYS A 65 -14.50 3.61 8.34
C LYS A 65 -14.81 3.86 6.86
N THR A 66 -14.74 5.11 6.43
CA THR A 66 -15.02 5.43 4.99
C THR A 66 -13.78 5.17 4.10
N ASP A 67 -12.62 4.94 4.69
CA ASP A 67 -11.39 4.69 3.89
C ASP A 67 -11.11 3.18 3.74
N GLU A 68 -11.70 2.35 4.57
CA GLU A 68 -11.46 0.86 4.46
C GLU A 68 -12.09 0.32 3.16
N GLY A 69 -11.49 -0.69 2.57
CA GLY A 69 -12.06 -1.28 1.31
C GLY A 69 -11.02 -2.20 0.68
N THR A 70 -10.41 -1.78 -0.41
CA THR A 70 -9.36 -2.62 -1.07
C THR A 70 -8.27 -1.75 -1.67
N TYR A 71 -7.12 -1.70 -1.03
CA TYR A 71 -5.97 -0.90 -1.57
C TYR A 71 -5.20 -1.77 -2.56
N ARG A 72 -4.79 -1.21 -3.68
CA ARG A 72 -4.04 -2.03 -4.69
C ARG A 72 -2.53 -1.81 -4.53
N CYS A 73 -1.81 -2.88 -4.26
CA CYS A 73 -0.33 -2.81 -4.13
C CYS A 73 0.27 -2.96 -5.51
N GLU A 74 0.76 -1.90 -6.11
CA GLU A 74 1.35 -2.00 -7.49
C GLU A 74 2.88 -1.94 -7.42
N GLY A 75 3.50 -3.09 -7.20
CA GLY A 75 5.00 -3.16 -7.14
C GLY A 75 5.53 -2.91 -8.54
N ARG A 76 5.75 -1.66 -8.89
CA ARG A 76 6.21 -1.32 -10.27
C ARG A 76 7.73 -1.24 -10.39
N ILE A 77 8.26 -2.00 -11.34
CA ILE A 77 9.71 -2.03 -11.63
C ILE A 77 9.88 -2.14 -13.15
N LEU A 78 9.98 -1.02 -13.83
CA LEU A 78 10.16 -1.04 -15.32
C LEU A 78 11.64 -0.90 -15.70
N ALA A 79 12.54 -1.17 -14.77
CA ALA A 79 14.01 -1.06 -15.06
C ALA A 79 14.68 -2.44 -15.03
N ARG A 80 14.11 -3.38 -14.30
CA ARG A 80 14.70 -4.74 -14.20
C ARG A 80 13.69 -5.81 -14.68
N GLY A 81 12.59 -5.93 -13.98
CA GLY A 81 11.57 -6.95 -14.34
C GLY A 81 10.41 -6.34 -15.14
N GLU A 82 9.46 -5.73 -14.46
CA GLU A 82 8.25 -5.11 -15.13
C GLU A 82 7.30 -4.52 -14.05
N ILE A 83 6.04 -4.32 -14.39
CA ILE A 83 5.04 -3.75 -13.41
C ILE A 83 4.21 -4.89 -12.77
N ASN A 84 4.35 -5.10 -11.47
CA ASN A 84 3.59 -6.18 -10.77
C ASN A 84 2.59 -5.55 -9.78
N PHE A 85 1.52 -6.26 -9.44
CA PHE A 85 0.52 -5.68 -8.48
C PHE A 85 -0.43 -6.73 -7.88
N LYS A 86 -1.29 -6.29 -6.98
CA LYS A 86 -2.33 -7.18 -6.35
C LYS A 86 -3.31 -6.33 -5.53
N ASP A 87 -4.43 -6.91 -5.12
CA ASP A 87 -5.45 -6.13 -4.32
C ASP A 87 -5.42 -6.54 -2.84
N ILE A 88 -5.23 -5.58 -1.96
CA ILE A 88 -5.23 -5.84 -0.48
C ILE A 88 -6.55 -5.33 0.10
N GLN A 89 -7.33 -6.21 0.69
CA GLN A 89 -8.65 -5.80 1.27
C GLN A 89 -8.42 -5.24 2.68
N VAL A 90 -8.68 -3.97 2.90
CA VAL A 90 -8.45 -3.38 4.25
C VAL A 90 -9.79 -3.08 4.93
N ILE A 91 -9.92 -3.47 6.17
CA ILE A 91 -11.19 -3.22 6.94
C ILE A 91 -10.82 -2.39 8.19
N VAL A 92 -11.77 -1.71 8.78
CA VAL A 92 -11.47 -0.91 10.00
C VAL A 92 -12.75 -0.68 10.84
N TYR A 1 14.98 -7.45 -9.30
CA TYR A 1 13.73 -8.26 -9.50
C TYR A 1 12.59 -7.73 -8.60
N VAL A 2 11.51 -8.47 -8.50
CA VAL A 2 10.34 -8.03 -7.64
C VAL A 2 9.66 -9.27 -7.06
N MET A 3 9.80 -9.49 -5.76
CA MET A 3 9.15 -10.69 -5.12
C MET A 3 8.16 -10.25 -4.03
N PHE A 4 6.89 -10.54 -4.23
CA PHE A 4 5.84 -10.15 -3.23
C PHE A 4 5.92 -11.02 -1.97
N LYS A 5 6.23 -10.40 -0.85
CA LYS A 5 6.31 -11.15 0.45
C LYS A 5 5.38 -10.51 1.51
N ASN A 6 4.98 -11.30 2.49
CA ASN A 6 4.06 -10.83 3.61
C ASN A 6 2.92 -9.94 3.08
N ALA A 7 1.87 -10.55 2.55
CA ALA A 7 0.73 -9.75 1.98
C ALA A 7 -0.64 -10.26 2.50
N PRO A 8 -0.93 -10.07 3.80
CA PRO A 8 -2.26 -10.50 4.34
C PRO A 8 -3.33 -9.59 3.71
N THR A 9 -3.85 -10.00 2.57
CA THR A 9 -4.86 -9.16 1.81
C THR A 9 -6.02 -8.65 2.72
N PRO A 10 -6.93 -9.49 3.25
CA PRO A 10 -8.01 -8.95 4.13
C PRO A 10 -7.45 -8.50 5.50
N GLN A 11 -7.11 -7.24 5.66
CA GLN A 11 -6.59 -6.75 6.99
C GLN A 11 -7.70 -6.01 7.76
N GLU A 12 -7.43 -5.63 8.99
CA GLU A 12 -8.46 -4.91 9.81
C GLU A 12 -7.81 -4.12 10.95
N PHE A 13 -8.00 -2.81 10.97
CA PHE A 13 -7.41 -1.97 12.07
C PHE A 13 -8.53 -1.31 12.88
N LYS A 14 -8.21 -0.37 13.75
CA LYS A 14 -9.24 0.30 14.60
C LYS A 14 -9.61 1.70 14.06
N GLU A 15 -10.89 2.01 14.06
CA GLU A 15 -11.36 3.36 13.56
C GLU A 15 -10.75 4.48 14.41
N GLY A 16 -9.98 5.35 13.78
CA GLY A 16 -9.34 6.49 14.52
C GLY A 16 -7.98 6.05 15.08
N GLU A 17 -7.35 5.03 14.50
CA GLU A 17 -6.02 4.56 15.00
C GLU A 17 -4.93 4.72 13.92
N ASP A 18 -3.67 4.62 14.31
CA ASP A 18 -2.56 4.72 13.31
C ASP A 18 -2.41 3.34 12.67
N ALA A 19 -2.99 3.15 11.52
CA ALA A 19 -2.93 1.81 10.84
C ALA A 19 -1.83 1.76 9.79
N VAL A 20 -1.56 0.58 9.29
CA VAL A 20 -0.55 0.39 8.21
C VAL A 20 -1.07 -0.70 7.28
N ILE A 21 -0.89 -0.55 5.99
CA ILE A 21 -1.36 -1.61 5.05
C ILE A 21 -0.17 -2.51 4.79
N VAL A 22 -0.26 -3.74 5.25
CA VAL A 22 0.87 -4.71 5.12
C VAL A 22 1.00 -5.21 3.68
N CYS A 23 2.17 -5.01 3.11
CA CYS A 23 2.46 -5.46 1.71
C CYS A 23 3.97 -5.42 1.48
N ASP A 24 4.66 -6.50 1.75
CA ASP A 24 6.15 -6.51 1.55
C ASP A 24 6.44 -6.94 0.12
N VAL A 25 7.43 -6.33 -0.48
CA VAL A 25 7.82 -6.69 -1.88
C VAL A 25 9.31 -6.48 -2.05
N VAL A 26 10.01 -7.45 -2.61
CA VAL A 26 11.47 -7.28 -2.80
C VAL A 26 11.72 -6.77 -4.22
N SER A 27 11.51 -5.49 -4.42
CA SER A 27 11.75 -4.88 -5.76
C SER A 27 13.25 -4.61 -5.86
N SER A 28 13.77 -4.39 -7.06
CA SER A 28 15.26 -4.13 -7.25
C SER A 28 15.82 -3.15 -6.17
N LEU A 29 15.72 -1.84 -6.35
CA LEU A 29 16.20 -0.88 -5.29
C LEU A 29 15.70 0.56 -5.54
N PRO A 30 16.10 1.23 -6.65
CA PRO A 30 15.63 2.63 -6.89
C PRO A 30 14.07 2.73 -6.99
N PRO A 31 13.41 1.93 -7.85
CA PRO A 31 11.92 2.00 -7.97
C PRO A 31 11.22 1.62 -6.66
N THR A 32 9.91 1.34 -6.72
CA THR A 32 9.14 0.97 -5.46
C THR A 32 7.72 0.48 -5.82
N ILE A 33 6.86 0.38 -4.82
CA ILE A 33 5.45 -0.06 -5.05
C ILE A 33 4.53 1.16 -5.14
N ILE A 34 3.32 0.97 -5.62
CA ILE A 34 2.34 2.11 -5.72
C ILE A 34 1.03 1.68 -5.06
N TRP A 35 0.46 2.54 -4.24
CA TRP A 35 -0.82 2.19 -3.56
C TRP A 35 -1.99 2.80 -4.32
N LYS A 36 -2.86 1.98 -4.89
CA LYS A 36 -4.01 2.51 -5.68
C LYS A 36 -5.36 2.19 -5.01
N HIS A 37 -6.45 2.47 -5.70
CA HIS A 37 -7.84 2.22 -5.17
C HIS A 37 -8.11 3.07 -3.92
N LYS A 38 -9.37 3.39 -3.66
CA LYS A 38 -9.75 4.24 -2.46
C LYS A 38 -8.98 5.58 -2.48
N GLY A 39 -9.07 6.30 -3.57
CA GLY A 39 -8.35 7.61 -3.67
C GLY A 39 -7.59 7.72 -5.00
N ARG A 40 -7.53 6.66 -5.81
CA ARG A 40 -6.81 6.70 -7.14
C ARG A 40 -5.34 7.12 -6.95
N ASP A 41 -4.45 6.16 -6.72
CA ASP A 41 -2.99 6.44 -6.49
C ASP A 41 -2.79 7.43 -5.33
N VAL A 42 -2.51 6.94 -4.15
CA VAL A 42 -2.31 7.84 -2.96
C VAL A 42 -0.98 8.61 -3.07
N ILE A 43 0.00 8.05 -3.77
CA ILE A 43 1.35 8.72 -3.92
C ILE A 43 1.22 10.13 -4.57
N LEU A 44 0.12 10.41 -5.22
CA LEU A 44 -0.05 11.76 -5.87
C LEU A 44 -0.73 12.75 -4.92
N LYS A 45 -1.47 12.27 -3.94
CA LYS A 45 -2.15 13.20 -2.97
C LYS A 45 -1.31 13.31 -1.69
N LYS A 46 -0.81 12.19 -1.19
CA LYS A 46 0.02 12.16 0.06
C LYS A 46 -0.64 12.95 1.21
N ASP A 47 -1.86 12.58 1.56
CA ASP A 47 -2.62 13.29 2.67
C ASP A 47 -1.77 13.40 3.95
N VAL A 48 -2.24 14.16 4.91
CA VAL A 48 -1.47 14.36 6.20
C VAL A 48 -1.31 13.04 6.98
N ARG A 49 -2.14 12.04 6.69
CA ARG A 49 -2.04 10.73 7.44
C ARG A 49 -1.50 9.59 6.56
N PHE A 50 -1.18 9.84 5.31
CA PHE A 50 -0.64 8.75 4.43
C PHE A 50 0.88 8.83 4.33
N ILE A 51 1.57 7.92 4.99
CA ILE A 51 3.07 7.91 4.96
C ILE A 51 3.53 6.48 4.61
N VAL A 52 4.08 6.28 3.43
CA VAL A 52 4.55 4.91 3.04
C VAL A 52 5.89 4.63 3.74
N LEU A 53 6.07 3.44 4.26
CA LEU A 53 7.34 3.11 5.00
C LEU A 53 8.42 2.54 4.07
N SER A 54 9.64 2.46 4.56
CA SER A 54 10.78 1.91 3.74
C SER A 54 10.53 0.46 3.32
N ASN A 55 9.68 -0.25 4.04
CA ASN A 55 9.36 -1.68 3.69
C ASN A 55 8.16 -1.77 2.73
N ASN A 56 7.79 -0.68 2.07
CA ASN A 56 6.63 -0.66 1.09
C ASN A 56 5.28 -0.87 1.80
N TYR A 57 5.14 -0.38 3.02
CA TYR A 57 3.84 -0.49 3.76
C TYR A 57 3.15 0.87 3.71
N LEU A 58 1.86 0.95 3.99
CA LEU A 58 1.16 2.30 3.94
C LEU A 58 0.56 2.69 5.29
N GLN A 59 1.24 3.55 6.02
CA GLN A 59 0.73 4.01 7.35
C GLN A 59 -0.37 5.07 7.20
N ILE A 60 -1.61 4.67 7.43
CA ILE A 60 -2.74 5.65 7.35
C ILE A 60 -3.04 6.11 8.79
N ARG A 61 -2.61 7.30 9.16
CA ARG A 61 -2.83 7.80 10.56
C ARG A 61 -4.31 8.06 10.83
N GLY A 62 -4.87 7.34 11.78
CA GLY A 62 -6.30 7.52 12.14
C GLY A 62 -7.16 6.46 11.45
N ILE A 63 -6.87 6.13 10.20
CA ILE A 63 -7.66 5.12 9.40
C ILE A 63 -9.19 5.24 9.63
N LYS A 64 -9.83 6.12 8.88
CA LYS A 64 -11.31 6.36 9.04
C LYS A 64 -12.12 5.14 8.59
N LYS A 65 -13.29 4.95 9.19
CA LYS A 65 -14.19 3.81 8.79
C LYS A 65 -14.64 3.94 7.33
N THR A 66 -14.54 5.11 6.74
CA THR A 66 -14.96 5.31 5.31
C THR A 66 -13.77 5.06 4.34
N ASP A 67 -12.54 5.00 4.86
CA ASP A 67 -11.36 4.76 3.97
C ASP A 67 -11.00 3.26 3.87
N GLU A 68 -11.90 2.37 4.28
CA GLU A 68 -11.60 0.91 4.19
C GLU A 68 -12.24 0.31 2.92
N GLY A 69 -11.60 -0.69 2.35
CA GLY A 69 -12.14 -1.33 1.11
C GLY A 69 -11.10 -2.27 0.53
N THR A 70 -10.40 -1.85 -0.52
CA THR A 70 -9.34 -2.70 -1.13
C THR A 70 -8.21 -1.85 -1.71
N TYR A 71 -7.11 -1.74 -1.00
CA TYR A 71 -5.95 -0.96 -1.51
C TYR A 71 -5.17 -1.84 -2.48
N ARG A 72 -4.81 -1.33 -3.64
CA ARG A 72 -4.07 -2.16 -4.64
C ARG A 72 -2.56 -1.95 -4.55
N CYS A 73 -1.84 -2.99 -4.20
CA CYS A 73 -0.35 -2.90 -4.15
C CYS A 73 0.17 -3.00 -5.57
N GLU A 74 1.07 -2.14 -5.98
CA GLU A 74 1.61 -2.20 -7.39
C GLU A 74 3.13 -2.05 -7.40
N GLY A 75 3.86 -3.16 -7.33
CA GLY A 75 5.35 -3.12 -7.36
C GLY A 75 5.77 -2.72 -8.77
N ARG A 76 6.51 -1.62 -8.92
CA ARG A 76 6.89 -1.16 -10.28
C ARG A 76 8.36 -0.72 -10.40
N ILE A 77 8.97 -1.09 -11.53
CA ILE A 77 10.39 -0.72 -11.83
C ILE A 77 10.40 0.04 -13.17
N LEU A 78 11.21 1.09 -13.26
CA LEU A 78 11.29 1.89 -14.51
C LEU A 78 12.43 1.38 -15.41
N ALA A 79 13.59 1.08 -14.82
CA ALA A 79 14.75 0.57 -15.64
C ALA A 79 14.37 -0.76 -16.32
N ARG A 80 13.97 -1.74 -15.52
CA ARG A 80 13.52 -3.05 -16.07
C ARG A 80 11.98 -3.05 -16.04
N GLY A 81 11.39 -2.10 -16.78
CA GLY A 81 9.89 -1.90 -16.88
C GLY A 81 9.03 -3.07 -16.36
N GLU A 82 8.84 -3.12 -15.05
CA GLU A 82 8.01 -4.22 -14.45
C GLU A 82 6.78 -3.60 -13.77
N ILE A 83 5.65 -4.28 -13.83
CA ILE A 83 4.39 -3.74 -13.21
C ILE A 83 3.63 -4.86 -12.46
N ASN A 84 4.19 -5.34 -11.37
CA ASN A 84 3.49 -6.40 -10.57
C ASN A 84 2.52 -5.72 -9.59
N PHE A 85 1.48 -6.41 -9.17
CA PHE A 85 0.49 -5.77 -8.23
C PHE A 85 -0.36 -6.81 -7.49
N LYS A 86 -1.28 -6.33 -6.67
CA LYS A 86 -2.20 -7.25 -5.90
C LYS A 86 -3.32 -6.42 -5.26
N ASP A 87 -4.36 -7.08 -4.79
CA ASP A 87 -5.50 -6.35 -4.12
C ASP A 87 -5.53 -6.67 -2.63
N ILE A 88 -5.26 -5.68 -1.81
CA ILE A 88 -5.26 -5.88 -0.31
C ILE A 88 -6.58 -5.33 0.24
N GLN A 89 -7.37 -6.18 0.87
CA GLN A 89 -8.68 -5.72 1.44
C GLN A 89 -8.44 -5.11 2.82
N VAL A 90 -8.92 -3.90 3.06
CA VAL A 90 -8.71 -3.26 4.40
C VAL A 90 -10.05 -2.93 5.04
N ILE A 91 -10.22 -3.27 6.30
CA ILE A 91 -11.50 -2.96 7.02
C ILE A 91 -11.19 -2.18 8.30
N VAL A 92 -12.05 -1.28 8.71
CA VAL A 92 -11.79 -0.48 9.96
C VAL A 92 -13.09 0.16 10.46
N TYR A 1 14.10 -7.23 -9.88
CA TYR A 1 12.90 -8.12 -9.75
C TYR A 1 12.00 -7.64 -8.62
N VAL A 2 10.81 -8.22 -8.50
CA VAL A 2 9.87 -7.84 -7.40
C VAL A 2 9.24 -9.10 -6.80
N MET A 3 9.84 -9.61 -5.75
CA MET A 3 9.29 -10.85 -5.10
C MET A 3 8.25 -10.46 -4.05
N PHE A 4 6.99 -10.68 -4.36
CA PHE A 4 5.89 -10.30 -3.41
C PHE A 4 5.95 -11.15 -2.13
N LYS A 5 6.10 -10.51 -0.99
CA LYS A 5 6.19 -11.27 0.31
C LYS A 5 5.34 -10.61 1.43
N ASN A 6 5.09 -11.38 2.48
CA ASN A 6 4.29 -10.94 3.70
C ASN A 6 3.22 -9.88 3.40
N ALA A 7 1.99 -10.30 3.19
CA ALA A 7 0.89 -9.32 2.89
C ALA A 7 -0.51 -9.98 3.04
N PRO A 8 -1.03 -10.04 4.28
CA PRO A 8 -2.39 -10.62 4.47
C PRO A 8 -3.42 -9.72 3.76
N THR A 9 -3.94 -10.17 2.64
CA THR A 9 -4.90 -9.33 1.83
C THR A 9 -6.07 -8.77 2.69
N PRO A 10 -6.99 -9.59 3.25
CA PRO A 10 -8.07 -9.01 4.09
C PRO A 10 -7.53 -8.59 5.49
N GLN A 11 -7.16 -7.34 5.67
CA GLN A 11 -6.65 -6.88 7.01
C GLN A 11 -7.77 -6.14 7.77
N GLU A 12 -7.49 -5.69 8.98
CA GLU A 12 -8.53 -4.97 9.79
C GLU A 12 -7.89 -4.13 10.92
N PHE A 13 -8.15 -2.84 10.92
CA PHE A 13 -7.59 -1.94 11.99
C PHE A 13 -8.74 -1.27 12.77
N LYS A 14 -8.43 -0.32 13.62
CA LYS A 14 -9.49 0.36 14.44
C LYS A 14 -9.84 1.74 13.86
N GLU A 15 -11.13 2.05 13.79
CA GLU A 15 -11.59 3.38 13.25
C GLU A 15 -11.04 4.53 14.10
N GLY A 16 -10.16 5.32 13.54
CA GLY A 16 -9.53 6.46 14.28
C GLY A 16 -8.17 6.05 14.88
N GLU A 17 -7.52 5.04 14.32
CA GLU A 17 -6.21 4.58 14.86
C GLU A 17 -5.09 4.75 13.81
N ASP A 18 -3.84 4.67 14.22
CA ASP A 18 -2.71 4.77 13.23
C ASP A 18 -2.55 3.39 12.60
N ALA A 19 -3.10 3.21 11.42
CA ALA A 19 -3.03 1.87 10.76
C ALA A 19 -1.93 1.81 9.70
N VAL A 20 -1.61 0.61 9.27
CA VAL A 20 -0.59 0.39 8.21
C VAL A 20 -1.10 -0.73 7.31
N ILE A 21 -0.92 -0.61 6.01
CA ILE A 21 -1.38 -1.72 5.13
C ILE A 21 -0.17 -2.60 4.87
N VAL A 22 -0.27 -3.85 5.27
CA VAL A 22 0.88 -4.81 5.15
C VAL A 22 1.00 -5.32 3.71
N CYS A 23 2.13 -5.04 3.10
CA CYS A 23 2.38 -5.50 1.70
C CYS A 23 3.89 -5.47 1.45
N ASP A 24 4.58 -6.58 1.69
CA ASP A 24 6.06 -6.60 1.48
C ASP A 24 6.36 -7.03 0.06
N VAL A 25 7.30 -6.39 -0.58
CA VAL A 25 7.66 -6.74 -1.98
C VAL A 25 9.16 -6.49 -2.17
N VAL A 26 9.89 -7.49 -2.60
CA VAL A 26 11.35 -7.31 -2.81
C VAL A 26 11.58 -6.75 -4.21
N SER A 27 11.30 -5.48 -4.39
CA SER A 27 11.52 -4.84 -5.74
C SER A 27 13.02 -4.61 -5.89
N SER A 28 13.51 -4.49 -7.11
CA SER A 28 15.00 -4.27 -7.37
C SER A 28 15.62 -3.30 -6.34
N LEU A 29 15.43 -2.00 -6.47
CA LEU A 29 15.97 -1.02 -5.45
C LEU A 29 15.46 0.43 -5.75
N PRO A 30 15.82 1.04 -6.90
CA PRO A 30 15.34 2.43 -7.17
C PRO A 30 13.77 2.52 -7.22
N PRO A 31 13.09 1.69 -8.04
CA PRO A 31 11.60 1.77 -8.13
C PRO A 31 10.92 1.44 -6.79
N THR A 32 9.61 1.18 -6.82
CA THR A 32 8.86 0.86 -5.53
C THR A 32 7.44 0.35 -5.86
N ILE A 33 6.58 0.29 -4.85
CA ILE A 33 5.17 -0.18 -5.05
C ILE A 33 4.22 1.04 -5.03
N ILE A 34 3.23 1.05 -5.89
CA ILE A 34 2.26 2.18 -5.92
C ILE A 34 0.96 1.73 -5.23
N TRP A 35 0.47 2.53 -4.30
CA TRP A 35 -0.80 2.16 -3.58
C TRP A 35 -1.99 2.79 -4.31
N LYS A 36 -2.86 1.97 -4.86
CA LYS A 36 -4.04 2.50 -5.62
C LYS A 36 -5.36 2.14 -4.91
N HIS A 37 -6.48 2.48 -5.53
CA HIS A 37 -7.86 2.19 -4.96
C HIS A 37 -8.04 2.91 -3.62
N LYS A 38 -9.28 3.28 -3.29
CA LYS A 38 -9.58 4.00 -2.00
C LYS A 38 -8.73 5.27 -1.88
N GLY A 39 -8.46 5.91 -3.00
CA GLY A 39 -7.62 7.14 -2.97
C GLY A 39 -7.03 7.44 -4.35
N ARG A 40 -6.84 6.41 -5.19
CA ARG A 40 -6.24 6.60 -6.57
C ARG A 40 -4.86 7.25 -6.45
N ASP A 41 -3.80 6.44 -6.48
CA ASP A 41 -2.39 6.97 -6.36
C ASP A 41 -2.25 7.82 -5.07
N VAL A 42 -2.17 7.17 -3.93
CA VAL A 42 -2.06 7.92 -2.62
C VAL A 42 -0.69 8.63 -2.55
N ILE A 43 0.35 7.97 -3.04
CA ILE A 43 1.74 8.57 -3.02
C ILE A 43 1.80 9.87 -3.85
N LEU A 44 0.83 10.12 -4.71
CA LEU A 44 0.85 11.37 -5.54
C LEU A 44 0.11 12.50 -4.81
N LYS A 45 -0.79 12.17 -3.91
CA LYS A 45 -1.53 13.22 -3.14
C LYS A 45 -0.88 13.40 -1.76
N LYS A 46 -0.40 12.31 -1.17
CA LYS A 46 0.27 12.35 0.17
C LYS A 46 -0.57 13.11 1.22
N ASP A 47 -1.81 12.71 1.39
CA ASP A 47 -2.72 13.38 2.40
C ASP A 47 -2.05 13.46 3.78
N VAL A 48 -2.60 14.24 4.68
CA VAL A 48 -1.99 14.37 6.06
C VAL A 48 -1.94 13.02 6.81
N ARG A 49 -2.74 12.05 6.39
CA ARG A 49 -2.74 10.71 7.08
C ARG A 49 -2.32 9.58 6.13
N PHE A 50 -1.25 9.77 5.37
CA PHE A 50 -0.75 8.68 4.46
C PHE A 50 0.77 8.76 4.36
N ILE A 51 1.46 7.86 5.01
CA ILE A 51 2.96 7.85 4.96
C ILE A 51 3.45 6.43 4.61
N VAL A 52 3.94 6.25 3.41
CA VAL A 52 4.44 4.88 3.00
C VAL A 52 5.78 4.63 3.72
N LEU A 53 6.02 3.43 4.17
CA LEU A 53 7.30 3.13 4.92
C LEU A 53 8.37 2.54 3.99
N SER A 54 9.59 2.44 4.48
CA SER A 54 10.72 1.86 3.67
C SER A 54 10.44 0.40 3.31
N ASN A 55 9.58 -0.28 4.06
CA ASN A 55 9.25 -1.71 3.74
C ASN A 55 8.06 -1.80 2.76
N ASN A 56 7.70 -0.71 2.10
CA ASN A 56 6.56 -0.69 1.09
C ASN A 56 5.19 -0.89 1.77
N TYR A 57 5.03 -0.39 2.98
CA TYR A 57 3.71 -0.51 3.69
C TYR A 57 3.02 0.84 3.62
N LEU A 58 1.73 0.93 3.96
CA LEU A 58 1.02 2.26 3.88
C LEU A 58 0.45 2.68 5.23
N GLN A 59 1.18 3.52 5.97
CA GLN A 59 0.67 3.98 7.31
C GLN A 59 -0.44 5.02 7.15
N ILE A 60 -1.68 4.60 7.32
CA ILE A 60 -2.81 5.57 7.23
C ILE A 60 -3.08 6.07 8.65
N ARG A 61 -2.88 7.35 8.91
CA ARG A 61 -3.08 7.89 10.29
C ARG A 61 -4.57 8.10 10.59
N GLY A 62 -5.09 7.30 11.51
CA GLY A 62 -6.51 7.42 11.92
C GLY A 62 -7.35 6.34 11.21
N ILE A 63 -7.03 6.01 9.98
CA ILE A 63 -7.79 4.97 9.18
C ILE A 63 -9.33 5.08 9.37
N LYS A 64 -9.92 6.09 8.75
CA LYS A 64 -11.41 6.33 8.89
C LYS A 64 -12.24 5.17 8.33
N LYS A 65 -13.48 5.08 8.77
CA LYS A 65 -14.41 4.00 8.28
C LYS A 65 -14.65 4.13 6.76
N THR A 66 -14.49 5.32 6.22
CA THR A 66 -14.70 5.53 4.75
C THR A 66 -13.43 5.17 3.96
N ASP A 67 -12.29 5.03 4.62
CA ASP A 67 -11.03 4.67 3.90
C ASP A 67 -10.78 3.14 3.91
N GLU A 68 -11.74 2.34 4.32
CA GLU A 68 -11.55 0.85 4.33
C GLU A 68 -12.19 0.23 3.07
N GLY A 69 -11.50 -0.70 2.44
CA GLY A 69 -12.06 -1.35 1.22
C GLY A 69 -11.01 -2.29 0.62
N THR A 70 -10.41 -1.91 -0.49
CA THR A 70 -9.36 -2.77 -1.13
C THR A 70 -8.25 -1.92 -1.73
N TYR A 71 -7.12 -1.84 -1.04
CA TYR A 71 -5.96 -1.06 -1.57
C TYR A 71 -5.18 -1.96 -2.54
N ARG A 72 -4.83 -1.45 -3.70
CA ARG A 72 -4.09 -2.30 -4.69
C ARG A 72 -2.59 -2.05 -4.61
N CYS A 73 -1.83 -3.08 -4.28
CA CYS A 73 -0.34 -2.95 -4.22
C CYS A 73 0.18 -3.08 -5.65
N GLU A 74 0.97 -2.13 -6.11
CA GLU A 74 1.49 -2.22 -7.52
C GLU A 74 3.03 -2.11 -7.53
N GLY A 75 3.71 -3.24 -7.37
CA GLY A 75 5.21 -3.24 -7.38
C GLY A 75 5.67 -2.87 -8.79
N ARG A 76 6.08 -1.64 -8.99
CA ARG A 76 6.48 -1.17 -10.35
C ARG A 76 7.98 -0.85 -10.45
N ILE A 77 8.57 -1.31 -11.54
CA ILE A 77 10.02 -1.05 -11.83
C ILE A 77 10.10 -0.23 -13.14
N LEU A 78 10.94 0.78 -13.15
CA LEU A 78 11.09 1.64 -14.38
C LEU A 78 12.19 1.12 -15.30
N ALA A 79 13.35 0.77 -14.77
CA ALA A 79 14.47 0.23 -15.63
C ALA A 79 14.00 -1.02 -16.38
N ARG A 80 13.58 -2.03 -15.65
CA ARG A 80 13.04 -3.27 -16.28
C ARG A 80 11.51 -3.15 -16.31
N GLY A 81 11.02 -2.09 -16.96
CA GLY A 81 9.53 -1.75 -17.08
C GLY A 81 8.59 -2.90 -16.70
N GLU A 82 8.33 -3.08 -15.43
CA GLU A 82 7.42 -4.16 -14.95
C GLU A 82 6.34 -3.57 -14.05
N ILE A 83 5.17 -4.18 -14.02
CA ILE A 83 4.05 -3.66 -13.16
C ILE A 83 3.33 -4.82 -12.46
N ASN A 84 3.95 -5.40 -11.45
CA ASN A 84 3.30 -6.51 -10.69
C ASN A 84 2.36 -5.91 -9.65
N PHE A 85 1.29 -6.60 -9.28
CA PHE A 85 0.33 -6.04 -8.27
C PHE A 85 -0.61 -7.10 -7.69
N LYS A 86 -1.44 -6.67 -6.75
CA LYS A 86 -2.45 -7.59 -6.13
C LYS A 86 -3.46 -6.74 -5.33
N ASP A 87 -4.60 -7.32 -4.99
CA ASP A 87 -5.65 -6.54 -4.22
C ASP A 87 -5.60 -6.86 -2.72
N ILE A 88 -5.35 -5.86 -1.90
CA ILE A 88 -5.31 -6.04 -0.42
C ILE A 88 -6.61 -5.47 0.16
N GLN A 89 -7.40 -6.31 0.81
CA GLN A 89 -8.70 -5.83 1.40
C GLN A 89 -8.43 -5.23 2.77
N VAL A 90 -8.86 -4.00 3.00
CA VAL A 90 -8.63 -3.35 4.34
C VAL A 90 -9.97 -3.00 4.98
N ILE A 91 -10.18 -3.46 6.20
CA ILE A 91 -11.45 -3.14 6.92
C ILE A 91 -11.10 -2.31 8.16
N VAL A 92 -12.05 -1.56 8.68
CA VAL A 92 -11.77 -0.72 9.89
C VAL A 92 -13.09 -0.35 10.60
N TYR A 1 14.62 -7.60 -9.52
CA TYR A 1 13.35 -8.37 -9.58
C TYR A 1 12.34 -7.83 -8.57
N VAL A 2 11.23 -8.54 -8.40
CA VAL A 2 10.16 -8.10 -7.43
C VAL A 2 9.51 -9.34 -6.82
N MET A 3 9.83 -9.65 -5.59
CA MET A 3 9.22 -10.87 -4.94
C MET A 3 8.21 -10.43 -3.87
N PHE A 4 6.93 -10.67 -4.12
CA PHE A 4 5.86 -10.26 -3.15
C PHE A 4 5.95 -11.07 -1.85
N LYS A 5 6.16 -10.40 -0.74
CA LYS A 5 6.27 -11.10 0.59
C LYS A 5 5.39 -10.43 1.66
N ASN A 6 5.08 -11.16 2.72
CA ASN A 6 4.24 -10.67 3.88
C ASN A 6 3.17 -9.63 3.48
N ALA A 7 2.28 -10.02 2.58
CA ALA A 7 1.22 -9.08 2.12
C ALA A 7 -0.20 -9.66 2.39
N PRO A 8 -0.67 -9.58 3.65
CA PRO A 8 -2.03 -10.10 3.99
C PRO A 8 -3.09 -9.26 3.25
N THR A 9 -3.80 -9.88 2.32
CA THR A 9 -4.82 -9.11 1.53
C THR A 9 -6.02 -8.68 2.44
N PRO A 10 -6.86 -9.59 2.97
CA PRO A 10 -7.98 -9.14 3.86
C PRO A 10 -7.44 -8.66 5.24
N GLN A 11 -7.09 -7.39 5.39
CA GLN A 11 -6.60 -6.89 6.73
C GLN A 11 -7.73 -6.16 7.47
N GLU A 12 -7.52 -5.81 8.72
CA GLU A 12 -8.58 -5.10 9.51
C GLU A 12 -7.98 -4.26 10.65
N PHE A 13 -8.34 -2.99 10.70
CA PHE A 13 -7.83 -2.08 11.77
C PHE A 13 -9.02 -1.41 12.49
N LYS A 14 -8.79 -0.35 13.24
CA LYS A 14 -9.91 0.34 13.98
C LYS A 14 -10.00 1.83 13.62
N GLU A 15 -11.21 2.34 13.53
CA GLU A 15 -11.43 3.80 13.19
C GLU A 15 -10.69 4.72 14.17
N GLY A 16 -10.13 5.79 13.67
CA GLY A 16 -9.38 6.75 14.53
C GLY A 16 -8.04 6.15 14.99
N GLU A 17 -7.59 5.04 14.41
CA GLU A 17 -6.29 4.43 14.86
C GLU A 17 -5.17 4.70 13.85
N ASP A 18 -3.93 4.67 14.27
CA ASP A 18 -2.79 4.84 13.32
C ASP A 18 -2.58 3.48 12.66
N ALA A 19 -3.16 3.28 11.51
CA ALA A 19 -3.06 1.94 10.83
C ALA A 19 -1.98 1.91 9.76
N VAL A 20 -1.64 0.73 9.33
CA VAL A 20 -0.61 0.55 8.26
C VAL A 20 -1.10 -0.57 7.36
N ILE A 21 -0.94 -0.45 6.07
CA ILE A 21 -1.39 -1.55 5.17
C ILE A 21 -0.19 -2.44 4.92
N VAL A 22 -0.27 -3.68 5.36
CA VAL A 22 0.88 -4.63 5.24
C VAL A 22 1.01 -5.16 3.81
N CYS A 23 2.13 -4.88 3.20
CA CYS A 23 2.39 -5.35 1.80
C CYS A 23 3.90 -5.30 1.54
N ASP A 24 4.60 -6.39 1.79
CA ASP A 24 6.08 -6.39 1.57
C ASP A 24 6.38 -6.87 0.16
N VAL A 25 7.35 -6.27 -0.47
CA VAL A 25 7.73 -6.67 -1.87
C VAL A 25 9.23 -6.46 -2.05
N VAL A 26 9.93 -7.48 -2.51
CA VAL A 26 11.40 -7.35 -2.72
C VAL A 26 11.65 -6.83 -4.13
N SER A 27 11.38 -5.56 -4.36
CA SER A 27 11.64 -4.98 -5.71
C SER A 27 13.13 -4.71 -5.80
N SER A 28 13.66 -4.54 -7.01
CA SER A 28 15.15 -4.28 -7.20
C SER A 28 15.70 -3.28 -6.14
N LEU A 29 15.46 -1.98 -6.30
CA LEU A 29 15.93 -0.98 -5.26
C LEU A 29 15.42 0.46 -5.58
N PRO A 30 15.82 1.07 -6.71
CA PRO A 30 15.34 2.45 -7.01
C PRO A 30 13.78 2.54 -7.11
N PRO A 31 13.12 1.71 -7.94
CA PRO A 31 11.63 1.78 -8.06
C PRO A 31 10.92 1.48 -6.74
N THR A 32 9.61 1.22 -6.79
CA THR A 32 8.83 0.93 -5.51
C THR A 32 7.41 0.42 -5.83
N ILE A 33 6.57 0.33 -4.82
CA ILE A 33 5.16 -0.14 -5.02
C ILE A 33 4.22 1.08 -5.03
N ILE A 34 3.23 1.07 -5.89
CA ILE A 34 2.26 2.22 -5.93
C ILE A 34 0.96 1.78 -5.24
N TRP A 35 0.49 2.58 -4.30
CA TRP A 35 -0.78 2.24 -3.59
C TRP A 35 -1.96 2.86 -4.34
N LYS A 36 -2.82 2.05 -4.94
CA LYS A 36 -3.98 2.59 -5.71
C LYS A 36 -5.31 2.23 -5.04
N HIS A 37 -6.42 2.59 -5.67
CA HIS A 37 -7.81 2.30 -5.13
C HIS A 37 -8.02 3.00 -3.78
N LYS A 38 -9.28 3.31 -3.45
CA LYS A 38 -9.60 4.01 -2.16
C LYS A 38 -8.79 5.32 -2.03
N GLY A 39 -8.58 5.99 -3.12
CA GLY A 39 -7.79 7.25 -3.10
C GLY A 39 -7.15 7.52 -4.48
N ARG A 40 -6.96 6.48 -5.30
CA ARG A 40 -6.33 6.64 -6.67
C ARG A 40 -4.96 7.31 -6.55
N ASP A 41 -3.90 6.52 -6.57
CA ASP A 41 -2.49 7.06 -6.44
C ASP A 41 -2.35 7.90 -5.16
N VAL A 42 -2.20 7.25 -4.02
CA VAL A 42 -2.10 8.00 -2.72
C VAL A 42 -0.74 8.73 -2.66
N ILE A 43 0.30 8.10 -3.17
CA ILE A 43 1.69 8.73 -3.16
C ILE A 43 1.71 10.07 -3.92
N LEU A 44 0.73 10.34 -4.75
CA LEU A 44 0.71 11.62 -5.52
C LEU A 44 -0.05 12.71 -4.74
N LYS A 45 -0.93 12.32 -3.83
CA LYS A 45 -1.67 13.32 -3.01
C LYS A 45 -1.01 13.45 -1.63
N LYS A 46 -0.53 12.34 -1.09
CA LYS A 46 0.15 12.33 0.26
C LYS A 46 -0.66 13.08 1.32
N ASP A 47 -1.90 12.67 1.51
CA ASP A 47 -2.81 13.33 2.53
C ASP A 47 -2.12 13.51 3.90
N VAL A 48 -2.71 14.27 4.78
CA VAL A 48 -2.09 14.53 6.14
C VAL A 48 -1.90 13.22 6.94
N ARG A 49 -2.60 12.15 6.59
CA ARG A 49 -2.46 10.87 7.35
C ARG A 49 -1.85 9.72 6.51
N PHE A 50 -1.45 9.98 5.28
CA PHE A 50 -0.86 8.88 4.44
C PHE A 50 0.67 8.98 4.39
N ILE A 51 1.35 8.05 5.01
CA ILE A 51 2.85 8.04 4.99
C ILE A 51 3.35 6.64 4.64
N VAL A 52 3.84 6.44 3.44
CA VAL A 52 4.34 5.08 3.04
C VAL A 52 5.68 4.83 3.75
N LEU A 53 5.87 3.63 4.28
CA LEU A 53 7.14 3.33 5.03
C LEU A 53 8.23 2.77 4.11
N SER A 54 9.46 2.72 4.60
CA SER A 54 10.60 2.18 3.79
C SER A 54 10.37 0.70 3.41
N ASN A 55 9.51 -0.01 4.14
CA ASN A 55 9.22 -1.43 3.81
C ASN A 55 8.04 -1.56 2.83
N ASN A 56 7.66 -0.50 2.14
CA ASN A 56 6.53 -0.51 1.13
C ASN A 56 5.16 -0.71 1.82
N TYR A 57 5.01 -0.22 3.05
CA TYR A 57 3.69 -0.34 3.76
C TYR A 57 2.98 1.02 3.69
N LEU A 58 1.69 1.08 3.98
CA LEU A 58 0.97 2.42 3.92
C LEU A 58 0.38 2.82 5.27
N GLN A 59 1.03 3.74 5.96
CA GLN A 59 0.51 4.19 7.30
C GLN A 59 -0.61 5.21 7.14
N ILE A 60 -1.84 4.78 7.34
CA ILE A 60 -2.99 5.72 7.27
C ILE A 60 -3.30 6.18 8.71
N ARG A 61 -2.94 7.39 9.05
CA ARG A 61 -3.16 7.90 10.45
C ARG A 61 -4.66 8.09 10.71
N GLY A 62 -5.21 7.30 11.60
CA GLY A 62 -6.65 7.40 11.95
C GLY A 62 -7.45 6.31 11.24
N ILE A 63 -7.13 6.02 9.98
CA ILE A 63 -7.87 4.98 9.17
C ILE A 63 -9.41 5.05 9.35
N LYS A 64 -10.01 6.07 8.79
CA LYS A 64 -11.51 6.29 8.92
C LYS A 64 -12.30 5.14 8.29
N LYS A 65 -13.55 4.98 8.70
CA LYS A 65 -14.43 3.90 8.13
C LYS A 65 -14.67 4.12 6.63
N THR A 66 -14.53 5.34 6.16
CA THR A 66 -14.73 5.64 4.69
C THR A 66 -13.46 5.27 3.89
N ASP A 67 -12.33 5.12 4.56
CA ASP A 67 -11.07 4.78 3.84
C ASP A 67 -10.81 3.25 3.81
N GLU A 68 -11.77 2.43 4.22
CA GLU A 68 -11.56 0.95 4.20
C GLU A 68 -12.19 0.33 2.93
N GLY A 69 -11.56 -0.68 2.37
CA GLY A 69 -12.12 -1.34 1.15
C GLY A 69 -11.06 -2.27 0.56
N THR A 70 -10.41 -1.84 -0.51
CA THR A 70 -9.36 -2.70 -1.14
C THR A 70 -8.23 -1.84 -1.72
N TYR A 71 -7.11 -1.77 -1.03
CA TYR A 71 -5.94 -0.98 -1.55
C TYR A 71 -5.15 -1.87 -2.52
N ARG A 72 -4.79 -1.34 -3.67
CA ARG A 72 -4.03 -2.17 -4.65
C ARG A 72 -2.52 -1.96 -4.51
N CYS A 73 -1.80 -3.01 -4.24
CA CYS A 73 -0.31 -2.91 -4.14
C CYS A 73 0.24 -3.07 -5.55
N GLU A 74 0.99 -2.11 -6.05
CA GLU A 74 1.53 -2.23 -7.46
C GLU A 74 3.06 -2.08 -7.48
N GLY A 75 3.76 -3.19 -7.31
CA GLY A 75 5.27 -3.16 -7.34
C GLY A 75 5.70 -2.83 -8.78
N ARG A 76 6.26 -1.66 -8.99
CA ARG A 76 6.64 -1.25 -10.39
C ARG A 76 8.12 -0.85 -10.51
N ILE A 77 8.74 -1.28 -11.60
CA ILE A 77 10.16 -0.93 -11.91
C ILE A 77 10.20 -0.18 -13.25
N LEU A 78 10.99 0.87 -13.34
CA LEU A 78 11.09 1.66 -14.60
C LEU A 78 12.24 1.15 -15.48
N ALA A 79 13.41 0.91 -14.89
CA ALA A 79 14.59 0.40 -15.69
C ALA A 79 14.22 -0.93 -16.37
N ARG A 80 13.80 -1.90 -15.59
CA ARG A 80 13.38 -3.21 -16.14
C ARG A 80 11.84 -3.24 -16.12
N GLY A 81 11.24 -2.30 -16.85
CA GLY A 81 9.73 -2.11 -16.96
C GLY A 81 8.88 -3.28 -16.45
N GLU A 82 8.69 -3.35 -15.14
CA GLU A 82 7.89 -4.46 -14.53
C GLU A 82 6.66 -3.87 -13.83
N ILE A 83 5.54 -4.57 -13.88
CA ILE A 83 4.29 -4.06 -13.22
C ILE A 83 3.56 -5.18 -12.47
N ASN A 84 4.10 -5.60 -11.34
CA ASN A 84 3.43 -6.67 -10.53
C ASN A 84 2.49 -5.99 -9.54
N PHE A 85 1.37 -6.62 -9.19
CA PHE A 85 0.43 -5.97 -8.23
C PHE A 85 -0.48 -6.99 -7.52
N LYS A 86 -1.38 -6.48 -6.70
CA LYS A 86 -2.34 -7.36 -5.93
C LYS A 86 -3.43 -6.48 -5.31
N ASP A 87 -4.51 -7.09 -4.86
CA ASP A 87 -5.62 -6.31 -4.20
C ASP A 87 -5.67 -6.63 -2.71
N ILE A 88 -5.29 -5.69 -1.89
CA ILE A 88 -5.30 -5.90 -0.40
C ILE A 88 -6.65 -5.38 0.14
N GLN A 89 -7.46 -6.28 0.65
CA GLN A 89 -8.81 -5.88 1.19
C GLN A 89 -8.64 -5.32 2.60
N VAL A 90 -8.74 -4.03 2.76
CA VAL A 90 -8.58 -3.41 4.12
C VAL A 90 -9.95 -3.10 4.73
N ILE A 91 -10.12 -3.41 5.99
CA ILE A 91 -11.41 -3.12 6.69
C ILE A 91 -11.09 -2.32 7.97
N VAL A 92 -12.04 -1.58 8.47
CA VAL A 92 -11.79 -0.77 9.71
C VAL A 92 -13.12 -0.41 10.40
N TYR A 1 14.75 -7.59 -9.51
CA TYR A 1 13.46 -8.36 -9.64
C TYR A 1 12.41 -7.80 -8.67
N VAL A 2 11.30 -8.50 -8.52
CA VAL A 2 10.21 -8.04 -7.60
C VAL A 2 9.53 -9.27 -6.98
N MET A 3 9.76 -9.52 -5.72
CA MET A 3 9.11 -10.71 -5.04
C MET A 3 8.16 -10.26 -3.94
N PHE A 4 6.87 -10.49 -4.12
CA PHE A 4 5.85 -10.07 -3.11
C PHE A 4 5.94 -10.91 -1.83
N LYS A 5 6.27 -10.29 -0.72
CA LYS A 5 6.36 -11.04 0.58
C LYS A 5 5.36 -10.45 1.57
N ASN A 6 4.96 -11.23 2.55
CA ASN A 6 3.97 -10.78 3.61
C ASN A 6 2.79 -10.00 2.98
N ALA A 7 1.81 -10.70 2.46
CA ALA A 7 0.65 -10.02 1.81
C ALA A 7 -0.72 -10.49 2.39
N PRO A 8 -0.94 -10.37 3.72
CA PRO A 8 -2.26 -10.74 4.29
C PRO A 8 -3.32 -9.79 3.70
N THR A 9 -3.91 -10.18 2.60
CA THR A 9 -4.90 -9.28 1.89
C THR A 9 -6.05 -8.77 2.82
N PRO A 10 -6.81 -9.63 3.52
CA PRO A 10 -7.89 -9.11 4.40
C PRO A 10 -7.34 -8.61 5.75
N GLN A 11 -7.02 -7.33 5.87
CA GLN A 11 -6.50 -6.80 7.18
C GLN A 11 -7.62 -6.06 7.93
N GLU A 12 -7.38 -5.70 9.18
CA GLU A 12 -8.43 -4.99 9.98
C GLU A 12 -7.81 -4.17 11.13
N PHE A 13 -7.99 -2.85 11.11
CA PHE A 13 -7.44 -1.98 12.19
C PHE A 13 -8.58 -1.33 12.99
N LYS A 14 -8.26 -0.38 13.85
CA LYS A 14 -9.32 0.28 14.68
C LYS A 14 -9.70 1.67 14.12
N GLU A 15 -10.98 1.98 14.15
CA GLU A 15 -11.48 3.30 13.63
C GLU A 15 -10.84 4.47 14.40
N GLY A 16 -10.11 5.31 13.71
CA GLY A 16 -9.44 6.47 14.36
C GLY A 16 -8.07 6.07 14.94
N GLU A 17 -7.46 5.01 14.43
CA GLU A 17 -6.13 4.57 14.96
C GLU A 17 -5.03 4.72 13.89
N ASP A 18 -3.78 4.68 14.31
CA ASP A 18 -2.66 4.77 13.31
C ASP A 18 -2.50 3.40 12.68
N ALA A 19 -3.06 3.21 11.51
CA ALA A 19 -2.99 1.87 10.85
C ALA A 19 -1.90 1.82 9.79
N VAL A 20 -1.64 0.63 9.29
CA VAL A 20 -0.62 0.44 8.22
C VAL A 20 -1.14 -0.65 7.29
N ILE A 21 -0.95 -0.52 6.00
CA ILE A 21 -1.42 -1.59 5.07
C ILE A 21 -0.23 -2.49 4.81
N VAL A 22 -0.33 -3.73 5.25
CA VAL A 22 0.80 -4.70 5.12
C VAL A 22 0.96 -5.19 3.69
N CYS A 23 2.12 -4.97 3.12
CA CYS A 23 2.41 -5.42 1.73
C CYS A 23 3.93 -5.37 1.49
N ASP A 24 4.64 -6.45 1.79
CA ASP A 24 6.12 -6.45 1.58
C ASP A 24 6.42 -6.89 0.16
N VAL A 25 7.45 -6.33 -0.42
CA VAL A 25 7.85 -6.72 -1.82
C VAL A 25 9.35 -6.51 -1.98
N VAL A 26 10.02 -7.44 -2.60
CA VAL A 26 11.49 -7.28 -2.83
C VAL A 26 11.71 -6.78 -4.25
N SER A 27 11.50 -5.51 -4.47
CA SER A 27 11.72 -4.92 -5.83
C SER A 27 13.23 -4.69 -5.96
N SER A 28 13.72 -4.51 -7.17
CA SER A 28 15.21 -4.28 -7.41
C SER A 28 15.81 -3.32 -6.35
N LEU A 29 15.64 -2.01 -6.50
CA LEU A 29 16.17 -1.05 -5.45
C LEU A 29 15.68 0.41 -5.70
N PRO A 30 16.03 1.06 -6.83
CA PRO A 30 15.55 2.46 -7.06
C PRO A 30 13.99 2.57 -7.10
N PRO A 31 13.30 1.77 -7.94
CA PRO A 31 11.81 1.87 -8.02
C PRO A 31 11.11 1.54 -6.70
N THR A 32 9.80 1.27 -6.75
CA THR A 32 9.04 0.94 -5.47
C THR A 32 7.62 0.45 -5.82
N ILE A 33 6.76 0.35 -4.81
CA ILE A 33 5.35 -0.09 -5.04
C ILE A 33 4.42 1.13 -5.07
N ILE A 34 3.28 1.01 -5.73
CA ILE A 34 2.31 2.15 -5.79
C ILE A 34 1.00 1.70 -5.11
N TRP A 35 0.46 2.53 -4.23
CA TRP A 35 -0.81 2.18 -3.54
C TRP A 35 -1.97 2.80 -4.30
N LYS A 36 -2.71 1.99 -5.04
CA LYS A 36 -3.86 2.52 -5.84
C LYS A 36 -5.20 2.16 -5.17
N HIS A 37 -6.30 2.43 -5.86
CA HIS A 37 -7.68 2.14 -5.31
C HIS A 37 -7.94 3.05 -4.11
N LYS A 38 -9.18 3.13 -3.66
CA LYS A 38 -9.55 4.01 -2.48
C LYS A 38 -9.14 5.47 -2.73
N GLY A 39 -9.07 5.89 -3.98
CA GLY A 39 -8.66 7.29 -4.30
C GLY A 39 -7.45 7.28 -5.24
N ARG A 40 -7.44 6.39 -6.22
CA ARG A 40 -6.30 6.30 -7.22
C ARG A 40 -4.94 6.21 -6.48
N ASP A 41 -3.85 6.49 -7.17
CA ASP A 41 -2.49 6.43 -6.52
C ASP A 41 -2.41 7.42 -5.34
N VAL A 42 -2.33 6.91 -4.13
CA VAL A 42 -2.29 7.80 -2.92
C VAL A 42 -0.96 8.59 -2.88
N ILE A 43 0.10 8.06 -3.47
CA ILE A 43 1.43 8.77 -3.48
C ILE A 43 1.34 10.16 -4.16
N LEU A 44 0.30 10.40 -4.94
CA LEU A 44 0.16 11.73 -5.63
C LEU A 44 -0.64 12.72 -4.78
N LYS A 45 -1.45 12.24 -3.85
CA LYS A 45 -2.24 13.18 -2.99
C LYS A 45 -1.51 13.38 -1.65
N LYS A 46 -0.92 12.32 -1.12
CA LYS A 46 -0.17 12.39 0.19
C LYS A 46 -0.96 13.15 1.28
N ASP A 47 -2.18 12.72 1.53
CA ASP A 47 -3.04 13.39 2.58
C ASP A 47 -2.30 13.49 3.93
N VAL A 48 -2.85 14.23 4.86
CA VAL A 48 -2.19 14.39 6.21
C VAL A 48 -2.04 13.04 6.93
N ARG A 49 -2.81 12.03 6.54
CA ARG A 49 -2.73 10.69 7.22
C ARG A 49 -2.31 9.58 6.23
N PHE A 50 -1.28 9.79 5.44
CA PHE A 50 -0.80 8.73 4.49
C PHE A 50 0.73 8.81 4.34
N ILE A 51 1.44 7.96 5.05
CA ILE A 51 2.94 7.95 4.97
C ILE A 51 3.41 6.53 4.63
N VAL A 52 3.98 6.33 3.46
CA VAL A 52 4.45 4.96 3.06
C VAL A 52 5.80 4.69 3.75
N LEU A 53 5.94 3.53 4.37
CA LEU A 53 7.22 3.19 5.11
C LEU A 53 8.30 2.67 4.15
N SER A 54 9.54 2.66 4.61
CA SER A 54 10.68 2.14 3.77
C SER A 54 10.47 0.66 3.39
N ASN A 55 9.62 -0.06 4.12
CA ASN A 55 9.36 -1.49 3.79
C ASN A 55 8.16 -1.65 2.83
N ASN A 56 7.77 -0.58 2.14
CA ASN A 56 6.63 -0.60 1.15
C ASN A 56 5.26 -0.82 1.83
N TYR A 57 5.10 -0.33 3.04
CA TYR A 57 3.78 -0.45 3.76
C TYR A 57 3.08 0.90 3.69
N LEU A 58 1.80 0.97 4.01
CA LEU A 58 1.09 2.32 3.93
C LEU A 58 0.49 2.71 5.28
N GLN A 59 1.19 3.55 6.03
CA GLN A 59 0.68 4.00 7.37
C GLN A 59 -0.45 5.02 7.20
N ILE A 60 -1.67 4.60 7.44
CA ILE A 60 -2.83 5.54 7.34
C ILE A 60 -3.13 6.05 8.75
N ARG A 61 -2.88 7.32 9.01
CA ARG A 61 -3.10 7.89 10.38
C ARG A 61 -4.60 8.03 10.70
N GLY A 62 -5.08 7.24 11.63
CA GLY A 62 -6.51 7.31 12.04
C GLY A 62 -7.34 6.24 11.33
N ILE A 63 -7.02 5.93 10.08
CA ILE A 63 -7.78 4.89 9.27
C ILE A 63 -9.32 5.01 9.46
N LYS A 64 -9.89 6.08 8.95
CA LYS A 64 -11.37 6.33 9.09
C LYS A 64 -12.22 5.19 8.50
N LYS A 65 -13.46 5.09 8.93
CA LYS A 65 -14.37 4.01 8.41
C LYS A 65 -14.61 4.18 6.90
N THR A 66 -14.43 5.38 6.38
CA THR A 66 -14.62 5.61 4.91
C THR A 66 -13.35 5.23 4.11
N ASP A 67 -12.22 5.09 4.78
CA ASP A 67 -10.95 4.72 4.06
C ASP A 67 -10.71 3.20 4.07
N GLU A 68 -11.69 2.39 4.50
CA GLU A 68 -11.50 0.91 4.50
C GLU A 68 -12.16 0.30 3.24
N GLY A 69 -11.54 -0.71 2.67
CA GLY A 69 -12.12 -1.37 1.45
C GLY A 69 -11.08 -2.29 0.83
N THR A 70 -10.46 -1.87 -0.27
CA THR A 70 -9.43 -2.73 -0.92
C THR A 70 -8.32 -1.87 -1.55
N TYR A 71 -7.18 -1.79 -0.90
CA TYR A 71 -6.03 -1.01 -1.46
C TYR A 71 -5.28 -1.90 -2.43
N ARG A 72 -4.92 -1.38 -3.60
CA ARG A 72 -4.19 -2.21 -4.59
C ARG A 72 -2.69 -1.98 -4.52
N CYS A 73 -1.95 -3.03 -4.19
CA CYS A 73 -0.46 -2.92 -4.14
C CYS A 73 0.04 -3.03 -5.57
N GLU A 74 0.94 -2.16 -5.98
CA GLU A 74 1.47 -2.23 -7.40
C GLU A 74 2.99 -2.09 -7.41
N GLY A 75 3.71 -3.20 -7.34
CA GLY A 75 5.21 -3.16 -7.38
C GLY A 75 5.64 -2.74 -8.79
N ARG A 76 6.33 -1.62 -8.92
CA ARG A 76 6.71 -1.14 -10.29
C ARG A 76 8.19 -0.74 -10.42
N ILE A 77 8.78 -1.12 -11.55
CA ILE A 77 10.20 -0.76 -11.87
C ILE A 77 10.21 0.08 -13.15
N LEU A 78 11.01 1.12 -13.18
CA LEU A 78 11.09 2.01 -14.39
C LEU A 78 12.21 1.56 -15.33
N ALA A 79 13.35 1.14 -14.79
CA ALA A 79 14.49 0.66 -15.65
C ALA A 79 14.07 -0.61 -16.39
N ARG A 80 13.66 -1.62 -15.65
CA ARG A 80 13.19 -2.88 -16.27
C ARG A 80 11.66 -2.90 -16.19
N GLY A 81 11.03 -1.93 -16.86
CA GLY A 81 9.53 -1.71 -16.90
C GLY A 81 8.69 -2.90 -16.36
N GLU A 82 8.58 -2.98 -15.05
CA GLU A 82 7.79 -4.07 -14.42
C GLU A 82 6.54 -3.49 -13.75
N ILE A 83 5.44 -4.22 -13.73
CA ILE A 83 4.18 -3.70 -13.11
C ILE A 83 3.43 -4.83 -12.34
N ASN A 84 4.06 -5.36 -11.32
CA ASN A 84 3.39 -6.44 -10.50
C ASN A 84 2.39 -5.77 -9.54
N PHE A 85 1.40 -6.49 -9.07
CA PHE A 85 0.40 -5.86 -8.14
C PHE A 85 -0.41 -6.89 -7.34
N LYS A 86 -1.37 -6.41 -6.57
CA LYS A 86 -2.26 -7.30 -5.75
C LYS A 86 -3.41 -6.47 -5.16
N ASP A 87 -4.41 -7.14 -4.62
CA ASP A 87 -5.58 -6.41 -3.99
C ASP A 87 -5.64 -6.71 -2.49
N ILE A 88 -5.29 -5.74 -1.68
CA ILE A 88 -5.31 -5.92 -0.19
C ILE A 88 -6.63 -5.38 0.35
N GLN A 89 -7.44 -6.25 0.91
CA GLN A 89 -8.77 -5.84 1.46
C GLN A 89 -8.59 -5.30 2.89
N VAL A 90 -8.78 -4.02 3.09
CA VAL A 90 -8.61 -3.43 4.45
C VAL A 90 -9.96 -3.10 5.07
N ILE A 91 -10.12 -3.39 6.34
CA ILE A 91 -11.40 -3.09 7.05
C ILE A 91 -11.06 -2.30 8.33
N VAL A 92 -12.00 -1.55 8.86
CA VAL A 92 -11.74 -0.76 10.10
C VAL A 92 -13.07 -0.43 10.82
N TYR A 1 14.83 -7.47 -9.48
CA TYR A 1 13.65 -8.40 -9.48
C TYR A 1 12.54 -7.87 -8.57
N VAL A 2 11.49 -8.65 -8.37
CA VAL A 2 10.36 -8.22 -7.49
C VAL A 2 9.75 -9.45 -6.83
N MET A 3 10.01 -9.66 -5.56
CA MET A 3 9.45 -10.86 -4.84
C MET A 3 8.39 -10.41 -3.82
N PHE A 4 7.14 -10.74 -4.09
CA PHE A 4 6.02 -10.34 -3.16
C PHE A 4 6.08 -11.14 -1.87
N LYS A 5 6.35 -10.49 -0.77
CA LYS A 5 6.45 -11.20 0.56
C LYS A 5 5.59 -10.54 1.65
N ASN A 6 5.36 -11.28 2.72
CA ASN A 6 4.55 -10.83 3.93
C ASN A 6 3.45 -9.81 3.61
N ALA A 7 2.23 -10.27 3.41
CA ALA A 7 1.11 -9.33 3.09
C ALA A 7 -0.27 -10.02 3.28
N PRO A 8 -0.80 -10.04 4.52
CA PRO A 8 -2.14 -10.64 4.75
C PRO A 8 -3.19 -9.78 4.03
N THR A 9 -3.68 -10.26 2.90
CA THR A 9 -4.67 -9.46 2.08
C THR A 9 -5.86 -8.92 2.94
N PRO A 10 -6.76 -9.76 3.49
CA PRO A 10 -7.86 -9.19 4.33
C PRO A 10 -7.32 -8.73 5.71
N GLN A 11 -6.98 -7.45 5.86
CA GLN A 11 -6.48 -6.94 7.18
C GLN A 11 -7.62 -6.23 7.94
N GLU A 12 -7.38 -5.84 9.17
CA GLU A 12 -8.44 -5.15 9.96
C GLU A 12 -7.84 -4.26 11.07
N PHE A 13 -8.14 -2.97 11.05
CA PHE A 13 -7.63 -2.03 12.09
C PHE A 13 -8.82 -1.38 12.83
N LYS A 14 -8.56 -0.37 13.64
CA LYS A 14 -9.67 0.29 14.41
C LYS A 14 -10.01 1.67 13.81
N GLU A 15 -11.29 1.99 13.75
CA GLU A 15 -11.75 3.31 13.19
C GLU A 15 -11.20 4.46 14.04
N GLY A 16 -10.29 5.23 13.49
CA GLY A 16 -9.68 6.38 14.25
C GLY A 16 -8.32 5.96 14.84
N GLU A 17 -7.68 4.93 14.31
CA GLU A 17 -6.36 4.48 14.86
C GLU A 17 -5.25 4.65 13.80
N ASP A 18 -4.00 4.58 14.22
CA ASP A 18 -2.87 4.69 13.24
C ASP A 18 -2.67 3.31 12.63
N ALA A 19 -3.17 3.09 11.44
CA ALA A 19 -3.05 1.75 10.80
C ALA A 19 -1.97 1.72 9.73
N VAL A 20 -1.60 0.53 9.29
CA VAL A 20 -0.59 0.35 8.22
C VAL A 20 -1.09 -0.75 7.30
N ILE A 21 -0.91 -0.61 6.01
CA ILE A 21 -1.36 -1.71 5.09
C ILE A 21 -0.13 -2.58 4.85
N VAL A 22 -0.18 -3.80 5.35
CA VAL A 22 1.00 -4.73 5.24
C VAL A 22 1.12 -5.26 3.81
N CYS A 23 2.26 -5.02 3.21
CA CYS A 23 2.52 -5.49 1.81
C CYS A 23 4.03 -5.43 1.55
N ASP A 24 4.75 -6.52 1.79
CA ASP A 24 6.22 -6.50 1.56
C ASP A 24 6.53 -6.97 0.15
N VAL A 25 7.45 -6.31 -0.50
CA VAL A 25 7.83 -6.69 -1.91
C VAL A 25 9.31 -6.38 -2.10
N VAL A 26 10.07 -7.37 -2.52
CA VAL A 26 11.53 -7.13 -2.73
C VAL A 26 11.75 -6.70 -4.18
N SER A 27 11.48 -5.45 -4.47
CA SER A 27 11.71 -4.93 -5.85
C SER A 27 13.21 -4.69 -6.03
N SER A 28 13.68 -4.49 -7.24
CA SER A 28 15.17 -4.27 -7.48
C SER A 28 15.75 -3.25 -6.45
N LEU A 29 15.57 -1.95 -6.65
CA LEU A 29 16.08 -0.95 -5.64
C LEU A 29 15.49 0.47 -5.88
N PRO A 30 15.79 1.14 -7.00
CA PRO A 30 15.22 2.51 -7.21
C PRO A 30 13.67 2.53 -7.23
N PRO A 31 13.00 1.71 -8.06
CA PRO A 31 11.51 1.72 -8.13
C PRO A 31 10.84 1.35 -6.79
N THR A 32 9.54 1.05 -6.82
CA THR A 32 8.80 0.69 -5.55
C THR A 32 7.36 0.22 -5.89
N ILE A 33 6.47 0.24 -4.91
CA ILE A 33 5.06 -0.20 -5.14
C ILE A 33 4.13 1.03 -5.16
N ILE A 34 3.07 0.97 -5.93
CA ILE A 34 2.09 2.10 -5.99
C ILE A 34 0.80 1.67 -5.30
N TRP A 35 0.35 2.41 -4.32
CA TRP A 35 -0.91 2.05 -3.60
C TRP A 35 -2.11 2.59 -4.37
N LYS A 36 -3.00 1.73 -4.79
CA LYS A 36 -4.19 2.17 -5.61
C LYS A 36 -5.51 1.59 -5.06
N HIS A 37 -6.58 1.70 -5.85
CA HIS A 37 -7.93 1.16 -5.46
C HIS A 37 -8.53 1.94 -4.28
N LYS A 38 -8.57 3.25 -4.38
CA LYS A 38 -9.16 4.11 -3.32
C LYS A 38 -9.47 5.52 -3.87
N GLY A 39 -9.77 5.61 -5.15
CA GLY A 39 -10.05 6.93 -5.78
C GLY A 39 -8.98 7.19 -6.83
N ARG A 40 -7.73 7.11 -6.43
CA ARG A 40 -6.58 7.36 -7.37
C ARG A 40 -5.28 6.89 -6.71
N ASP A 41 -4.14 7.30 -7.24
CA ASP A 41 -2.83 6.90 -6.63
C ASP A 41 -2.62 7.71 -5.35
N VAL A 42 -2.52 7.07 -4.21
CA VAL A 42 -2.34 7.84 -2.92
C VAL A 42 -0.98 8.57 -2.91
N ILE A 43 0.04 7.97 -3.52
CA ILE A 43 1.41 8.59 -3.59
C ILE A 43 1.38 9.97 -4.29
N LEU A 44 0.34 10.26 -5.05
CA LEU A 44 0.28 11.58 -5.77
C LEU A 44 -0.46 12.63 -4.92
N LYS A 45 -1.28 12.21 -3.97
CA LYS A 45 -2.02 13.19 -3.11
C LYS A 45 -1.26 13.35 -1.77
N LYS A 46 -0.73 12.25 -1.25
CA LYS A 46 0.04 12.27 0.04
C LYS A 46 -0.71 13.04 1.15
N ASP A 47 -1.94 12.65 1.40
CA ASP A 47 -2.77 13.34 2.46
C ASP A 47 -2.05 13.29 3.82
N VAL A 48 -2.44 14.14 4.74
CA VAL A 48 -1.78 14.18 6.10
C VAL A 48 -1.88 12.81 6.82
N ARG A 49 -2.81 11.97 6.41
CA ARG A 49 -2.98 10.64 7.07
C ARG A 49 -2.50 9.49 6.16
N PHE A 50 -1.42 9.70 5.42
CA PHE A 50 -0.88 8.61 4.53
C PHE A 50 0.65 8.70 4.49
N ILE A 51 1.33 7.78 5.15
CA ILE A 51 2.82 7.79 5.17
C ILE A 51 3.33 6.41 4.72
N VAL A 52 3.77 6.30 3.48
CA VAL A 52 4.28 4.98 2.97
C VAL A 52 5.66 4.72 3.59
N LEU A 53 5.87 3.54 4.12
CA LEU A 53 7.19 3.21 4.78
C LEU A 53 8.21 2.67 3.77
N SER A 54 9.47 2.69 4.15
CA SER A 54 10.57 2.17 3.24
C SER A 54 10.36 0.68 2.91
N ASN A 55 9.58 -0.03 3.71
CA ASN A 55 9.33 -1.49 3.42
C ASN A 55 8.06 -1.69 2.54
N ASN A 56 7.61 -0.64 1.85
CA ASN A 56 6.41 -0.72 0.93
C ASN A 56 5.09 -0.92 1.72
N TYR A 57 5.00 -0.39 2.92
CA TYR A 57 3.74 -0.50 3.73
C TYR A 57 3.03 0.86 3.66
N LEU A 58 1.75 0.91 4.00
CA LEU A 58 1.03 2.24 3.94
C LEU A 58 0.44 2.63 5.29
N GLN A 59 1.14 3.48 6.03
CA GLN A 59 0.64 3.92 7.37
C GLN A 59 -0.48 4.95 7.21
N ILE A 60 -1.73 4.52 7.31
CA ILE A 60 -2.88 5.46 7.20
C ILE A 60 -3.21 5.95 8.62
N ARG A 61 -3.04 7.23 8.87
CA ARG A 61 -3.31 7.78 10.24
C ARG A 61 -4.81 7.91 10.49
N GLY A 62 -5.31 7.14 11.44
CA GLY A 62 -6.75 7.19 11.80
C GLY A 62 -7.52 6.06 11.11
N ILE A 63 -7.16 5.72 9.88
CA ILE A 63 -7.86 4.63 9.08
C ILE A 63 -9.40 4.68 9.25
N LYS A 64 -10.01 5.68 8.67
CA LYS A 64 -11.50 5.87 8.78
C LYS A 64 -12.25 4.76 8.06
N LYS A 65 -13.43 4.42 8.54
CA LYS A 65 -14.28 3.36 7.87
C LYS A 65 -14.62 3.78 6.43
N THR A 66 -14.61 5.08 6.15
CA THR A 66 -14.90 5.56 4.75
C THR A 66 -13.71 5.20 3.83
N ASP A 67 -12.54 4.92 4.39
CA ASP A 67 -11.35 4.58 3.55
C ASP A 67 -11.07 3.06 3.54
N GLU A 68 -11.86 2.25 4.24
CA GLU A 68 -11.62 0.77 4.24
C GLU A 68 -12.19 0.15 2.96
N GLY A 69 -11.65 -0.95 2.51
CA GLY A 69 -12.15 -1.61 1.26
C GLY A 69 -11.09 -2.59 0.75
N THR A 70 -10.37 -2.20 -0.28
CA THR A 70 -9.30 -3.08 -0.83
C THR A 70 -8.21 -2.23 -1.50
N TYR A 71 -7.08 -2.09 -0.85
CA TYR A 71 -5.95 -1.29 -1.45
C TYR A 71 -5.17 -2.19 -2.41
N ARG A 72 -4.82 -1.69 -3.57
CA ARG A 72 -4.07 -2.54 -4.56
C ARG A 72 -2.57 -2.26 -4.47
N CYS A 73 -1.80 -3.28 -4.17
CA CYS A 73 -0.30 -3.12 -4.11
C CYS A 73 0.23 -3.28 -5.53
N GLU A 74 0.83 -2.26 -6.08
CA GLU A 74 1.37 -2.36 -7.48
C GLU A 74 2.90 -2.23 -7.50
N GLY A 75 3.61 -3.34 -7.34
CA GLY A 75 5.12 -3.31 -7.37
C GLY A 75 5.55 -2.99 -8.80
N ARG A 76 6.16 -1.84 -9.02
CA ARG A 76 6.55 -1.46 -10.41
C ARG A 76 8.02 -0.99 -10.53
N ILE A 77 8.62 -1.36 -11.66
CA ILE A 77 10.02 -0.95 -11.99
C ILE A 77 10.00 -0.16 -13.30
N LEU A 78 10.77 0.92 -13.35
CA LEU A 78 10.81 1.77 -14.60
C LEU A 78 11.97 1.32 -15.50
N ALA A 79 13.10 0.96 -14.93
CA ALA A 79 14.27 0.50 -15.77
C ALA A 79 13.91 -0.80 -16.49
N ARG A 80 13.55 -1.81 -15.73
CA ARG A 80 13.11 -3.11 -16.33
C ARG A 80 11.57 -3.13 -16.30
N GLY A 81 10.95 -2.16 -16.98
CA GLY A 81 9.44 -1.96 -17.06
C GLY A 81 8.61 -3.15 -16.58
N GLU A 82 8.44 -3.27 -15.27
CA GLU A 82 7.64 -4.40 -14.70
C GLU A 82 6.42 -3.86 -13.95
N ILE A 83 5.31 -4.56 -14.02
CA ILE A 83 4.06 -4.10 -13.31
C ILE A 83 3.38 -5.26 -12.56
N ASN A 84 3.95 -5.65 -11.43
CA ASN A 84 3.35 -6.76 -10.61
C ASN A 84 2.41 -6.15 -9.57
N PHE A 85 1.35 -6.84 -9.18
CA PHE A 85 0.41 -6.27 -8.16
C PHE A 85 -0.52 -7.34 -7.55
N LYS A 86 -1.34 -6.91 -6.60
CA LYS A 86 -2.34 -7.83 -5.95
C LYS A 86 -3.36 -6.99 -5.15
N ASP A 87 -4.46 -7.58 -4.75
CA ASP A 87 -5.51 -6.83 -3.98
C ASP A 87 -5.45 -7.11 -2.48
N ILE A 88 -5.20 -6.09 -1.70
CA ILE A 88 -5.15 -6.23 -0.21
C ILE A 88 -6.48 -5.70 0.36
N GLN A 89 -7.25 -6.56 0.99
CA GLN A 89 -8.57 -6.13 1.55
C GLN A 89 -8.37 -5.49 2.92
N VAL A 90 -8.80 -4.27 3.11
CA VAL A 90 -8.62 -3.59 4.43
C VAL A 90 -9.98 -3.25 5.03
N ILE A 91 -10.19 -3.60 6.28
CA ILE A 91 -11.50 -3.29 6.96
C ILE A 91 -11.21 -2.55 8.27
N VAL A 92 -12.13 -1.74 8.73
CA VAL A 92 -11.91 -0.98 10.01
C VAL A 92 -13.25 -0.81 10.77
N TYR A 1 15.08 -7.37 -9.05
CA TYR A 1 13.85 -8.17 -9.35
C TYR A 1 12.66 -7.64 -8.56
N VAL A 2 11.55 -8.37 -8.55
CA VAL A 2 10.32 -7.94 -7.82
C VAL A 2 9.63 -9.17 -7.19
N MET A 3 9.71 -9.33 -5.89
CA MET A 3 9.06 -10.51 -5.21
C MET A 3 8.00 -10.06 -4.21
N PHE A 4 6.74 -10.34 -4.48
CA PHE A 4 5.63 -9.95 -3.55
C PHE A 4 5.64 -10.83 -2.29
N LYS A 5 6.07 -10.26 -1.18
CA LYS A 5 6.15 -11.03 0.11
C LYS A 5 5.23 -10.40 1.16
N ASN A 6 5.06 -11.10 2.28
CA ASN A 6 4.22 -10.63 3.47
C ASN A 6 3.10 -9.64 3.09
N ALA A 7 2.16 -10.07 2.29
CA ALA A 7 1.05 -9.16 1.85
C ALA A 7 -0.35 -9.79 2.09
N PRO A 8 -0.73 -9.99 3.37
CA PRO A 8 -2.09 -10.54 3.68
C PRO A 8 -3.14 -9.53 3.19
N THR A 9 -3.84 -9.84 2.13
CA THR A 9 -4.84 -8.86 1.57
C THR A 9 -5.98 -8.53 2.56
N PRO A 10 -6.58 -9.50 3.27
CA PRO A 10 -7.72 -9.15 4.16
C PRO A 10 -7.22 -8.67 5.54
N GLN A 11 -6.89 -7.39 5.68
CA GLN A 11 -6.42 -6.87 7.01
C GLN A 11 -7.56 -6.14 7.75
N GLU A 12 -7.34 -5.76 9.00
CA GLU A 12 -8.40 -5.05 9.78
C GLU A 12 -7.79 -4.24 10.94
N PHE A 13 -8.01 -2.93 10.95
CA PHE A 13 -7.46 -2.06 12.05
C PHE A 13 -8.62 -1.43 12.84
N LYS A 14 -8.31 -0.48 13.71
CA LYS A 14 -9.37 0.18 14.54
C LYS A 14 -9.74 1.56 13.97
N GLU A 15 -11.03 1.85 13.90
CA GLU A 15 -11.51 3.18 13.36
C GLU A 15 -10.96 4.33 14.21
N GLY A 16 -10.15 5.18 13.62
CA GLY A 16 -9.54 6.34 14.36
C GLY A 16 -8.17 5.94 14.94
N GLU A 17 -7.53 4.93 14.39
CA GLU A 17 -6.19 4.49 14.92
C GLU A 17 -5.09 4.67 13.87
N ASP A 18 -3.84 4.63 14.28
CA ASP A 18 -2.71 4.76 13.30
C ASP A 18 -2.52 3.38 12.66
N ALA A 19 -3.06 3.18 11.48
CA ALA A 19 -2.95 1.85 10.83
C ALA A 19 -1.87 1.82 9.76
N VAL A 20 -1.52 0.64 9.31
CA VAL A 20 -0.50 0.48 8.24
C VAL A 20 -0.98 -0.64 7.32
N ILE A 21 -0.82 -0.50 6.02
CA ILE A 21 -1.25 -1.60 5.11
C ILE A 21 -0.02 -2.44 4.86
N VAL A 22 -0.07 -3.68 5.28
CA VAL A 22 1.11 -4.60 5.14
C VAL A 22 1.23 -5.13 3.71
N CYS A 23 2.30 -4.80 3.05
CA CYS A 23 2.53 -5.27 1.66
C CYS A 23 4.04 -5.28 1.40
N ASP A 24 4.70 -6.42 1.58
CA ASP A 24 6.17 -6.48 1.36
C ASP A 24 6.44 -6.86 -0.09
N VAL A 25 7.39 -6.22 -0.71
CA VAL A 25 7.74 -6.56 -2.13
C VAL A 25 9.24 -6.33 -2.33
N VAL A 26 9.97 -7.34 -2.74
CA VAL A 26 11.43 -7.15 -2.94
C VAL A 26 11.65 -6.60 -4.35
N SER A 27 11.47 -5.31 -4.50
CA SER A 27 11.67 -4.67 -5.83
C SER A 27 13.15 -4.30 -5.95
N SER A 28 13.67 -4.20 -7.16
CA SER A 28 15.14 -3.86 -7.37
C SER A 28 15.60 -2.69 -6.44
N LEU A 29 15.40 -1.44 -6.83
CA LEU A 29 15.81 -0.30 -5.93
C LEU A 29 15.20 1.06 -6.38
N PRO A 30 15.52 1.57 -7.60
CA PRO A 30 14.95 2.89 -8.02
C PRO A 30 13.40 2.88 -8.05
N PRO A 31 12.76 1.93 -8.76
CA PRO A 31 11.26 1.90 -8.80
C PRO A 31 10.67 1.61 -7.40
N THR A 32 9.38 1.34 -7.32
CA THR A 32 8.73 1.03 -5.97
C THR A 32 7.28 0.55 -6.19
N ILE A 33 6.48 0.54 -5.13
CA ILE A 33 5.06 0.11 -5.23
C ILE A 33 4.15 1.35 -5.30
N ILE A 34 3.02 1.22 -5.97
CA ILE A 34 2.07 2.37 -6.07
C ILE A 34 0.77 1.98 -5.34
N TRP A 35 0.45 2.68 -4.28
CA TRP A 35 -0.80 2.37 -3.52
C TRP A 35 -1.99 3.02 -4.23
N LYS A 36 -2.80 2.23 -4.92
CA LYS A 36 -3.98 2.81 -5.66
C LYS A 36 -5.29 2.43 -4.98
N HIS A 37 -6.41 2.79 -5.59
CA HIS A 37 -7.78 2.48 -5.02
C HIS A 37 -7.97 3.18 -3.68
N LYS A 38 -9.20 3.49 -3.30
CA LYS A 38 -9.49 4.19 -1.98
C LYS A 38 -8.65 5.47 -1.85
N GLY A 39 -8.33 6.09 -2.97
CA GLY A 39 -7.50 7.33 -2.94
C GLY A 39 -6.86 7.59 -4.31
N ARG A 40 -6.62 6.56 -5.09
CA ARG A 40 -5.99 6.71 -6.47
C ARG A 40 -4.63 7.43 -6.35
N ASP A 41 -3.54 6.68 -6.41
CA ASP A 41 -2.15 7.27 -6.29
C ASP A 41 -2.04 8.09 -4.98
N VAL A 42 -2.03 7.40 -3.85
CA VAL A 42 -1.95 8.12 -2.53
C VAL A 42 -0.58 8.83 -2.41
N ILE A 43 0.46 8.21 -2.91
CA ILE A 43 1.85 8.83 -2.86
C ILE A 43 1.89 10.17 -3.62
N LEU A 44 0.93 10.43 -4.49
CA LEU A 44 0.92 11.72 -5.26
C LEU A 44 0.13 12.80 -4.51
N LYS A 45 -0.78 12.41 -3.62
CA LYS A 45 -1.56 13.42 -2.85
C LYS A 45 -0.94 13.60 -1.45
N LYS A 46 -0.46 12.51 -0.87
CA LYS A 46 0.17 12.56 0.50
C LYS A 46 -0.72 13.30 1.52
N ASP A 47 -1.96 12.88 1.65
CA ASP A 47 -2.92 13.54 2.61
C ASP A 47 -2.33 13.63 4.02
N VAL A 48 -2.99 14.31 4.92
CA VAL A 48 -2.48 14.47 6.33
C VAL A 48 -2.34 13.11 7.05
N ARG A 49 -3.01 12.09 6.56
CA ARG A 49 -2.95 10.75 7.23
C ARG A 49 -2.44 9.65 6.29
N PHE A 50 -1.36 9.89 5.58
CA PHE A 50 -0.78 8.84 4.67
C PHE A 50 0.75 8.94 4.64
N ILE A 51 1.42 7.98 5.26
CA ILE A 51 2.92 7.98 5.29
C ILE A 51 3.44 6.61 4.83
N VAL A 52 3.89 6.51 3.61
CA VAL A 52 4.42 5.20 3.09
C VAL A 52 5.78 4.94 3.73
N LEU A 53 5.97 3.77 4.33
CA LEU A 53 7.28 3.45 5.01
C LEU A 53 8.33 2.96 4.01
N SER A 54 9.59 2.94 4.44
CA SER A 54 10.71 2.46 3.55
C SER A 54 10.49 0.99 3.10
N ASN A 55 9.68 0.24 3.84
CA ASN A 55 9.42 -1.19 3.44
C ASN A 55 8.17 -1.30 2.54
N ASN A 56 7.77 -0.22 1.88
CA ASN A 56 6.57 -0.23 0.95
C ASN A 56 5.25 -0.51 1.68
N TYR A 57 5.12 -0.05 2.91
CA TYR A 57 3.84 -0.22 3.67
C TYR A 57 3.10 1.11 3.65
N LEU A 58 1.82 1.14 3.98
CA LEU A 58 1.06 2.47 3.95
C LEU A 58 0.50 2.82 5.32
N GLN A 59 1.20 3.65 6.07
CA GLN A 59 0.71 4.06 7.42
C GLN A 59 -0.43 5.09 7.30
N ILE A 60 -1.66 4.64 7.35
CA ILE A 60 -2.80 5.61 7.28
C ILE A 60 -3.09 6.06 8.71
N ARG A 61 -2.93 7.35 8.98
CA ARG A 61 -3.13 7.86 10.37
C ARG A 61 -4.63 8.03 10.70
N GLY A 62 -5.12 7.20 11.59
CA GLY A 62 -6.55 7.28 12.00
C GLY A 62 -7.37 6.21 11.28
N ILE A 63 -7.04 5.90 10.03
CA ILE A 63 -7.78 4.87 9.21
C ILE A 63 -9.32 4.95 9.40
N LYS A 64 -9.91 6.01 8.89
CA LYS A 64 -11.41 6.22 9.02
C LYS A 64 -12.22 5.07 8.43
N LYS A 65 -13.45 4.92 8.88
CA LYS A 65 -14.35 3.83 8.34
C LYS A 65 -14.59 4.01 6.83
N THR A 66 -14.43 5.21 6.32
CA THR A 66 -14.62 5.47 4.85
C THR A 66 -13.35 5.11 4.05
N ASP A 67 -12.21 5.04 4.72
CA ASP A 67 -10.92 4.70 4.01
C ASP A 67 -10.68 3.18 3.99
N GLU A 68 -11.62 2.36 4.43
CA GLU A 68 -11.42 0.88 4.42
C GLU A 68 -12.06 0.29 3.15
N GLY A 69 -11.42 -0.68 2.53
CA GLY A 69 -11.98 -1.30 1.29
C GLY A 69 -10.93 -2.22 0.66
N THR A 70 -10.34 -1.79 -0.44
CA THR A 70 -9.30 -2.62 -1.12
C THR A 70 -8.18 -1.75 -1.71
N TYR A 71 -7.05 -1.70 -1.06
CA TYR A 71 -5.90 -0.90 -1.58
C TYR A 71 -5.13 -1.74 -2.61
N ARG A 72 -4.78 -1.17 -3.74
CA ARG A 72 -4.02 -1.96 -4.77
C ARG A 72 -2.51 -1.80 -4.58
N CYS A 73 -1.83 -2.89 -4.34
CA CYS A 73 -0.35 -2.86 -4.18
C CYS A 73 0.28 -3.00 -5.56
N GLU A 74 0.54 -1.91 -6.25
CA GLU A 74 1.14 -2.00 -7.62
C GLU A 74 2.67 -1.93 -7.53
N GLY A 75 3.32 -3.07 -7.35
CA GLY A 75 4.81 -3.12 -7.29
C GLY A 75 5.35 -2.87 -8.68
N ARG A 76 5.61 -1.62 -9.02
CA ARG A 76 6.09 -1.30 -10.39
C ARG A 76 7.61 -1.15 -10.48
N ILE A 77 8.18 -1.92 -11.40
CA ILE A 77 9.65 -1.90 -11.67
C ILE A 77 9.85 -2.06 -13.19
N LEU A 78 9.89 -0.96 -13.90
CA LEU A 78 10.12 -1.03 -15.38
C LEU A 78 11.59 -0.78 -15.72
N ALA A 79 12.48 -0.97 -14.76
CA ALA A 79 13.95 -0.78 -15.00
C ALA A 79 14.68 -2.12 -14.96
N ARG A 80 14.11 -3.12 -14.30
CA ARG A 80 14.77 -4.45 -14.21
C ARG A 80 13.81 -5.56 -14.66
N GLY A 81 12.71 -5.72 -13.96
CA GLY A 81 11.73 -6.80 -14.31
C GLY A 81 10.55 -6.26 -15.12
N GLU A 82 9.57 -5.67 -14.46
CA GLU A 82 8.33 -5.14 -15.17
C GLU A 82 7.36 -4.50 -14.14
N ILE A 83 6.10 -4.33 -14.51
CA ILE A 83 5.07 -3.74 -13.58
C ILE A 83 4.22 -4.86 -12.95
N ASN A 84 4.28 -5.02 -11.64
CA ASN A 84 3.48 -6.09 -10.95
C ASN A 84 2.50 -5.43 -9.97
N PHE A 85 1.44 -6.13 -9.58
CA PHE A 85 0.47 -5.52 -8.62
C PHE A 85 -0.34 -6.58 -7.84
N LYS A 86 -1.16 -6.11 -6.91
CA LYS A 86 -2.03 -7.04 -6.11
C LYS A 86 -3.11 -6.20 -5.40
N ASP A 87 -4.09 -6.85 -4.82
CA ASP A 87 -5.19 -6.11 -4.09
C ASP A 87 -5.18 -6.46 -2.59
N ILE A 88 -5.29 -5.47 -1.74
CA ILE A 88 -5.30 -5.70 -0.26
C ILE A 88 -6.65 -5.22 0.29
N GLN A 89 -7.48 -6.15 0.71
CA GLN A 89 -8.82 -5.78 1.28
C GLN A 89 -8.63 -5.28 2.71
N VAL A 90 -8.63 -3.98 2.90
CA VAL A 90 -8.44 -3.41 4.28
C VAL A 90 -9.81 -3.10 4.91
N ILE A 91 -9.96 -3.44 6.17
CA ILE A 91 -11.24 -3.16 6.88
C ILE A 91 -10.91 -2.36 8.16
N VAL A 92 -11.88 -1.66 8.70
CA VAL A 92 -11.64 -0.85 9.95
C VAL A 92 -12.97 -0.54 10.67
N TYR A 1 15.24 -7.12 -8.99
CA TYR A 1 14.01 -7.84 -9.45
C TYR A 1 12.79 -7.39 -8.62
N VAL A 2 11.70 -8.12 -8.69
CA VAL A 2 10.44 -7.74 -7.94
C VAL A 2 9.77 -9.01 -7.39
N MET A 3 9.86 -9.24 -6.11
CA MET A 3 9.22 -10.48 -5.50
C MET A 3 8.20 -10.08 -4.43
N PHE A 4 6.94 -10.40 -4.65
CA PHE A 4 5.86 -10.04 -3.66
C PHE A 4 5.93 -10.94 -2.42
N LYS A 5 6.23 -10.36 -1.28
CA LYS A 5 6.32 -11.14 0.00
C LYS A 5 5.45 -10.52 1.12
N ASN A 6 5.17 -11.30 2.14
CA ASN A 6 4.35 -10.88 3.34
C ASN A 6 3.26 -9.85 3.00
N ALA A 7 2.14 -10.31 2.47
CA ALA A 7 1.04 -9.37 2.09
C ALA A 7 -0.34 -9.95 2.50
N PRO A 8 -0.72 -9.84 3.78
CA PRO A 8 -2.04 -10.35 4.24
C PRO A 8 -3.14 -9.53 3.55
N THR A 9 -3.69 -10.03 2.46
CA THR A 9 -4.72 -9.26 1.68
C THR A 9 -5.90 -8.76 2.59
N PRO A 10 -6.82 -9.59 3.10
CA PRO A 10 -7.90 -9.04 3.98
C PRO A 10 -7.35 -8.62 5.36
N GLN A 11 -7.04 -7.35 5.57
CA GLN A 11 -6.55 -6.89 6.91
C GLN A 11 -7.68 -6.20 7.70
N GLU A 12 -7.42 -5.77 8.91
CA GLU A 12 -8.48 -5.11 9.73
C GLU A 12 -7.88 -4.20 10.81
N PHE A 13 -8.31 -2.95 10.86
CA PHE A 13 -7.78 -1.99 11.91
C PHE A 13 -8.96 -1.33 12.65
N LYS A 14 -8.69 -0.31 13.44
CA LYS A 14 -9.77 0.35 14.22
C LYS A 14 -9.99 1.82 13.78
N GLU A 15 -11.22 2.27 13.83
CA GLU A 15 -11.57 3.69 13.44
C GLU A 15 -10.85 4.68 14.36
N GLY A 16 -10.04 5.54 13.79
CA GLY A 16 -9.28 6.55 14.61
C GLY A 16 -7.96 5.93 15.12
N GLU A 17 -7.46 4.89 14.47
CA GLU A 17 -6.19 4.25 14.94
C GLU A 17 -5.04 4.47 13.93
N ASP A 18 -3.81 4.32 14.38
CA ASP A 18 -2.64 4.45 13.46
C ASP A 18 -2.47 3.12 12.76
N ALA A 19 -2.98 3.00 11.55
CA ALA A 19 -2.90 1.70 10.82
C ALA A 19 -1.84 1.69 9.73
N VAL A 20 -1.50 0.51 9.29
CA VAL A 20 -0.50 0.34 8.19
C VAL A 20 -1.02 -0.76 7.27
N ILE A 21 -0.84 -0.63 5.98
CA ILE A 21 -1.31 -1.72 5.07
C ILE A 21 -0.10 -2.57 4.78
N VAL A 22 -0.14 -3.82 5.22
CA VAL A 22 1.03 -4.75 5.07
C VAL A 22 1.13 -5.26 3.63
N CYS A 23 2.25 -4.99 3.00
CA CYS A 23 2.49 -5.44 1.59
C CYS A 23 4.00 -5.39 1.31
N ASP A 24 4.69 -6.50 1.48
CA ASP A 24 6.17 -6.50 1.25
C ASP A 24 6.46 -6.92 -0.19
N VAL A 25 7.44 -6.29 -0.79
CA VAL A 25 7.81 -6.63 -2.21
C VAL A 25 9.31 -6.38 -2.39
N VAL A 26 10.05 -7.39 -2.81
CA VAL A 26 11.52 -7.20 -3.01
C VAL A 26 11.74 -6.56 -4.38
N SER A 27 11.55 -5.26 -4.46
CA SER A 27 11.74 -4.55 -5.74
C SER A 27 13.23 -4.17 -5.85
N SER A 28 13.75 -4.00 -7.05
CA SER A 28 15.22 -3.65 -7.24
C SER A 28 15.67 -2.53 -6.26
N LEU A 29 15.44 -1.26 -6.56
CA LEU A 29 15.86 -0.16 -5.61
C LEU A 29 15.26 1.21 -6.03
N PRO A 30 15.58 1.76 -7.22
CA PRO A 30 15.01 3.09 -7.60
C PRO A 30 13.46 3.08 -7.66
N PRO A 31 12.83 2.17 -8.43
CA PRO A 31 11.33 2.16 -8.51
C PRO A 31 10.69 1.83 -7.14
N THR A 32 9.40 1.51 -7.12
CA THR A 32 8.69 1.18 -5.82
C THR A 32 7.27 0.64 -6.09
N ILE A 33 6.45 0.57 -5.06
CA ILE A 33 5.04 0.08 -5.20
C ILE A 33 4.07 1.27 -5.16
N ILE A 34 3.08 1.28 -6.03
CA ILE A 34 2.09 2.40 -6.03
C ILE A 34 0.80 1.92 -5.34
N TRP A 35 0.36 2.63 -4.32
CA TRP A 35 -0.88 2.23 -3.60
C TRP A 35 -2.08 2.82 -4.35
N LYS A 36 -2.87 1.98 -4.99
CA LYS A 36 -4.03 2.49 -5.78
C LYS A 36 -5.37 2.14 -5.10
N HIS A 37 -6.47 2.45 -5.77
CA HIS A 37 -7.86 2.20 -5.23
C HIS A 37 -8.11 3.07 -4.01
N LYS A 38 -9.38 3.40 -3.74
CA LYS A 38 -9.77 4.27 -2.57
C LYS A 38 -9.06 5.64 -2.66
N GLY A 39 -9.16 6.29 -3.81
CA GLY A 39 -8.51 7.63 -3.97
C GLY A 39 -7.68 7.70 -5.28
N ARG A 40 -7.63 6.62 -6.07
CA ARG A 40 -6.83 6.62 -7.36
C ARG A 40 -5.38 7.03 -7.10
N ASP A 41 -4.52 6.05 -6.82
CA ASP A 41 -3.05 6.33 -6.54
C ASP A 41 -2.91 7.33 -5.38
N VAL A 42 -2.68 6.84 -4.18
CA VAL A 42 -2.55 7.76 -2.99
C VAL A 42 -1.25 8.61 -3.10
N ILE A 43 -0.26 8.13 -3.83
CA ILE A 43 1.03 8.90 -3.99
C ILE A 43 0.80 10.30 -4.62
N LEU A 44 -0.33 10.52 -5.25
CA LEU A 44 -0.61 11.85 -5.88
C LEU A 44 -1.33 12.79 -4.91
N LYS A 45 -2.01 12.24 -3.91
CA LYS A 45 -2.72 13.10 -2.91
C LYS A 45 -1.85 13.25 -1.65
N LYS A 46 -1.22 12.15 -1.24
CA LYS A 46 -0.33 12.17 -0.02
C LYS A 46 -1.00 12.86 1.18
N ASP A 47 -2.17 12.41 1.57
CA ASP A 47 -2.91 13.01 2.74
C ASP A 47 -2.02 13.12 3.99
N VAL A 48 -2.32 14.03 4.88
CA VAL A 48 -1.48 14.23 6.12
C VAL A 48 -1.32 12.91 6.92
N ARG A 49 -2.24 11.98 6.77
CA ARG A 49 -2.14 10.69 7.52
C ARG A 49 -1.58 9.54 6.66
N PHE A 50 -1.32 9.77 5.38
CA PHE A 50 -0.76 8.68 4.52
C PHE A 50 0.77 8.79 4.45
N ILE A 51 1.45 7.86 5.07
CA ILE A 51 2.95 7.87 5.06
C ILE A 51 3.45 6.47 4.65
N VAL A 52 3.91 6.34 3.42
CA VAL A 52 4.42 5.00 2.95
C VAL A 52 5.78 4.74 3.60
N LEU A 53 5.95 3.60 4.23
CA LEU A 53 7.25 3.28 4.92
C LEU A 53 8.32 2.77 3.95
N SER A 54 9.56 2.74 4.40
CA SER A 54 10.69 2.24 3.53
C SER A 54 10.47 0.78 3.12
N ASN A 55 9.67 0.02 3.86
CA ASN A 55 9.42 -1.41 3.49
C ASN A 55 8.18 -1.54 2.56
N ASN A 56 7.77 -0.45 1.90
CA ASN A 56 6.59 -0.46 0.95
C ASN A 56 5.25 -0.72 1.66
N TYR A 57 5.10 -0.25 2.88
CA TYR A 57 3.81 -0.41 3.63
C TYR A 57 3.07 0.93 3.60
N LEU A 58 1.79 0.97 3.95
CA LEU A 58 1.05 2.30 3.91
C LEU A 58 0.50 2.68 5.28
N GLN A 59 1.21 3.54 6.01
CA GLN A 59 0.72 3.97 7.37
C GLN A 59 -0.38 5.03 7.26
N ILE A 60 -1.62 4.62 7.43
CA ILE A 60 -2.75 5.60 7.40
C ILE A 60 -3.01 6.02 8.86
N ARG A 61 -2.56 7.21 9.24
CA ARG A 61 -2.74 7.68 10.65
C ARG A 61 -4.20 7.99 10.95
N GLY A 62 -4.78 7.25 11.87
CA GLY A 62 -6.19 7.48 12.26
C GLY A 62 -7.11 6.48 11.54
N ILE A 63 -6.78 6.12 10.30
CA ILE A 63 -7.59 5.15 9.46
C ILE A 63 -9.12 5.27 9.70
N LYS A 64 -9.78 6.05 8.87
CA LYS A 64 -11.26 6.25 9.03
C LYS A 64 -12.03 5.00 8.58
N LYS A 65 -13.17 4.74 9.20
CA LYS A 65 -14.00 3.54 8.82
C LYS A 65 -14.49 3.66 7.36
N THR A 66 -14.48 4.84 6.78
CA THR A 66 -14.93 5.03 5.36
C THR A 66 -13.76 4.80 4.37
N ASP A 67 -12.52 4.77 4.85
CA ASP A 67 -11.35 4.55 3.94
C ASP A 67 -11.00 3.06 3.83
N GLU A 68 -11.87 2.16 4.25
CA GLU A 68 -11.59 0.70 4.14
C GLU A 68 -12.22 0.12 2.85
N GLY A 69 -11.62 -0.90 2.29
CA GLY A 69 -12.16 -1.51 1.04
C GLY A 69 -11.11 -2.43 0.42
N THR A 70 -10.42 -1.97 -0.60
CA THR A 70 -9.35 -2.81 -1.23
C THR A 70 -8.23 -1.93 -1.80
N TYR A 71 -7.13 -1.84 -1.09
CA TYR A 71 -5.96 -1.05 -1.59
C TYR A 71 -5.17 -1.92 -2.57
N ARG A 72 -4.81 -1.39 -3.72
CA ARG A 72 -4.06 -2.22 -4.71
C ARG A 72 -2.56 -1.97 -4.60
N CYS A 73 -1.81 -3.02 -4.32
CA CYS A 73 -0.32 -2.90 -4.25
C CYS A 73 0.21 -3.01 -5.67
N GLU A 74 0.77 -1.96 -6.22
CA GLU A 74 1.29 -2.01 -7.63
C GLU A 74 2.82 -1.94 -7.62
N GLY A 75 3.48 -3.07 -7.44
CA GLY A 75 4.98 -3.10 -7.43
C GLY A 75 5.50 -2.73 -8.82
N ARG A 76 5.85 -1.48 -9.01
CA ARG A 76 6.31 -1.02 -10.36
C ARG A 76 7.82 -0.87 -10.43
N ILE A 77 8.43 -1.66 -11.31
CA ILE A 77 9.90 -1.63 -11.52
C ILE A 77 10.18 -1.81 -13.03
N LEU A 78 10.26 -0.72 -13.74
CA LEU A 78 10.56 -0.79 -15.21
C LEU A 78 12.05 -0.48 -15.47
N ALA A 79 12.90 -0.75 -14.49
CA ALA A 79 14.36 -0.49 -14.65
C ALA A 79 15.12 -1.82 -14.70
N ARG A 80 14.65 -2.80 -13.96
CA ARG A 80 15.33 -4.13 -13.92
C ARG A 80 14.40 -5.23 -14.44
N GLY A 81 13.29 -5.45 -13.75
CA GLY A 81 12.34 -6.53 -14.14
C GLY A 81 11.17 -5.98 -14.96
N GLU A 82 10.15 -5.46 -14.27
CA GLU A 82 8.90 -4.92 -14.95
C GLU A 82 7.87 -4.46 -13.88
N ILE A 83 6.59 -4.44 -14.22
CA ILE A 83 5.53 -4.03 -13.23
C ILE A 83 4.77 -5.25 -12.69
N ASN A 84 4.22 -5.14 -11.50
CA ASN A 84 3.44 -6.26 -10.88
C ASN A 84 2.44 -5.69 -9.86
N PHE A 85 1.43 -6.44 -9.48
CA PHE A 85 0.44 -5.90 -8.47
C PHE A 85 -0.49 -6.99 -7.88
N LYS A 86 -1.32 -6.59 -6.93
CA LYS A 86 -2.31 -7.52 -6.30
C LYS A 86 -3.32 -6.69 -5.48
N ASP A 87 -4.47 -7.26 -5.16
CA ASP A 87 -5.50 -6.50 -4.37
C ASP A 87 -5.45 -6.84 -2.86
N ILE A 88 -5.27 -5.84 -2.03
CA ILE A 88 -5.22 -6.03 -0.54
C ILE A 88 -6.53 -5.48 0.03
N GLN A 89 -7.28 -6.30 0.74
CA GLN A 89 -8.58 -5.83 1.34
C GLN A 89 -8.31 -5.22 2.72
N VAL A 90 -8.90 -4.08 3.01
CA VAL A 90 -8.67 -3.42 4.35
C VAL A 90 -10.00 -3.11 5.02
N ILE A 91 -10.15 -3.52 6.27
CA ILE A 91 -11.41 -3.24 7.04
C ILE A 91 -11.05 -2.33 8.23
N VAL A 92 -11.89 -1.36 8.52
CA VAL A 92 -11.60 -0.43 9.66
C VAL A 92 -12.89 -0.15 10.43
N TYR A 1 15.02 -7.44 -9.12
CA TYR A 1 13.79 -8.22 -9.46
C TYR A 1 12.60 -7.71 -8.63
N VAL A 2 11.51 -8.46 -8.61
CA VAL A 2 10.29 -8.05 -7.84
C VAL A 2 9.62 -9.29 -7.23
N MET A 3 9.70 -9.44 -5.92
CA MET A 3 9.06 -10.63 -5.24
C MET A 3 8.06 -10.16 -4.18
N PHE A 4 6.79 -10.47 -4.37
CA PHE A 4 5.73 -10.06 -3.40
C PHE A 4 5.79 -10.92 -2.12
N LYS A 5 6.16 -10.32 -1.01
CA LYS A 5 6.26 -11.07 0.28
C LYS A 5 5.45 -10.39 1.40
N ASN A 6 5.20 -11.15 2.47
CA ASN A 6 4.43 -10.67 3.69
C ASN A 6 3.34 -9.63 3.36
N ALA A 7 2.26 -10.07 2.75
CA ALA A 7 1.16 -9.13 2.38
C ALA A 7 -0.22 -9.75 2.70
N PRO A 8 -0.66 -9.67 3.97
CA PRO A 8 -2.00 -10.22 4.34
C PRO A 8 -3.07 -9.39 3.65
N THR A 9 -3.64 -9.91 2.58
CA THR A 9 -4.66 -9.14 1.79
C THR A 9 -5.86 -8.68 2.67
N PRO A 10 -6.71 -9.57 3.22
CA PRO A 10 -7.83 -9.08 4.08
C PRO A 10 -7.31 -8.62 5.47
N GLN A 11 -6.96 -7.36 5.63
CA GLN A 11 -6.49 -6.87 6.98
C GLN A 11 -7.63 -6.16 7.72
N GLU A 12 -7.39 -5.73 8.94
CA GLU A 12 -8.46 -5.03 9.74
C GLU A 12 -7.86 -4.21 10.89
N PHE A 13 -8.13 -2.92 10.92
CA PHE A 13 -7.61 -2.05 12.03
C PHE A 13 -8.78 -1.42 12.80
N LYS A 14 -8.49 -0.48 13.68
CA LYS A 14 -9.56 0.18 14.50
C LYS A 14 -9.87 1.60 13.99
N GLU A 15 -11.14 1.95 13.95
CA GLU A 15 -11.57 3.31 13.48
C GLU A 15 -10.94 4.42 14.35
N GLY A 16 -10.14 5.27 13.75
CA GLY A 16 -9.47 6.38 14.49
C GLY A 16 -8.14 5.89 15.09
N GLU A 17 -7.53 4.85 14.53
CA GLU A 17 -6.24 4.34 15.07
C GLU A 17 -5.11 4.53 14.04
N ASP A 18 -3.86 4.43 14.47
CA ASP A 18 -2.72 4.56 13.51
C ASP A 18 -2.53 3.20 12.84
N ALA A 19 -3.07 3.04 11.64
CA ALA A 19 -2.97 1.72 10.94
C ALA A 19 -1.87 1.71 9.89
N VAL A 20 -1.54 0.54 9.39
CA VAL A 20 -0.52 0.38 8.32
C VAL A 20 -1.01 -0.72 7.39
N ILE A 21 -0.82 -0.57 6.10
CA ILE A 21 -1.26 -1.65 5.17
C ILE A 21 -0.04 -2.49 4.90
N VAL A 22 -0.06 -3.73 5.39
CA VAL A 22 1.12 -4.64 5.25
C VAL A 22 1.22 -5.17 3.81
N CYS A 23 2.31 -4.88 3.16
CA CYS A 23 2.53 -5.35 1.76
C CYS A 23 4.03 -5.29 1.45
N ASP A 24 4.74 -6.38 1.66
CA ASP A 24 6.21 -6.39 1.39
C ASP A 24 6.47 -6.84 -0.04
N VAL A 25 7.42 -6.22 -0.70
CA VAL A 25 7.75 -6.60 -2.12
C VAL A 25 9.24 -6.38 -2.34
N VAL A 26 9.96 -7.41 -2.72
CA VAL A 26 11.44 -7.26 -2.96
C VAL A 26 11.62 -6.69 -4.36
N SER A 27 11.47 -5.39 -4.49
CA SER A 27 11.67 -4.74 -5.81
C SER A 27 13.15 -4.39 -5.95
N SER A 28 13.64 -4.29 -7.17
CA SER A 28 15.12 -3.96 -7.41
C SER A 28 15.63 -2.84 -6.47
N LEU A 29 15.43 -1.56 -6.81
CA LEU A 29 15.90 -0.46 -5.90
C LEU A 29 15.29 0.92 -6.31
N PRO A 30 15.56 1.45 -7.51
CA PRO A 30 14.98 2.77 -7.89
C PRO A 30 13.42 2.77 -7.89
N PRO A 31 12.76 1.84 -8.60
CA PRO A 31 11.27 1.82 -8.63
C PRO A 31 10.68 1.55 -7.24
N THR A 32 9.37 1.28 -7.15
CA THR A 32 8.72 1.00 -5.81
C THR A 32 7.27 0.50 -6.03
N ILE A 33 6.46 0.52 -4.98
CA ILE A 33 5.04 0.08 -5.09
C ILE A 33 4.12 1.31 -5.14
N ILE A 34 3.01 1.22 -5.84
CA ILE A 34 2.04 2.36 -5.91
C ILE A 34 0.74 1.93 -5.24
N TRP A 35 0.33 2.64 -4.21
CA TRP A 35 -0.95 2.28 -3.51
C TRP A 35 -2.13 2.88 -4.28
N LYS A 36 -2.87 2.06 -5.01
CA LYS A 36 -4.01 2.58 -5.83
C LYS A 36 -5.36 1.98 -5.38
N HIS A 37 -6.39 2.12 -6.19
CA HIS A 37 -7.77 1.58 -5.87
C HIS A 37 -8.29 2.13 -4.53
N LYS A 38 -8.39 3.43 -4.43
CA LYS A 38 -8.90 4.07 -3.16
C LYS A 38 -9.23 5.54 -3.44
N GLY A 39 -8.32 6.24 -4.07
CA GLY A 39 -8.54 7.69 -4.40
C GLY A 39 -7.61 8.07 -5.56
N ARG A 40 -7.53 7.22 -6.57
CA ARG A 40 -6.65 7.47 -7.76
C ARG A 40 -5.19 7.69 -7.32
N ASP A 41 -4.50 6.60 -6.96
CA ASP A 41 -3.05 6.68 -6.50
C ASP A 41 -2.91 7.61 -5.28
N VAL A 42 -2.73 7.04 -4.11
CA VAL A 42 -2.59 7.89 -2.86
C VAL A 42 -1.26 8.69 -2.90
N ILE A 43 -0.26 8.16 -3.57
CA ILE A 43 1.08 8.87 -3.66
C ILE A 43 0.96 10.27 -4.28
N LEU A 44 -0.13 10.57 -4.97
CA LEU A 44 -0.29 11.93 -5.58
C LEU A 44 -1.03 12.88 -4.64
N LYS A 45 -1.80 12.35 -3.69
CA LYS A 45 -2.52 13.24 -2.73
C LYS A 45 -1.72 13.34 -1.42
N LYS A 46 -1.16 12.21 -0.98
CA LYS A 46 -0.33 12.17 0.28
C LYS A 46 -1.00 12.91 1.46
N ASP A 47 -2.21 12.51 1.80
CA ASP A 47 -2.96 13.16 2.95
C ASP A 47 -2.07 13.26 4.21
N VAL A 48 -2.43 14.12 5.14
CA VAL A 48 -1.61 14.30 6.41
C VAL A 48 -1.43 12.98 7.17
N ARG A 49 -2.29 12.01 6.95
CA ARG A 49 -2.17 10.71 7.69
C ARG A 49 -1.63 9.57 6.80
N PHE A 50 -1.36 9.82 5.53
CA PHE A 50 -0.80 8.73 4.66
C PHE A 50 0.72 8.84 4.57
N ILE A 51 1.42 7.92 5.21
CA ILE A 51 2.92 7.94 5.18
C ILE A 51 3.42 6.54 4.77
N VAL A 52 3.87 6.40 3.54
CA VAL A 52 4.38 5.06 3.08
C VAL A 52 5.74 4.80 3.72
N LEU A 53 5.91 3.66 4.36
CA LEU A 53 7.21 3.34 5.05
C LEU A 53 8.27 2.84 4.06
N SER A 54 9.52 2.81 4.50
CA SER A 54 10.65 2.33 3.62
C SER A 54 10.44 0.87 3.19
N ASN A 55 9.62 0.11 3.91
CA ASN A 55 9.37 -1.31 3.54
C ASN A 55 8.13 -1.44 2.61
N ASN A 56 7.73 -0.35 1.96
CA ASN A 56 6.55 -0.37 1.00
C ASN A 56 5.21 -0.61 1.73
N TYR A 57 5.07 -0.17 2.96
CA TYR A 57 3.79 -0.33 3.71
C TYR A 57 3.03 1.01 3.68
N LEU A 58 1.77 1.05 4.06
CA LEU A 58 1.02 2.37 4.03
C LEU A 58 0.46 2.74 5.41
N GLN A 59 1.17 3.60 6.14
CA GLN A 59 0.68 4.03 7.49
C GLN A 59 -0.42 5.08 7.38
N ILE A 60 -1.67 4.67 7.54
CA ILE A 60 -2.80 5.64 7.49
C ILE A 60 -3.11 6.06 8.95
N ARG A 61 -2.70 7.25 9.33
CA ARG A 61 -2.94 7.72 10.75
C ARG A 61 -4.43 7.95 10.99
N GLY A 62 -5.02 7.17 11.88
CA GLY A 62 -6.46 7.32 12.20
C GLY A 62 -7.30 6.27 11.47
N ILE A 63 -6.96 5.97 10.22
CA ILE A 63 -7.71 4.95 9.38
C ILE A 63 -9.24 5.08 9.55
N LYS A 64 -9.83 6.00 8.78
CA LYS A 64 -11.31 6.26 8.87
C LYS A 64 -12.13 5.13 8.25
N LYS A 65 -13.39 5.01 8.64
CA LYS A 65 -14.29 3.94 8.05
C LYS A 65 -14.43 4.11 6.54
N THR A 66 -14.25 5.32 6.03
CA THR A 66 -14.38 5.56 4.55
C THR A 66 -13.12 5.11 3.79
N ASP A 67 -12.00 4.87 4.48
CA ASP A 67 -10.76 4.45 3.77
C ASP A 67 -10.73 2.92 3.59
N GLU A 68 -11.37 2.17 4.49
CA GLU A 68 -11.36 0.67 4.39
C GLU A 68 -12.02 0.20 3.07
N GLY A 69 -11.46 -0.80 2.45
CA GLY A 69 -12.02 -1.33 1.17
C GLY A 69 -11.01 -2.27 0.52
N THR A 70 -10.34 -1.83 -0.53
CA THR A 70 -9.32 -2.68 -1.21
C THR A 70 -8.18 -1.83 -1.75
N TYR A 71 -7.06 -1.83 -1.06
CA TYR A 71 -5.88 -1.03 -1.54
C TYR A 71 -5.11 -1.87 -2.57
N ARG A 72 -4.72 -1.27 -3.67
CA ARG A 72 -3.98 -2.02 -4.72
C ARG A 72 -2.46 -1.87 -4.54
N CYS A 73 -1.79 -2.96 -4.25
CA CYS A 73 -0.31 -2.92 -4.08
C CYS A 73 0.33 -3.08 -5.46
N GLU A 74 0.59 -1.99 -6.15
CA GLU A 74 1.20 -2.08 -7.52
C GLU A 74 2.73 -2.00 -7.41
N GLY A 75 3.39 -3.14 -7.25
CA GLY A 75 4.88 -3.17 -7.16
C GLY A 75 5.43 -2.92 -8.56
N ARG A 76 5.66 -1.67 -8.91
CA ARG A 76 6.12 -1.36 -10.29
C ARG A 76 7.64 -1.20 -10.38
N ILE A 77 8.22 -1.97 -11.29
CA ILE A 77 9.69 -1.95 -11.56
C ILE A 77 9.90 -2.10 -13.07
N LEU A 78 9.97 -1.00 -13.78
CA LEU A 78 10.21 -1.07 -15.25
C LEU A 78 11.69 -0.81 -15.58
N ALA A 79 12.58 -1.05 -14.62
CA ALA A 79 14.04 -0.83 -14.85
C ALA A 79 14.78 -2.18 -14.88
N ARG A 80 14.27 -3.17 -14.18
CA ARG A 80 14.94 -4.51 -14.14
C ARG A 80 13.98 -5.61 -14.61
N GLY A 81 12.88 -5.78 -13.89
CA GLY A 81 11.90 -6.85 -14.24
C GLY A 81 10.72 -6.30 -15.04
N GLU A 82 9.74 -5.72 -14.37
CA GLU A 82 8.49 -5.17 -15.05
C GLU A 82 7.51 -4.59 -14.00
N ILE A 83 6.26 -4.38 -14.39
CA ILE A 83 5.22 -3.85 -13.44
C ILE A 83 4.40 -5.00 -12.83
N ASN A 84 4.27 -5.03 -11.52
CA ASN A 84 3.47 -6.12 -10.85
C ASN A 84 2.47 -5.49 -9.85
N PHE A 85 1.42 -6.21 -9.48
CA PHE A 85 0.44 -5.62 -8.52
C PHE A 85 -0.41 -6.68 -7.79
N LYS A 86 -1.17 -6.24 -6.80
CA LYS A 86 -2.06 -7.17 -6.02
C LYS A 86 -3.16 -6.35 -5.30
N ASP A 87 -4.25 -6.99 -4.93
CA ASP A 87 -5.36 -6.27 -4.22
C ASP A 87 -5.38 -6.64 -2.73
N ILE A 88 -5.22 -5.66 -1.87
CA ILE A 88 -5.23 -5.90 -0.39
C ILE A 88 -6.57 -5.41 0.17
N GLN A 89 -7.32 -6.28 0.80
CA GLN A 89 -8.65 -5.89 1.38
C GLN A 89 -8.44 -5.31 2.77
N VAL A 90 -8.74 -4.05 2.97
CA VAL A 90 -8.54 -3.41 4.32
C VAL A 90 -9.90 -3.11 4.96
N ILE A 91 -10.05 -3.50 6.21
CA ILE A 91 -11.34 -3.24 6.95
C ILE A 91 -11.01 -2.38 8.18
N VAL A 92 -11.98 -1.66 8.71
CA VAL A 92 -11.71 -0.81 9.93
C VAL A 92 -13.04 -0.47 10.63
#